data_8PHA
#
_entry.id   8PHA
#
_cell.length_a   97.363
_cell.length_b   109.116
_cell.length_c   192.925
_cell.angle_alpha   90.000
_cell.angle_beta   90.000
_cell.angle_gamma   90.000
#
_symmetry.space_group_name_H-M   'P 21 21 21'
#
loop_
_entity.id
_entity.type
_entity.pdbx_description
1 polymer 'O-methyltransferase domain-containing protein'
2 non-polymer GLYCEROL
3 non-polymer '2-HYDROXY BUTANE-1,4-DIOL'
4 non-polymer L-ornithine
5 non-polymer 'SODIUM ION'
6 water water
#
_entity_poly.entity_id   1
_entity_poly.type   'polypeptide(L)'
_entity_poly.pdbx_seq_one_letter_code
;MNHKVHHHHHHIEGRHMTTLSPSEGKAQIRALLNLINTSAEQAIAEYDKQECDIPSLTSGEPHPMDDRLPSLELKNTLRI
LEGACAQLCVTLAPPAHTMLNYSMDVLVPSCISTVIQAGVAPLLAKHPKGLHIDVLSKETGIHPQKLATILRLLILNYCF
QEVESNVFANNRLSLTLLPETSVVDILDLKTGEMHRKATLWVYDALVDPDFGPTYDGNKSPLVYALRREGFDGSLYDYLQ
TQPGAVARFARAMLGFSVSRGLMNLLNVFPWQELAPGSTVCDLGGGNGNTSIEIAKKFPHLKVHLQDLPDTIEEAKVFWK
EEYPDAIKDSRVAFTPIDFFKQAPVPDQDIYYISQIVHNWGDEDCITLLKNIRSAMSPKSRLLINDYLASHLDKTSIANQ
HPSLPRAPYPLSPGFGRGMARTYTGDYTMLVVCNSRERSLEDFIELCSAADLKFVRVWDLAETSVTEFVPAHHHHHHSR
;
_entity_poly.pdbx_strand_id   A,B,C,D
#
# COMPACT_ATOMS: atom_id res chain seq x y z
N PRO A 22 35.67 31.79 42.68
CA PRO A 22 36.60 31.36 43.74
C PRO A 22 36.68 29.84 43.87
N SER A 23 35.54 29.20 44.09
CA SER A 23 35.48 27.75 44.21
C SER A 23 35.43 27.11 42.83
N GLU A 24 35.79 25.81 42.79
CA GLU A 24 35.75 25.09 41.54
C GLU A 24 34.32 24.91 41.04
N GLY A 25 33.36 24.76 41.95
CA GLY A 25 31.97 24.63 41.53
C GLY A 25 31.44 25.89 40.88
N LYS A 26 31.74 27.06 41.47
CA LYS A 26 31.34 28.32 40.87
C LYS A 26 32.01 28.52 39.51
N ALA A 27 33.31 28.20 39.42
CA ALA A 27 33.99 28.30 38.13
C ALA A 27 33.34 27.38 37.10
N GLN A 28 32.89 26.19 37.52
CA GLN A 28 32.26 25.29 36.56
C GLN A 28 30.90 25.80 36.12
N ILE A 29 30.11 26.37 37.05
CA ILE A 29 28.85 26.99 36.66
C ILE A 29 29.08 28.10 35.65
N ARG A 30 30.11 28.91 35.88
CA ARG A 30 30.33 30.03 34.96
C ARG A 30 30.91 29.54 33.63
N ALA A 31 31.67 28.44 33.64
CA ALA A 31 32.10 27.85 32.38
C ALA A 31 30.93 27.27 31.61
N LEU A 32 29.95 26.68 32.31
CA LEU A 32 28.73 26.21 31.65
C LEU A 32 27.98 27.39 31.03
N LEU A 33 27.89 28.49 31.77
CA LEU A 33 27.25 29.69 31.22
C LEU A 33 27.95 30.14 29.95
N ASN A 34 29.28 30.15 29.96
CA ASN A 34 30.01 30.56 28.76
C ASN A 34 29.76 29.62 27.59
N LEU A 35 29.72 28.32 27.84
CA LEU A 35 29.38 27.36 26.79
C LEU A 35 27.99 27.65 26.22
N ILE A 36 27.03 27.96 27.08
CA ILE A 36 25.68 28.28 26.62
C ILE A 36 25.68 29.54 25.76
N ASN A 37 26.36 30.60 26.23
CA ASN A 37 26.41 31.86 25.49
C ASN A 37 27.07 31.69 24.12
N THR A 38 28.26 31.09 24.10
CA THR A 38 29.00 30.96 22.84
C THR A 38 28.30 29.98 21.89
N SER A 39 27.71 28.90 22.40
CA SER A 39 27.03 27.95 21.53
CA SER A 39 27.03 27.96 21.52
C SER A 39 25.79 28.59 20.91
N ALA A 40 25.02 29.35 21.69
CA ALA A 40 23.88 30.07 21.13
C ALA A 40 24.33 31.08 20.08
N GLU A 41 25.42 31.79 20.34
CA GLU A 41 25.96 32.72 19.34
C GLU A 41 26.30 31.99 18.04
N GLN A 42 26.93 30.82 18.14
CA GLN A 42 27.30 30.10 16.93
C GLN A 42 26.07 29.52 16.21
N ALA A 43 25.05 29.11 16.97
CA ALA A 43 23.79 28.70 16.35
C ALA A 43 23.19 29.86 15.55
N ILE A 44 23.19 31.06 16.13
CA ILE A 44 22.74 32.24 15.41
C ILE A 44 23.56 32.42 14.14
N ALA A 45 24.88 32.26 14.23
CA ALA A 45 25.72 32.39 13.04
C ALA A 45 25.31 31.38 11.97
N GLU A 46 24.91 30.17 12.38
CA GLU A 46 24.47 29.18 11.41
C GLU A 46 23.18 29.64 10.72
N TYR A 47 22.30 30.32 11.46
CA TYR A 47 21.11 30.85 10.80
C TYR A 47 21.46 32.01 9.87
N ASP A 48 22.38 32.88 10.29
CA ASP A 48 22.81 33.99 9.44
C ASP A 48 23.49 33.51 8.16
N LYS A 49 24.24 32.40 8.22
CA LYS A 49 24.94 31.92 7.04
C LYS A 49 23.99 31.59 5.91
N GLN A 50 22.78 31.13 6.24
CA GLN A 50 21.76 30.87 5.23
C GLN A 50 20.81 32.04 5.07
N GLU A 51 21.20 33.22 5.58
CA GLU A 51 20.39 34.43 5.49
C GLU A 51 18.99 34.22 6.03
N CYS A 52 18.91 33.54 7.18
CA CYS A 52 17.63 33.29 7.82
C CYS A 52 17.58 33.99 9.16
N ASP A 53 16.39 34.43 9.53
CA ASP A 53 16.20 34.96 10.86
C ASP A 53 16.04 33.81 11.84
N ILE A 54 16.04 34.15 13.13
CA ILE A 54 15.81 33.17 14.18
C ILE A 54 14.44 32.53 13.99
N PRO A 55 14.31 31.22 14.11
CA PRO A 55 12.98 30.60 14.00
C PRO A 55 12.05 31.09 15.11
N SER A 56 10.75 31.03 14.83
CA SER A 56 9.71 31.46 15.76
C SER A 56 8.92 30.27 16.26
N LEU A 57 8.62 30.27 17.56
CA LEU A 57 7.82 29.22 18.16
C LEU A 57 6.33 29.54 18.15
N THR A 58 5.93 30.69 17.61
CA THR A 58 4.53 31.02 17.43
C THR A 58 4.11 31.15 15.97
N SER A 59 5.05 31.07 15.03
CA SER A 59 4.70 31.20 13.61
CA SER A 59 4.71 31.20 13.62
C SER A 59 3.97 29.95 13.12
N GLY A 60 2.98 30.17 12.27
CA GLY A 60 2.15 29.13 11.69
C GLY A 60 2.67 28.51 10.41
N GLU A 61 3.83 28.92 9.92
CA GLU A 61 4.42 28.40 8.71
C GLU A 61 5.81 27.88 8.98
N PRO A 62 6.32 26.97 8.15
CA PRO A 62 7.66 26.43 8.39
C PRO A 62 8.72 27.51 8.20
N HIS A 63 9.74 27.46 9.03
CA HIS A 63 10.95 28.20 8.80
C HIS A 63 11.65 27.60 7.58
N PRO A 64 12.36 28.42 6.79
CA PRO A 64 12.99 27.86 5.56
C PRO A 64 13.97 26.73 5.84
N MET A 65 14.56 26.65 7.03
CA MET A 65 15.52 25.58 7.32
C MET A 65 14.90 24.36 7.99
N ASP A 66 13.58 24.35 8.20
CA ASP A 66 12.94 23.23 8.87
C ASP A 66 13.07 21.92 8.08
N ASP A 67 12.94 22.00 6.75
CA ASP A 67 13.07 20.80 5.93
C ASP A 67 14.43 20.70 5.26
N ARG A 68 15.43 21.45 5.73
CA ARG A 68 16.77 21.40 5.19
C ARG A 68 17.68 20.53 6.06
N LEU A 69 18.70 19.98 5.44
CA LEU A 69 19.71 19.24 6.17
C LEU A 69 20.40 20.16 7.17
N PRO A 70 20.33 19.89 8.48
CA PRO A 70 21.05 20.75 9.43
C PRO A 70 22.55 20.65 9.21
N SER A 71 23.21 21.81 9.24
CA SER A 71 24.65 21.82 9.03
C SER A 71 25.37 21.09 10.17
N LEU A 72 26.57 20.61 9.86
CA LEU A 72 27.41 19.97 10.87
C LEU A 72 27.68 20.92 12.02
N GLU A 73 27.95 22.19 11.71
CA GLU A 73 28.24 23.18 12.75
C GLU A 73 27.04 23.38 13.68
N LEU A 74 25.83 23.39 13.11
CA LEU A 74 24.64 23.56 13.94
C LEU A 74 24.45 22.37 14.87
N LYS A 75 24.66 21.15 14.36
CA LYS A 75 24.49 19.98 15.21
C LYS A 75 25.57 19.92 16.29
N ASN A 76 26.80 20.33 15.96
CA ASN A 76 27.85 20.38 16.97
CA ASN A 76 27.85 20.38 16.97
C ASN A 76 27.50 21.36 18.08
N THR A 77 27.09 22.58 17.72
CA THR A 77 26.75 23.58 18.71
CA THR A 77 26.79 23.54 18.76
C THR A 77 25.55 23.16 19.52
N LEU A 78 24.62 22.44 18.91
CA LEU A 78 23.45 21.98 19.65
C LEU A 78 23.82 20.90 20.67
N ARG A 79 24.74 19.99 20.30
CA ARG A 79 25.29 19.06 21.29
C ARG A 79 25.80 19.83 22.51
N ILE A 80 26.62 20.84 22.26
CA ILE A 80 27.20 21.59 23.38
C ILE A 80 26.13 22.37 24.15
N LEU A 81 25.24 23.06 23.42
CA LEU A 81 24.22 23.89 24.05
C LEU A 81 23.28 23.06 24.91
N GLU A 82 22.77 21.93 24.36
CA GLU A 82 21.84 21.11 25.13
C GLU A 82 22.55 20.43 26.30
N GLY A 83 23.79 19.94 26.09
CA GLY A 83 24.52 19.34 27.18
C GLY A 83 24.80 20.33 28.31
N ALA A 84 25.13 21.56 27.96
CA ALA A 84 25.47 22.57 28.96
C ALA A 84 24.23 23.05 29.71
N CYS A 85 23.13 23.31 28.98
CA CYS A 85 21.88 23.67 29.64
C CYS A 85 21.42 22.58 30.61
N ALA A 86 21.42 21.33 30.14
CA ALA A 86 20.98 20.23 31.00
C ALA A 86 21.88 20.12 32.23
N GLN A 87 23.20 20.16 32.03
CA GLN A 87 24.11 20.02 33.17
C GLN A 87 23.96 21.17 34.14
N LEU A 88 23.76 22.39 33.64
CA LEU A 88 23.59 23.55 34.51
C LEU A 88 22.36 23.40 35.39
N CYS A 89 21.21 23.09 34.76
CA CYS A 89 19.97 22.96 35.50
C CYS A 89 20.05 21.82 36.51
N VAL A 90 20.64 20.68 36.11
CA VAL A 90 20.68 19.55 37.01
C VAL A 90 21.68 19.78 38.14
N THR A 91 22.74 20.56 37.88
CA THR A 91 23.67 20.90 38.96
C THR A 91 23.02 21.79 40.00
N LEU A 92 22.24 22.79 39.55
CA LEU A 92 21.69 23.75 40.50
C LEU A 92 20.39 23.30 41.17
N ALA A 93 19.65 22.36 40.54
CA ALA A 93 18.39 21.95 41.13
C ALA A 93 18.61 20.87 42.18
N PRO A 94 17.74 20.79 43.19
CA PRO A 94 17.77 19.65 44.12
C PRO A 94 17.59 18.35 43.35
N PRO A 95 18.29 17.29 43.74
CA PRO A 95 18.15 16.02 42.99
C PRO A 95 16.74 15.48 42.91
N ALA A 96 15.95 15.65 43.99
CA ALA A 96 14.57 15.16 43.97
C ALA A 96 13.75 15.90 42.93
N HIS A 97 14.01 17.19 42.74
CA HIS A 97 13.30 17.98 41.74
C HIS A 97 13.54 17.42 40.34
N THR A 98 14.80 17.23 39.99
CA THR A 98 15.16 16.69 38.68
C THR A 98 14.61 15.29 38.49
N MET A 99 14.77 14.43 39.50
CA MET A 99 14.32 13.05 39.34
C MET A 99 12.79 12.97 39.24
N LEU A 100 12.07 13.85 39.93
CA LEU A 100 10.63 13.89 39.78
C LEU A 100 10.25 14.25 38.34
N ASN A 101 10.92 15.27 37.78
CA ASN A 101 10.62 15.63 36.40
C ASN A 101 10.96 14.50 35.43
N TYR A 102 12.08 13.80 35.66
CA TYR A 102 12.41 12.61 34.86
C TYR A 102 11.30 11.57 34.95
N SER A 103 10.80 11.33 36.17
CA SER A 103 9.79 10.31 36.36
C SER A 103 8.52 10.63 35.59
N MET A 104 8.29 11.91 35.28
CA MET A 104 7.09 12.22 34.51
C MET A 104 7.33 12.40 33.01
N ASP A 105 8.46 11.92 32.49
CA ASP A 105 8.78 12.15 31.08
C ASP A 105 8.03 11.24 30.10
N VAL A 106 7.22 10.28 30.59
CA VAL A 106 6.39 9.44 29.72
C VAL A 106 5.22 10.24 29.12
N LEU A 107 4.86 11.34 29.79
CA LEU A 107 3.58 11.99 29.52
C LEU A 107 3.58 12.72 28.18
N VAL A 108 4.65 13.44 27.86
CA VAL A 108 4.69 14.12 26.56
C VAL A 108 4.60 13.16 25.39
N PRO A 109 5.38 12.07 25.33
CA PRO A 109 5.19 11.12 24.22
C PRO A 109 3.80 10.53 24.17
N SER A 110 3.21 10.26 25.34
CA SER A 110 1.83 9.79 25.35
C SER A 110 0.90 10.81 24.70
N CYS A 111 1.09 12.09 25.00
CA CYS A 111 0.27 13.13 24.41
C CYS A 111 0.50 13.23 22.91
N ILE A 112 1.76 13.11 22.48
CA ILE A 112 2.07 13.15 21.06
C ILE A 112 1.35 12.02 20.34
N SER A 113 1.46 10.79 20.87
CA SER A 113 0.79 9.66 20.23
C SER A 113 -0.71 9.91 20.15
N THR A 114 -1.28 10.44 21.23
CA THR A 114 -2.72 10.67 21.24
C THR A 114 -3.15 11.69 20.19
N VAL A 115 -2.41 12.80 20.06
CA VAL A 115 -2.82 13.81 19.08
C VAL A 115 -2.54 13.34 17.67
N ILE A 116 -1.56 12.45 17.48
CA ILE A 116 -1.36 11.86 16.15
C ILE A 116 -2.53 10.98 15.78
N GLN A 117 -2.92 10.06 16.67
CA GLN A 117 -4.05 9.19 16.38
C GLN A 117 -5.33 9.98 16.19
N ALA A 118 -5.48 11.10 16.92
CA ALA A 118 -6.66 11.93 16.79
C ALA A 118 -6.62 12.86 15.58
N GLY A 119 -5.47 12.97 14.91
CA GLY A 119 -5.35 13.83 13.75
C GLY A 119 -5.51 15.31 14.02
N VAL A 120 -4.97 15.81 15.14
CA VAL A 120 -5.16 17.22 15.50
C VAL A 120 -4.39 18.14 14.57
N ALA A 121 -3.13 17.82 14.27
CA ALA A 121 -2.33 18.70 13.42
C ALA A 121 -2.89 18.83 12.01
N PRO A 122 -3.31 17.76 11.32
CA PRO A 122 -3.91 17.97 9.99
C PRO A 122 -5.21 18.76 10.04
N LEU A 123 -6.02 18.50 11.08
CA LEU A 123 -7.25 19.26 11.26
C LEU A 123 -6.96 20.75 11.39
N LEU A 124 -5.97 21.10 12.23
CA LEU A 124 -5.58 22.50 12.38
C LEU A 124 -4.89 23.05 11.15
N ALA A 125 -4.29 22.19 10.32
CA ALA A 125 -3.71 22.65 9.07
CA ALA A 125 -3.71 22.65 9.07
C ALA A 125 -4.79 23.08 8.10
N LYS A 126 -5.93 22.38 8.10
CA LYS A 126 -7.04 22.79 7.23
C LYS A 126 -7.63 24.13 7.64
N HIS A 127 -7.47 24.53 8.91
CA HIS A 127 -7.99 25.80 9.42
C HIS A 127 -6.86 26.56 10.10
N PRO A 128 -5.96 27.18 9.32
CA PRO A 128 -4.71 27.71 9.89
C PRO A 128 -4.91 28.79 10.96
N LYS A 129 -6.04 29.48 10.98
CA LYS A 129 -6.26 30.51 12.01
C LYS A 129 -6.35 29.89 13.39
N GLY A 130 -6.82 28.65 13.50
CA GLY A 130 -7.04 28.04 14.79
C GLY A 130 -8.46 27.54 14.93
N LEU A 131 -8.68 26.60 15.83
CA LEU A 131 -10.00 26.03 16.05
C LEU A 131 -10.34 26.02 17.53
N HIS A 132 -11.58 26.34 17.85
CA HIS A 132 -12.03 26.28 19.22
C HIS A 132 -12.02 24.84 19.71
N ILE A 133 -11.81 24.66 21.02
CA ILE A 133 -11.68 23.32 21.58
C ILE A 133 -12.94 22.49 21.36
N ASP A 134 -14.11 23.15 21.24
CA ASP A 134 -15.35 22.39 21.06
C ASP A 134 -15.44 21.81 19.65
N VAL A 135 -14.93 22.53 18.65
CA VAL A 135 -14.86 21.99 17.29
C VAL A 135 -13.90 20.82 17.23
N LEU A 136 -12.72 20.96 17.84
CA LEU A 136 -11.76 19.86 17.89
C LEU A 136 -12.34 18.65 18.61
N SER A 137 -13.11 18.88 19.67
CA SER A 137 -13.74 17.78 20.40
C SER A 137 -14.76 17.07 19.52
N LYS A 138 -15.63 17.85 18.87
CA LYS A 138 -16.61 17.26 17.97
C LYS A 138 -15.94 16.45 16.87
N GLU A 139 -14.82 16.95 16.33
CA GLU A 139 -14.17 16.25 15.23
C GLU A 139 -13.38 15.02 15.70
N THR A 140 -12.78 15.07 16.89
CA THR A 140 -11.95 13.96 17.36
C THR A 140 -12.69 12.95 18.22
N GLY A 141 -13.89 13.29 18.69
CA GLY A 141 -14.59 12.44 19.63
C GLY A 141 -14.00 12.41 21.03
N ILE A 142 -13.10 13.35 21.36
CA ILE A 142 -12.47 13.42 22.67
C ILE A 142 -13.09 14.57 23.45
N HIS A 143 -13.39 14.32 24.73
CA HIS A 143 -13.95 15.35 25.60
C HIS A 143 -13.08 16.61 25.54
N PRO A 144 -13.67 17.80 25.39
CA PRO A 144 -12.86 19.00 25.15
C PRO A 144 -11.87 19.33 26.26
N GLN A 145 -12.24 19.12 27.53
CA GLN A 145 -11.31 19.45 28.61
C GLN A 145 -10.16 18.46 28.69
N LYS A 146 -10.41 17.20 28.33
CA LYS A 146 -9.32 16.22 28.27
C LYS A 146 -8.36 16.53 27.13
N LEU A 147 -8.93 16.82 25.95
CA LEU A 147 -8.08 17.23 24.83
C LEU A 147 -7.31 18.50 25.15
N ALA A 148 -7.94 19.44 25.89
CA ALA A 148 -7.25 20.67 26.28
C ALA A 148 -6.08 20.38 27.22
N THR A 149 -6.27 19.47 28.18
CA THR A 149 -5.16 19.06 29.05
C THR A 149 -3.99 18.50 28.22
N ILE A 150 -4.29 17.59 27.29
CA ILE A 150 -3.25 16.99 26.45
C ILE A 150 -2.52 18.08 25.66
N LEU A 151 -3.30 18.94 24.97
CA LEU A 151 -2.72 19.99 24.13
C LEU A 151 -1.87 20.96 24.93
N ARG A 152 -2.30 21.31 26.15
CA ARG A 152 -1.56 22.31 26.90
C ARG A 152 -0.25 21.74 27.41
N LEU A 153 -0.21 20.44 27.76
CA LEU A 153 1.10 19.86 28.06
C LEU A 153 2.01 19.95 26.84
N LEU A 154 1.50 19.65 25.65
CA LEU A 154 2.34 19.79 24.46
C LEU A 154 2.77 21.23 24.24
N ILE A 155 1.84 22.17 24.42
CA ILE A 155 2.07 23.58 24.11
C ILE A 155 3.11 24.19 25.04
N LEU A 156 3.04 23.83 26.32
CA LEU A 156 4.09 24.25 27.26
C LEU A 156 5.46 23.79 26.79
N ASN A 157 5.51 22.68 26.04
CA ASN A 157 6.72 22.21 25.41
C ASN A 157 6.87 22.63 23.95
N TYR A 158 6.18 23.71 23.54
CA TYR A 158 6.40 24.38 22.26
C TYR A 158 5.94 23.55 21.07
N CYS A 159 4.96 22.67 21.29
CA CYS A 159 4.33 21.91 20.23
C CYS A 159 2.84 22.27 20.22
N PHE A 160 2.37 22.82 19.10
CA PHE A 160 1.08 23.52 19.01
C PHE A 160 1.13 24.83 19.78
N GLN A 161 0.04 25.58 19.74
CA GLN A 161 -0.05 26.81 20.52
C GLN A 161 -1.51 27.12 20.78
N GLU A 162 -1.75 27.89 21.84
CA GLU A 162 -3.06 28.40 22.18
C GLU A 162 -3.09 29.86 21.76
N VAL A 163 -3.80 30.17 20.67
CA VAL A 163 -3.79 31.53 20.15
C VAL A 163 -4.75 32.43 20.93
N GLU A 164 -5.89 31.88 21.34
CA GLU A 164 -6.81 32.53 22.26
C GLU A 164 -7.27 31.46 23.24
N SER A 165 -7.88 31.91 24.33
CA SER A 165 -8.36 30.96 25.34
C SER A 165 -9.22 29.87 24.70
N ASN A 166 -8.78 28.62 24.82
CA ASN A 166 -9.47 27.46 24.26
C ASN A 166 -9.55 27.47 22.74
N VAL A 167 -8.69 28.23 22.07
CA VAL A 167 -8.57 28.22 20.62
C VAL A 167 -7.14 27.85 20.28
N PHE A 168 -6.94 26.71 19.62
CA PHE A 168 -5.61 26.14 19.41
C PHE A 168 -5.25 26.17 17.93
N ALA A 169 -3.94 26.19 17.66
CA ALA A 169 -3.42 26.27 16.31
C ALA A 169 -2.08 25.54 16.23
N ASN A 170 -1.66 25.24 15.00
CA ASN A 170 -0.37 24.60 14.80
C ASN A 170 0.76 25.60 15.07
N ASN A 171 1.94 25.06 15.38
CA ASN A 171 3.16 25.85 15.33
C ASN A 171 4.20 25.01 14.60
N ARG A 172 5.46 25.46 14.58
CA ARG A 172 6.43 24.79 13.73
C ARG A 172 6.77 23.40 14.25
N LEU A 173 6.62 23.14 15.55
CA LEU A 173 6.87 21.79 16.01
C LEU A 173 5.69 20.86 15.70
N SER A 174 4.44 21.34 15.84
CA SER A 174 3.32 20.46 15.51
C SER A 174 3.21 20.21 14.01
N LEU A 175 3.79 21.08 13.17
CA LEU A 175 3.82 20.82 11.74
C LEU A 175 4.61 19.57 11.39
N THR A 176 5.53 19.14 12.25
CA THR A 176 6.20 17.86 11.99
C THR A 176 5.24 16.69 12.04
N LEU A 177 4.03 16.88 12.55
CA LEU A 177 3.04 15.83 12.70
C LEU A 177 2.10 15.74 11.49
N LEU A 178 2.35 16.52 10.44
CA LEU A 178 1.52 16.45 9.25
C LEU A 178 1.85 15.20 8.44
N PRO A 179 0.85 14.61 7.78
CA PRO A 179 1.06 13.32 7.10
C PRO A 179 2.13 13.34 6.03
N GLU A 180 2.47 14.49 5.47
CA GLU A 180 3.42 14.52 4.37
C GLU A 180 4.87 14.58 4.82
N THR A 181 5.13 14.85 6.09
CA THR A 181 6.50 15.11 6.50
C THR A 181 7.31 13.82 6.56
N SER A 182 8.63 14.00 6.56
CA SER A 182 9.54 12.87 6.69
C SER A 182 9.84 12.53 8.14
N VAL A 183 9.04 13.04 9.07
CA VAL A 183 9.25 12.72 10.48
C VAL A 183 8.02 12.21 11.16
N VAL A 184 6.82 12.40 10.59
CA VAL A 184 5.62 11.99 11.30
C VAL A 184 5.57 10.49 11.52
N ASP A 185 6.09 9.69 10.58
CA ASP A 185 6.03 8.24 10.73
C ASP A 185 6.93 7.74 11.85
N ILE A 186 8.15 8.30 11.98
CA ILE A 186 9.01 7.84 13.06
C ILE A 186 8.48 8.32 14.41
N LEU A 187 7.90 9.51 14.47
CA LEU A 187 7.29 9.99 15.71
C LEU A 187 6.08 9.13 16.11
N ASP A 188 5.24 8.80 15.13
CA ASP A 188 4.11 7.90 15.35
C ASP A 188 4.58 6.55 15.89
N LEU A 189 5.61 5.97 15.26
CA LEU A 189 6.13 4.68 15.69
C LEU A 189 6.71 4.75 17.10
N LYS A 190 7.58 5.74 17.35
CA LYS A 190 8.30 5.81 18.63
C LYS A 190 7.38 6.13 19.79
N THR A 191 6.29 6.87 19.57
CA THR A 191 5.35 7.14 20.66
C THR A 191 4.17 6.18 20.70
N GLY A 192 4.06 5.28 19.71
CA GLY A 192 2.85 4.52 19.52
C GLY A 192 2.70 3.32 20.44
N GLU A 193 1.60 2.61 20.24
CA GLU A 193 1.19 1.53 21.13
C GLU A 193 2.22 0.41 21.20
N MET A 194 2.80 0.06 20.05
CA MET A 194 3.80 -1.01 20.05
C MET A 194 5.02 -0.62 20.88
N HIS A 195 5.52 0.61 20.70
CA HIS A 195 6.66 1.08 21.50
C HIS A 195 6.30 1.19 22.98
N ARG A 196 5.06 1.57 23.30
CA ARG A 196 4.66 1.60 24.71
C ARG A 196 4.69 0.20 25.30
N LYS A 197 4.26 -0.80 24.52
CA LYS A 197 4.36 -2.19 24.97
C LYS A 197 5.81 -2.61 25.16
N ALA A 198 6.74 -2.06 24.38
CA ALA A 198 8.15 -2.42 24.54
C ALA A 198 8.73 -2.01 25.88
N THR A 199 8.24 -0.92 26.49
CA THR A 199 8.74 -0.51 27.79
C THR A 199 7.79 -0.89 28.93
N LEU A 200 6.82 -1.76 28.68
CA LEU A 200 5.83 -2.05 29.71
C LEU A 200 6.41 -2.95 30.80
N TRP A 201 7.20 -3.96 30.43
CA TRP A 201 7.63 -4.98 31.38
C TRP A 201 9.11 -5.29 31.22
N VAL A 202 9.93 -4.23 31.07
CA VAL A 202 11.34 -4.44 30.75
C VAL A 202 12.05 -5.25 31.84
N TYR A 203 11.86 -4.86 33.09
CA TYR A 203 12.51 -5.59 34.19
C TYR A 203 12.14 -7.07 34.16
N ASP A 204 10.85 -7.37 34.05
CA ASP A 204 10.39 -8.75 34.05
C ASP A 204 11.02 -9.53 32.91
N ALA A 205 11.10 -8.91 31.72
CA ALA A 205 11.73 -9.59 30.59
C ALA A 205 13.21 -9.84 30.87
N LEU A 206 13.87 -8.90 31.53
CA LEU A 206 15.32 -9.00 31.70
C LEU A 206 15.69 -10.05 32.73
N VAL A 207 14.84 -10.28 33.74
CA VAL A 207 15.15 -11.31 34.73
C VAL A 207 14.51 -12.66 34.41
N ASP A 208 13.72 -12.74 33.34
CA ASP A 208 13.14 -14.02 32.94
C ASP A 208 14.24 -14.92 32.38
N PRO A 209 14.28 -16.20 32.78
CA PRO A 209 15.39 -17.07 32.35
C PRO A 209 15.38 -17.42 30.88
N ASP A 210 14.30 -17.16 30.15
CA ASP A 210 14.21 -17.37 28.72
C ASP A 210 14.44 -16.08 27.92
N PHE A 211 13.85 -14.97 28.37
CA PHE A 211 14.00 -13.69 27.67
C PHE A 211 15.25 -12.93 28.11
N GLY A 212 15.74 -13.14 29.32
CA GLY A 212 16.83 -12.37 29.85
C GLY A 212 18.22 -12.60 29.25
N PRO A 213 18.66 -13.86 29.14
CA PRO A 213 20.09 -14.12 28.89
C PRO A 213 20.58 -13.89 27.47
N THR A 214 19.72 -13.82 26.45
CA THR A 214 20.21 -13.76 25.07
C THR A 214 19.67 -12.53 24.36
N TYR A 215 20.28 -12.23 23.22
CA TYR A 215 19.83 -11.18 22.31
C TYR A 215 19.04 -11.73 21.13
N ASP A 216 18.36 -12.86 21.30
CA ASP A 216 17.60 -13.45 20.20
C ASP A 216 16.44 -12.54 19.80
N GLY A 217 16.17 -12.49 18.49
CA GLY A 217 15.18 -11.55 17.99
C GLY A 217 13.79 -11.77 18.56
N ASN A 218 13.46 -13.00 18.92
CA ASN A 218 12.15 -13.31 19.47
C ASN A 218 12.12 -13.24 20.99
N LYS A 219 13.09 -12.58 21.62
CA LYS A 219 13.18 -12.52 23.06
C LYS A 219 13.32 -11.08 23.57
N SER A 220 12.86 -10.12 22.79
CA SER A 220 12.90 -8.72 23.19
C SER A 220 11.84 -8.42 24.24
N PRO A 221 12.02 -7.33 25.01
CA PRO A 221 10.95 -6.88 25.92
C PRO A 221 9.64 -6.62 25.22
N LEU A 222 9.67 -6.17 23.96
CA LEU A 222 8.44 -6.01 23.21
C LEU A 222 7.76 -7.37 23.01
N VAL A 223 8.50 -8.37 22.57
CA VAL A 223 7.90 -9.70 22.42
C VAL A 223 7.44 -10.24 23.77
N TYR A 224 8.18 -9.95 24.84
CA TYR A 224 7.75 -10.37 26.17
C TYR A 224 6.35 -9.82 26.48
N ALA A 225 6.12 -8.55 26.18
CA ALA A 225 4.79 -7.97 26.38
C ALA A 225 3.75 -8.58 25.44
N LEU A 226 4.15 -8.82 24.17
CA LEU A 226 3.22 -9.37 23.18
C LEU A 226 2.81 -10.80 23.50
N ARG A 227 3.61 -11.51 24.29
CA ARG A 227 3.18 -12.84 24.72
C ARG A 227 1.85 -12.78 25.45
N ARG A 228 1.59 -11.68 26.17
CA ARG A 228 0.33 -11.54 26.90
C ARG A 228 -0.86 -11.31 25.98
N GLU A 229 -0.63 -11.11 24.68
CA GLU A 229 -1.70 -11.13 23.68
C GLU A 229 -1.78 -12.45 22.93
N GLY A 230 -0.98 -13.44 23.30
CA GLY A 230 -0.97 -14.70 22.56
C GLY A 230 -0.03 -14.73 21.39
N PHE A 231 0.74 -13.67 21.15
CA PHE A 231 1.69 -13.64 20.07
C PHE A 231 3.03 -14.26 20.50
N ASP A 232 3.71 -14.87 19.54
CA ASP A 232 5.08 -15.32 19.73
C ASP A 232 5.79 -15.28 18.39
N GLY A 233 6.97 -14.70 18.36
CA GLY A 233 7.72 -14.56 17.12
C GLY A 233 8.61 -13.34 17.21
N SER A 234 9.11 -12.93 16.06
CA SER A 234 9.99 -11.76 15.99
C SER A 234 9.17 -10.52 15.69
N LEU A 235 9.85 -9.37 15.74
CA LEU A 235 9.19 -8.11 15.38
C LEU A 235 8.64 -8.16 13.96
N TYR A 236 9.39 -8.76 13.03
CA TYR A 236 8.96 -8.87 11.63
C TYR A 236 7.65 -9.65 11.52
N ASP A 237 7.55 -10.79 12.21
CA ASP A 237 6.30 -11.54 12.25
C ASP A 237 5.18 -10.66 12.78
N TYR A 238 5.42 -9.97 13.90
CA TYR A 238 4.36 -9.15 14.47
C TYR A 238 3.89 -8.09 13.49
N LEU A 239 4.83 -7.37 12.87
CA LEU A 239 4.45 -6.34 11.92
C LEU A 239 3.61 -6.91 10.79
N GLN A 240 3.92 -8.12 10.35
CA GLN A 240 3.09 -8.71 9.30
C GLN A 240 1.72 -9.13 9.81
N THR A 241 1.54 -9.30 11.13
CA THR A 241 0.17 -9.53 11.59
C THR A 241 -0.67 -8.25 11.65
N GLN A 242 -0.06 -7.07 11.54
CA GLN A 242 -0.79 -5.81 11.65
C GLN A 242 -0.97 -5.17 10.28
N PRO A 243 -2.18 -4.74 9.94
CA PRO A 243 -2.43 -4.19 8.60
C PRO A 243 -1.69 -2.87 8.40
N GLY A 244 -0.88 -2.82 7.34
CA GLY A 244 -0.12 -1.63 7.03
C GLY A 244 1.01 -1.30 7.98
N ALA A 245 1.46 -2.27 8.78
CA ALA A 245 2.53 -1.97 9.71
C ALA A 245 3.91 -2.10 9.07
N VAL A 246 4.08 -3.01 8.11
CA VAL A 246 5.38 -3.17 7.47
C VAL A 246 5.75 -1.90 6.69
N ALA A 247 4.80 -1.38 5.92
CA ALA A 247 5.05 -0.15 5.16
C ALA A 247 5.29 1.03 6.08
N ARG A 248 4.49 1.14 7.15
CA ARG A 248 4.70 2.23 8.09
C ARG A 248 6.07 2.13 8.74
N PHE A 249 6.52 0.91 9.04
CA PHE A 249 7.85 0.73 9.63
C PHE A 249 8.96 1.15 8.65
N ALA A 250 8.82 0.78 7.37
CA ALA A 250 9.81 1.19 6.39
C ALA A 250 9.85 2.70 6.23
N ARG A 251 8.68 3.33 6.11
CA ARG A 251 8.63 4.79 6.06
C ARG A 251 9.28 5.39 7.31
N ALA A 252 9.02 4.78 8.48
CA ALA A 252 9.55 5.33 9.72
C ALA A 252 11.07 5.23 9.74
N MET A 253 11.65 4.14 9.23
CA MET A 253 13.11 4.04 9.22
C MET A 253 13.73 5.07 8.28
N LEU A 254 13.14 5.24 7.10
CA LEU A 254 13.63 6.28 6.20
C LEU A 254 13.55 7.66 6.87
N GLY A 255 12.41 7.96 7.50
CA GLY A 255 12.25 9.24 8.14
C GLY A 255 13.14 9.44 9.34
N PHE A 256 13.44 8.38 10.08
CA PHE A 256 14.39 8.47 11.18
C PHE A 256 15.76 8.86 10.64
N SER A 257 16.14 8.29 9.49
CA SER A 257 17.42 8.66 8.89
C SER A 257 17.42 10.12 8.45
N VAL A 258 16.36 10.55 7.77
CA VAL A 258 16.29 11.92 7.25
C VAL A 258 16.25 12.93 8.38
N SER A 259 15.46 12.68 9.41
CA SER A 259 15.27 13.62 10.51
C SER A 259 16.48 13.73 11.44
N ARG A 260 17.43 12.79 11.37
CA ARG A 260 18.66 12.87 12.13
C ARG A 260 19.79 13.49 11.33
N GLY A 261 19.52 13.92 10.10
CA GLY A 261 20.55 14.52 9.27
C GLY A 261 21.71 13.58 8.95
N LEU A 262 21.42 12.30 8.74
CA LEU A 262 22.50 11.37 8.41
C LEU A 262 23.16 11.68 7.07
N MET A 263 22.47 12.42 6.19
CA MET A 263 23.07 12.78 4.91
CA MET A 263 23.05 12.79 4.91
C MET A 263 24.24 13.73 5.06
N ASN A 264 24.52 14.21 6.27
CA ASN A 264 25.77 14.92 6.51
C ASN A 264 26.98 14.03 6.29
N LEU A 265 26.77 12.73 6.10
CA LEU A 265 27.81 11.87 5.53
C LEU A 265 28.47 12.56 4.33
N LEU A 266 27.65 13.10 3.43
CA LEU A 266 28.15 13.78 2.23
C LEU A 266 29.11 14.91 2.55
N ASN A 267 28.97 15.52 3.72
CA ASN A 267 29.76 16.67 4.08
C ASN A 267 30.92 16.34 5.01
N VAL A 268 31.00 15.13 5.55
CA VAL A 268 32.01 14.81 6.56
C VAL A 268 33.10 13.94 5.99
N PHE A 269 32.76 12.78 5.45
CA PHE A 269 33.77 11.96 4.82
C PHE A 269 34.24 12.68 3.56
N PRO A 270 35.55 12.78 3.31
CA PRO A 270 36.04 13.60 2.18
C PRO A 270 35.93 12.89 0.83
N TRP A 271 34.70 12.80 0.34
CA TRP A 271 34.46 12.18 -0.97
C TRP A 271 35.23 12.91 -2.06
N GLN A 272 35.36 14.23 -1.94
CA GLN A 272 36.07 15.01 -2.94
C GLN A 272 37.58 14.80 -2.89
N GLU A 273 38.09 14.13 -1.87
CA GLU A 273 39.51 13.82 -1.83
C GLU A 273 39.83 12.47 -2.45
N LEU A 274 38.82 11.70 -2.82
CA LEU A 274 39.02 10.50 -3.62
C LEU A 274 39.26 10.86 -5.07
N ALA A 275 40.16 10.12 -5.72
CA ALA A 275 40.46 10.37 -7.12
C ALA A 275 39.25 10.04 -8.00
N PRO A 276 39.07 10.77 -9.09
CA PRO A 276 37.99 10.45 -10.03
C PRO A 276 38.08 9.00 -10.50
N GLY A 277 36.92 8.36 -10.63
CA GLY A 277 36.84 6.95 -10.96
C GLY A 277 36.81 6.02 -9.77
N SER A 278 36.94 6.55 -8.54
CA SER A 278 36.86 5.70 -7.37
C SER A 278 35.46 5.10 -7.22
N THR A 279 35.41 3.90 -6.69
CA THR A 279 34.20 3.12 -6.59
C THR A 279 33.73 3.03 -5.16
N VAL A 280 32.42 3.16 -4.97
CA VAL A 280 31.78 3.06 -3.66
C VAL A 280 30.77 1.93 -3.74
N CYS A 281 30.99 0.91 -2.93
CA CYS A 281 30.12 -0.25 -2.84
C CYS A 281 29.18 -0.02 -1.67
N ASP A 282 27.91 0.27 -1.98
CA ASP A 282 26.88 0.48 -0.97
C ASP A 282 26.32 -0.88 -0.59
N LEU A 283 26.89 -1.48 0.46
CA LEU A 283 26.60 -2.87 0.81
C LEU A 283 25.37 -2.91 1.72
N GLY A 284 24.32 -3.58 1.24
CA GLY A 284 23.07 -3.62 1.99
C GLY A 284 22.34 -2.29 2.01
N GLY A 285 22.52 -1.48 0.97
CA GLY A 285 21.95 -0.15 0.89
C GLY A 285 20.53 -0.05 0.40
N GLY A 286 19.80 -1.15 0.31
CA GLY A 286 18.39 -1.07 -0.07
C GLY A 286 18.20 -0.52 -1.47
N ASN A 287 17.38 0.52 -1.59
CA ASN A 287 17.22 1.20 -2.88
C ASN A 287 18.45 2.02 -3.25
N GLY A 288 19.41 2.18 -2.36
CA GLY A 288 20.51 3.07 -2.61
C GLY A 288 20.20 4.53 -2.32
N ASN A 289 19.35 4.80 -1.32
CA ASN A 289 18.98 6.16 -0.98
C ASN A 289 20.19 7.01 -0.59
N THR A 290 21.20 6.38 0.02
CA THR A 290 22.41 7.11 0.36
C THR A 290 23.35 7.22 -0.84
N SER A 291 23.56 6.12 -1.54
CA SER A 291 24.55 6.14 -2.61
C SER A 291 24.09 6.97 -3.80
N ILE A 292 22.78 7.13 -4.00
CA ILE A 292 22.30 7.98 -5.09
C ILE A 292 22.62 9.44 -4.79
N GLU A 293 22.53 9.85 -3.52
CA GLU A 293 22.93 11.20 -3.16
C GLU A 293 24.43 11.39 -3.28
N ILE A 294 25.20 10.37 -2.91
CA ILE A 294 26.65 10.44 -3.13
C ILE A 294 26.96 10.61 -4.61
N ALA A 295 26.30 9.82 -5.45
CA ALA A 295 26.56 9.86 -6.89
C ALA A 295 26.16 11.21 -7.50
N LYS A 296 25.07 11.82 -7.00
CA LYS A 296 24.67 13.13 -7.50
C LYS A 296 25.62 14.22 -7.03
N LYS A 297 26.04 14.20 -5.76
CA LYS A 297 26.90 15.27 -5.28
C LYS A 297 28.31 15.15 -5.82
N PHE A 298 28.73 13.93 -6.12
CA PHE A 298 30.12 13.65 -6.49
C PHE A 298 30.13 12.82 -7.77
N PRO A 299 29.98 13.46 -8.93
CA PRO A 299 29.92 12.70 -10.20
C PRO A 299 31.20 11.98 -10.53
N HIS A 300 32.31 12.27 -9.86
CA HIS A 300 33.55 11.57 -10.15
C HIS A 300 33.57 10.16 -9.57
N LEU A 301 32.54 9.77 -8.82
CA LEU A 301 32.50 8.48 -8.17
C LEU A 301 31.60 7.52 -8.92
N LYS A 302 31.91 6.24 -8.83
CA LYS A 302 31.06 5.18 -9.34
C LYS A 302 30.50 4.43 -8.14
N VAL A 303 29.23 4.03 -8.24
CA VAL A 303 28.52 3.39 -7.15
C VAL A 303 28.20 1.96 -7.57
N HIS A 304 28.38 1.02 -6.63
CA HIS A 304 27.97 -0.36 -6.83
C HIS A 304 27.05 -0.72 -5.66
N LEU A 305 25.78 -0.92 -5.97
CA LEU A 305 24.76 -1.23 -4.97
C LEU A 305 24.56 -2.75 -4.91
N GLN A 306 24.59 -3.30 -3.70
CA GLN A 306 24.42 -4.74 -3.50
C GLN A 306 23.41 -4.96 -2.37
N ASP A 307 22.39 -5.77 -2.64
CA ASP A 307 21.36 -6.09 -1.66
C ASP A 307 20.64 -7.34 -2.18
N LEU A 308 19.52 -7.67 -1.55
CA LEU A 308 18.75 -8.84 -1.96
C LEU A 308 18.17 -8.63 -3.37
N PRO A 309 17.96 -9.72 -4.13
CA PRO A 309 17.56 -9.56 -5.54
C PRO A 309 16.30 -8.72 -5.76
N ASP A 310 15.25 -8.96 -4.97
CA ASP A 310 14.04 -8.16 -5.10
C ASP A 310 14.32 -6.70 -4.80
N THR A 311 15.09 -6.45 -3.73
CA THR A 311 15.50 -5.08 -3.40
C THR A 311 16.32 -4.48 -4.53
N ILE A 312 17.16 -5.28 -5.19
CA ILE A 312 17.98 -4.74 -6.27
C ILE A 312 17.11 -4.35 -7.46
N GLU A 313 16.08 -5.13 -7.78
CA GLU A 313 15.18 -4.74 -8.87
C GLU A 313 14.41 -3.46 -8.52
N GLU A 314 13.90 -3.39 -7.29
CA GLU A 314 13.27 -2.15 -6.82
C GLU A 314 14.22 -0.97 -6.92
N ALA A 315 15.50 -1.19 -6.59
CA ALA A 315 16.48 -0.12 -6.62
C ALA A 315 16.78 0.32 -8.05
N LYS A 316 16.80 -0.64 -8.99
CA LYS A 316 16.92 -0.27 -10.40
C LYS A 316 15.80 0.67 -10.80
N VAL A 317 14.56 0.34 -10.41
CA VAL A 317 13.44 1.23 -10.70
C VAL A 317 13.65 2.61 -10.07
N PHE A 318 14.10 2.62 -8.81
CA PHE A 318 14.32 3.87 -8.08
C PHE A 318 15.36 4.74 -8.78
N TRP A 319 16.46 4.15 -9.25
CA TRP A 319 17.51 4.93 -9.91
C TRP A 319 17.06 5.38 -11.29
N LYS A 320 16.26 4.57 -12.01
CA LYS A 320 15.73 5.04 -13.28
C LYS A 320 14.79 6.22 -13.08
N GLU A 321 14.07 6.26 -11.95
CA GLU A 321 13.16 7.36 -11.73
C GLU A 321 13.84 8.61 -11.18
N GLU A 322 14.92 8.45 -10.39
CA GLU A 322 15.50 9.59 -9.68
C GLU A 322 16.85 10.04 -10.20
N TYR A 323 17.64 9.16 -10.81
CA TYR A 323 18.94 9.56 -11.34
C TYR A 323 19.31 8.77 -12.59
N PRO A 324 18.54 8.88 -13.69
CA PRO A 324 18.86 8.08 -14.87
C PRO A 324 20.20 8.42 -15.50
N ASP A 325 20.73 9.63 -15.28
CA ASP A 325 22.04 9.97 -15.84
C ASP A 325 23.12 9.01 -15.35
N ALA A 326 23.04 8.57 -14.09
CA ALA A 326 24.03 7.64 -13.57
C ALA A 326 23.95 6.30 -14.28
N ILE A 327 22.76 5.90 -14.73
CA ILE A 327 22.63 4.67 -15.50
C ILE A 327 23.13 4.86 -16.92
N LYS A 328 22.81 6.00 -17.54
CA LYS A 328 23.29 6.27 -18.90
C LYS A 328 24.81 6.39 -18.93
N ASP A 329 25.40 7.05 -17.92
CA ASP A 329 26.85 7.22 -17.87
C ASP A 329 27.58 6.00 -17.34
N SER A 330 26.89 4.89 -17.07
CA SER A 330 27.52 3.68 -16.52
C SER A 330 28.28 3.97 -15.23
N ARG A 331 27.64 4.74 -14.33
CA ARG A 331 28.23 5.08 -13.05
C ARG A 331 27.62 4.31 -11.88
N VAL A 332 26.52 3.60 -12.08
CA VAL A 332 25.91 2.79 -11.04
C VAL A 332 25.77 1.36 -11.55
N ALA A 333 26.15 0.40 -10.72
CA ALA A 333 25.98 -1.02 -11.01
C ALA A 333 25.17 -1.64 -9.89
N PHE A 334 24.50 -2.75 -10.22
CA PHE A 334 23.62 -3.45 -9.29
C PHE A 334 24.03 -4.92 -9.31
N THR A 335 24.39 -5.46 -8.16
CA THR A 335 24.75 -6.88 -8.05
C THR A 335 24.04 -7.45 -6.83
N PRO A 336 23.14 -8.42 -6.98
CA PRO A 336 22.50 -9.03 -5.81
C PRO A 336 23.49 -9.76 -4.93
N ILE A 337 23.17 -9.85 -3.64
CA ILE A 337 24.07 -10.48 -2.68
C ILE A 337 23.26 -10.91 -1.46
N ASP A 338 23.71 -11.99 -0.82
CA ASP A 338 23.39 -12.31 0.58
C ASP A 338 24.70 -12.10 1.33
N PHE A 339 24.83 -10.94 2.00
CA PHE A 339 26.15 -10.56 2.50
C PHE A 339 26.60 -11.40 3.69
N PHE A 340 25.74 -12.25 4.24
CA PHE A 340 26.21 -13.25 5.19
C PHE A 340 26.74 -14.50 4.50
N LYS A 341 26.34 -14.74 3.25
CA LYS A 341 26.72 -15.94 2.53
C LYS A 341 27.78 -15.72 1.46
N GLN A 342 27.90 -14.50 0.92
CA GLN A 342 28.85 -14.24 -0.15
C GLN A 342 29.59 -12.93 0.09
N ALA A 343 30.79 -12.85 -0.48
CA ALA A 343 31.61 -11.65 -0.42
C ALA A 343 31.09 -10.62 -1.41
N PRO A 344 31.26 -9.33 -1.09
CA PRO A 344 30.84 -8.28 -2.03
C PRO A 344 31.76 -8.24 -3.23
N VAL A 345 31.47 -7.35 -4.19
CA VAL A 345 32.31 -7.26 -5.40
C VAL A 345 33.71 -6.82 -5.00
N PRO A 346 34.77 -7.30 -5.67
CA PRO A 346 36.13 -7.07 -5.18
C PRO A 346 36.76 -5.76 -5.64
N ASP A 347 37.82 -5.36 -4.94
CA ASP A 347 38.72 -4.26 -5.33
C ASP A 347 38.01 -2.93 -5.47
N GLN A 348 37.01 -2.69 -4.63
CA GLN A 348 36.36 -1.39 -4.59
C GLN A 348 37.17 -0.46 -3.69
N ASP A 349 37.11 0.85 -3.99
CA ASP A 349 37.81 1.82 -3.16
C ASP A 349 37.18 1.97 -1.77
N ILE A 350 35.85 2.04 -1.72
CA ILE A 350 35.11 2.21 -0.47
C ILE A 350 34.05 1.11 -0.40
N TYR A 351 33.96 0.43 0.73
CA TYR A 351 32.81 -0.40 1.06
C TYR A 351 32.08 0.31 2.19
N TYR A 352 30.76 0.47 2.07
CA TYR A 352 30.00 1.29 3.00
C TYR A 352 28.84 0.46 3.55
N ILE A 353 28.78 0.32 4.87
CA ILE A 353 27.66 -0.35 5.54
C ILE A 353 27.11 0.58 6.63
N SER A 354 25.80 0.77 6.63
CA SER A 354 25.16 1.73 7.53
C SER A 354 23.98 1.09 8.22
N GLN A 355 23.93 1.24 9.55
CA GLN A 355 22.82 0.74 10.36
C GLN A 355 22.56 -0.73 10.08
N ILE A 356 23.63 -1.48 9.81
CA ILE A 356 23.55 -2.92 9.67
C ILE A 356 24.10 -3.62 10.90
N VAL A 357 25.29 -3.21 11.34
CA VAL A 357 25.95 -3.89 12.46
C VAL A 357 25.09 -3.85 13.70
N HIS A 358 24.41 -2.73 13.93
CA HIS A 358 23.64 -2.65 15.17
C HIS A 358 22.40 -3.54 15.16
N ASN A 359 22.17 -4.32 14.09
CA ASN A 359 21.05 -5.24 14.03
C ASN A 359 21.42 -6.68 14.28
N TRP A 360 22.71 -7.02 14.37
CA TRP A 360 23.13 -8.40 14.42
C TRP A 360 24.12 -8.63 15.57
N GLY A 361 24.21 -9.91 15.98
CA GLY A 361 25.12 -10.29 17.04
C GLY A 361 26.56 -10.36 16.56
N ASP A 362 27.46 -10.61 17.51
CA ASP A 362 28.90 -10.55 17.22
C ASP A 362 29.30 -11.52 16.12
N GLU A 363 28.82 -12.77 16.21
CA GLU A 363 29.27 -13.81 15.28
CA GLU A 363 29.29 -13.79 15.27
C GLU A 363 28.84 -13.49 13.84
N ASP A 364 27.58 -13.07 13.67
CA ASP A 364 27.12 -12.69 12.34
C ASP A 364 27.87 -11.47 11.82
N CYS A 365 28.15 -10.50 12.70
CA CYS A 365 28.91 -9.33 12.27
C CYS A 365 30.29 -9.72 11.79
N ILE A 366 30.97 -10.59 12.53
CA ILE A 366 32.31 -11.01 12.16
C ILE A 366 32.28 -11.78 10.84
N THR A 367 31.22 -12.58 10.63
CA THR A 367 31.04 -13.24 9.34
C THR A 367 30.96 -12.22 8.20
N LEU A 368 30.09 -11.21 8.38
CA LEU A 368 29.94 -10.19 7.34
C LEU A 368 31.26 -9.45 7.10
N LEU A 369 31.98 -9.13 8.18
CA LEU A 369 33.21 -8.36 8.04
C LEU A 369 34.30 -9.18 7.36
N LYS A 370 34.37 -10.48 7.65
CA LYS A 370 35.33 -11.33 6.93
C LYS A 370 34.95 -11.46 5.46
N ASN A 371 33.65 -11.57 5.15
CA ASN A 371 33.23 -11.55 3.76
C ASN A 371 33.71 -10.28 3.06
N ILE A 372 33.56 -9.12 3.72
CA ILE A 372 34.01 -7.86 3.13
C ILE A 372 35.53 -7.84 2.97
N ARG A 373 36.25 -8.26 4.01
CA ARG A 373 37.70 -8.26 3.97
C ARG A 373 38.22 -9.10 2.81
N SER A 374 37.61 -10.26 2.57
CA SER A 374 38.07 -11.15 1.51
C SER A 374 37.96 -10.53 0.12
N ALA A 375 37.10 -9.53 -0.04
CA ALA A 375 36.95 -8.87 -1.34
C ALA A 375 37.85 -7.65 -1.51
N MET A 376 38.45 -7.16 -0.43
CA MET A 376 39.16 -5.90 -0.48
C MET A 376 40.53 -6.04 -1.14
N SER A 377 40.96 -4.96 -1.77
CA SER A 377 42.32 -4.77 -2.22
C SER A 377 43.10 -3.96 -1.19
N PRO A 378 44.42 -3.90 -1.30
CA PRO A 378 45.21 -3.11 -0.33
C PRO A 378 44.81 -1.66 -0.21
N LYS A 379 44.17 -1.06 -1.22
CA LYS A 379 43.76 0.33 -1.14
C LYS A 379 42.34 0.51 -0.63
N SER A 380 41.61 -0.57 -0.42
CA SER A 380 40.20 -0.46 -0.04
C SER A 380 40.05 0.04 1.39
N ARG A 381 38.94 0.70 1.64
CA ARG A 381 38.56 1.13 2.98
C ARG A 381 37.13 0.68 3.25
N LEU A 382 36.86 0.40 4.50
CA LEU A 382 35.53 0.05 4.98
C LEU A 382 35.03 1.18 5.87
N LEU A 383 33.85 1.70 5.55
CA LEU A 383 33.16 2.71 6.34
C LEU A 383 31.94 2.06 6.98
N ILE A 384 31.87 2.15 8.31
CA ILE A 384 30.75 1.63 9.09
C ILE A 384 30.03 2.82 9.71
N ASN A 385 28.77 3.02 9.33
CA ASN A 385 27.97 4.12 9.85
C ASN A 385 27.04 3.56 10.93
N ASP A 386 27.26 3.96 12.18
CA ASP A 386 26.44 3.53 13.31
C ASP A 386 26.80 4.40 14.51
N TYR A 387 25.92 4.41 15.50
CA TYR A 387 26.21 5.07 16.77
C TYR A 387 27.39 4.38 17.44
N LEU A 388 28.18 5.18 18.14
CA LEU A 388 29.26 4.68 19.00
C LEU A 388 28.81 4.86 20.44
N ALA A 389 28.22 3.81 21.00
CA ALA A 389 27.74 3.84 22.38
C ALA A 389 28.94 3.66 23.32
N SER A 390 29.73 4.73 23.45
CA SER A 390 30.97 4.77 24.21
C SER A 390 30.71 4.72 25.72
N HIS A 391 31.72 4.22 26.44
CA HIS A 391 31.65 4.24 27.88
C HIS A 391 31.79 5.68 28.38
N LEU A 392 31.23 5.92 29.57
CA LEU A 392 31.03 7.27 30.09
C LEU A 392 31.94 7.57 31.27
N ASP A 393 32.96 6.75 31.49
CA ASP A 393 33.89 7.04 32.57
C ASP A 393 34.94 8.04 32.09
N LYS A 394 35.56 8.73 33.05
CA LYS A 394 36.50 9.79 32.70
C LYS A 394 37.73 9.27 31.99
N THR A 395 38.18 8.06 32.32
CA THR A 395 39.40 7.53 31.72
C THR A 395 39.18 7.20 30.24
N SER A 396 38.08 6.52 29.93
CA SER A 396 37.78 6.20 28.54
C SER A 396 37.63 7.48 27.72
N ILE A 397 37.00 8.51 28.29
CA ILE A 397 36.79 9.73 27.53
C ILE A 397 38.10 10.50 27.36
N ALA A 398 38.92 10.56 28.42
CA ALA A 398 40.18 11.29 28.33
C ALA A 398 41.10 10.68 27.29
N ASN A 399 41.05 9.36 27.10
CA ASN A 399 42.01 8.68 26.23
C ASN A 399 41.37 8.18 24.93
N GLN A 400 40.21 8.71 24.57
CA GLN A 400 39.55 8.31 23.34
C GLN A 400 40.40 8.72 22.13
N HIS A 401 40.12 8.08 21.01
CA HIS A 401 40.86 8.37 19.79
C HIS A 401 40.75 9.86 19.44
N PRO A 402 41.83 10.49 18.97
CA PRO A 402 41.77 11.92 18.70
C PRO A 402 40.76 12.32 17.62
N SER A 403 40.35 11.39 16.75
CA SER A 403 39.39 11.76 15.71
C SER A 403 37.98 11.94 16.27
N LEU A 404 37.72 11.50 17.50
CA LEU A 404 36.42 11.67 18.13
C LEU A 404 36.23 13.10 18.59
N PRO A 405 34.99 13.62 18.52
CA PRO A 405 34.73 14.94 19.08
C PRO A 405 34.90 14.91 20.59
N ARG A 406 35.46 15.99 21.13
CA ARG A 406 35.69 16.11 22.57
C ARG A 406 34.79 17.19 23.13
N ALA A 407 34.03 16.85 24.16
CA ALA A 407 33.14 17.83 24.78
C ALA A 407 33.98 18.81 25.60
N PRO A 408 33.75 20.11 25.46
CA PRO A 408 34.59 21.08 26.17
C PRO A 408 34.29 21.09 27.66
N TYR A 409 35.28 21.54 28.41
CA TYR A 409 35.13 21.71 29.84
C TYR A 409 33.97 22.67 30.15
N PRO A 410 33.14 22.37 31.14
CA PRO A 410 33.19 21.21 32.05
C PRO A 410 32.12 20.16 31.74
N LEU A 411 31.72 19.97 30.47
CA LEU A 411 30.69 18.98 30.16
C LEU A 411 31.13 17.58 30.55
N SER A 412 30.23 16.85 31.22
CA SER A 412 30.53 15.49 31.63
C SER A 412 29.24 14.76 31.87
N PRO A 413 29.12 13.49 31.47
CA PRO A 413 30.10 12.67 30.74
C PRO A 413 30.00 12.93 29.25
N GLY A 414 31.12 13.23 28.59
CA GLY A 414 31.05 13.64 27.20
C GLY A 414 30.14 14.85 27.08
N PHE A 415 29.29 14.84 26.05
CA PHE A 415 28.34 15.92 25.86
C PHE A 415 27.08 15.76 26.73
N GLY A 416 27.00 14.73 27.55
CA GLY A 416 25.82 14.62 28.40
C GLY A 416 24.56 14.50 27.57
N ARG A 417 23.51 15.18 28.01
CA ARG A 417 22.24 15.11 27.29
C ARG A 417 22.37 15.55 25.83
N GLY A 418 23.39 16.34 25.51
CA GLY A 418 23.66 16.73 24.14
C GLY A 418 23.89 15.58 23.16
N MET A 419 24.30 14.40 23.66
CA MET A 419 24.45 13.23 22.79
C MET A 419 23.41 12.14 23.10
N ALA A 420 22.23 12.55 23.58
CA ALA A 420 21.25 11.59 24.09
C ALA A 420 20.90 10.50 23.08
N ARG A 421 20.79 10.84 21.79
CA ARG A 421 20.26 9.88 20.85
C ARG A 421 21.18 8.67 20.66
N THR A 422 22.46 8.80 21.01
CA THR A 422 23.29 7.60 20.99
C THR A 422 22.80 6.56 21.99
N TYR A 423 22.40 7.04 23.18
CA TYR A 423 22.08 6.19 24.31
C TYR A 423 20.59 5.90 24.42
N THR A 424 19.72 6.80 23.93
CA THR A 424 18.33 6.39 23.70
C THR A 424 18.23 5.44 22.51
N GLY A 425 19.15 5.55 21.55
CA GLY A 425 19.19 4.59 20.46
C GLY A 425 19.47 3.18 20.96
N ASP A 426 20.57 3.02 21.72
CA ASP A 426 20.91 1.73 22.28
C ASP A 426 19.72 1.12 23.04
N TYR A 427 19.19 1.86 24.03
CA TYR A 427 18.07 1.34 24.80
C TYR A 427 16.89 1.00 23.89
N THR A 428 16.63 1.83 22.88
CA THR A 428 15.55 1.50 21.95
C THR A 428 15.83 0.14 21.29
N MET A 429 17.05 -0.01 20.75
CA MET A 429 17.40 -1.28 20.12
C MET A 429 17.21 -2.45 21.07
N LEU A 430 17.44 -2.25 22.36
CA LEU A 430 17.22 -3.34 23.29
C LEU A 430 15.73 -3.67 23.40
N VAL A 431 14.89 -2.65 23.63
CA VAL A 431 13.54 -3.00 24.07
C VAL A 431 12.68 -3.37 22.88
N VAL A 432 12.96 -2.82 21.71
CA VAL A 432 12.15 -3.11 20.52
C VAL A 432 12.73 -4.29 19.73
N CYS A 433 14.07 -4.39 19.64
CA CYS A 433 14.71 -5.33 18.72
C CYS A 433 15.56 -6.41 19.39
N ASN A 434 15.82 -6.30 20.69
CA ASN A 434 16.80 -7.17 21.37
C ASN A 434 18.16 -7.13 20.66
N SER A 435 18.56 -5.94 20.21
CA SER A 435 19.89 -5.74 19.68
C SER A 435 20.54 -4.58 20.43
N ARG A 436 21.77 -4.23 20.05
CA ARG A 436 22.49 -3.20 20.80
C ARG A 436 23.39 -2.38 19.88
N GLU A 437 23.55 -1.12 20.24
CA GLU A 437 24.64 -0.32 19.69
C GLU A 437 25.94 -0.73 20.38
N ARG A 438 27.06 -0.44 19.73
CA ARG A 438 28.36 -0.86 20.22
C ARG A 438 29.26 0.33 20.45
N SER A 439 30.20 0.17 21.37
CA SER A 439 31.23 1.18 21.59
C SER A 439 32.27 1.09 20.49
N LEU A 440 33.12 2.12 20.41
CA LEU A 440 34.20 2.09 19.44
C LEU A 440 35.10 0.89 19.66
N GLU A 441 35.38 0.55 20.92
CA GLU A 441 36.23 -0.60 21.22
C GLU A 441 35.57 -1.90 20.75
N ASP A 442 34.25 -2.03 20.92
CA ASP A 442 33.55 -3.23 20.43
C ASP A 442 33.71 -3.36 18.91
N PHE A 443 33.53 -2.24 18.19
CA PHE A 443 33.72 -2.24 16.74
C PHE A 443 35.13 -2.62 16.35
N ILE A 444 36.12 -2.02 17.03
CA ILE A 444 37.50 -2.29 16.70
C ILE A 444 37.82 -3.75 16.91
N GLU A 445 37.27 -4.35 17.97
CA GLU A 445 37.53 -5.76 18.24
C GLU A 445 36.90 -6.66 17.18
N LEU A 446 35.65 -6.37 16.79
CA LEU A 446 35.04 -7.15 15.71
C LEU A 446 35.87 -7.06 14.43
N CYS A 447 36.20 -5.84 14.01
CA CYS A 447 36.95 -5.69 12.76
C CYS A 447 38.33 -6.33 12.86
N SER A 448 38.98 -6.25 14.03
CA SER A 448 40.26 -6.92 14.19
C SER A 448 40.10 -8.43 14.00
N ALA A 449 39.00 -8.99 14.52
CA ALA A 449 38.69 -10.40 14.30
C ALA A 449 38.48 -10.71 12.82
N ALA A 450 38.12 -9.72 12.01
CA ALA A 450 38.04 -9.92 10.57
C ALA A 450 39.25 -9.37 9.81
N ASP A 451 40.38 -9.20 10.48
CA ASP A 451 41.61 -8.73 9.85
C ASP A 451 41.48 -7.33 9.26
N LEU A 452 40.79 -6.45 9.99
CA LEU A 452 40.60 -5.06 9.61
C LEU A 452 41.20 -4.18 10.69
N LYS A 453 42.03 -3.23 10.28
CA LYS A 453 42.69 -2.30 11.18
C LYS A 453 41.94 -0.97 11.23
N PHE A 454 41.76 -0.44 12.44
CA PHE A 454 41.07 0.82 12.65
C PHE A 454 41.93 2.00 12.22
N VAL A 455 41.30 2.97 11.54
CA VAL A 455 42.00 4.18 11.08
C VAL A 455 41.53 5.36 11.91
N ARG A 456 40.25 5.72 11.79
CA ARG A 456 39.73 6.88 12.50
C ARG A 456 38.20 6.88 12.46
N VAL A 457 37.62 7.82 13.20
CA VAL A 457 36.20 8.08 13.21
C VAL A 457 35.93 9.34 12.42
N TRP A 458 34.84 9.33 11.65
CA TRP A 458 34.31 10.51 10.99
C TRP A 458 33.00 10.87 11.66
N ASP A 459 33.00 11.95 12.43
CA ASP A 459 31.89 12.35 13.28
C ASP A 459 30.79 13.03 12.46
N LEU A 460 29.59 12.45 12.45
CA LEU A 460 28.45 13.07 11.79
C LEU A 460 27.61 13.89 12.75
N ALA A 461 28.06 14.05 13.99
CA ALA A 461 27.30 14.73 15.04
C ALA A 461 25.95 14.06 15.27
N GLU A 462 25.90 12.75 15.00
CA GLU A 462 24.71 11.93 15.24
C GLU A 462 25.21 10.50 15.39
N THR A 463 25.14 9.72 14.31
CA THR A 463 25.94 8.52 14.27
C THR A 463 27.38 8.89 13.94
N SER A 464 28.22 7.89 13.83
CA SER A 464 29.61 8.10 13.44
C SER A 464 29.91 7.14 12.31
N VAL A 465 30.89 7.49 11.50
CA VAL A 465 31.39 6.66 10.42
C VAL A 465 32.80 6.26 10.78
N THR A 466 33.01 4.99 11.11
CA THR A 466 34.35 4.51 11.46
C THR A 466 35.01 3.90 10.24
N GLU A 467 36.30 4.20 10.08
CA GLU A 467 37.06 3.79 8.92
C GLU A 467 38.04 2.68 9.27
N PHE A 468 38.06 1.62 8.46
CA PHE A 468 38.96 0.48 8.64
C PHE A 468 39.65 0.16 7.32
N VAL A 469 40.83 -0.44 7.41
CA VAL A 469 41.58 -0.84 6.21
C VAL A 469 42.04 -2.27 6.40
N PRO A 470 42.34 -2.97 5.29
CA PRO A 470 42.88 -4.33 5.44
C PRO A 470 44.20 -4.28 6.18
N ALA A 471 44.32 -5.12 7.20
CA ALA A 471 45.52 -5.17 8.02
C ALA A 471 46.64 -5.92 7.32
N PRO B 22 -21.38 -8.78 -60.26
CA PRO B 22 -22.73 -9.00 -60.80
C PRO B 22 -23.80 -9.03 -59.71
N SER B 23 -23.64 -9.93 -58.74
CA SER B 23 -24.60 -10.04 -57.64
C SER B 23 -24.29 -9.00 -56.56
N GLU B 24 -25.31 -8.71 -55.75
CA GLU B 24 -25.12 -7.76 -54.67
C GLU B 24 -24.10 -8.24 -53.65
N GLY B 25 -24.03 -9.56 -53.43
CA GLY B 25 -23.05 -10.10 -52.50
C GLY B 25 -21.62 -9.90 -52.98
N LYS B 26 -21.36 -10.15 -54.25
CA LYS B 26 -20.04 -9.91 -54.80
C LYS B 26 -19.68 -8.42 -54.73
N ALA B 27 -20.63 -7.55 -55.08
CA ALA B 27 -20.39 -6.12 -54.96
C ALA B 27 -20.09 -5.73 -53.52
N GLN B 28 -20.75 -6.37 -52.55
CA GLN B 28 -20.47 -6.04 -51.15
C GLN B 28 -19.09 -6.54 -50.73
N ILE B 29 -18.70 -7.73 -51.17
CA ILE B 29 -17.34 -8.20 -50.90
C ILE B 29 -16.32 -7.22 -51.46
N ARG B 30 -16.56 -6.74 -52.68
CA ARG B 30 -15.59 -5.84 -53.28
C ARG B 30 -15.61 -4.46 -52.66
N ALA B 31 -16.78 -4.02 -52.16
CA ALA B 31 -16.85 -2.78 -51.38
C ALA B 31 -16.13 -2.92 -50.03
N LEU B 32 -16.21 -4.09 -49.40
CA LEU B 32 -15.42 -4.32 -48.19
C LEU B 32 -13.93 -4.26 -48.49
N LEU B 33 -13.52 -4.87 -49.60
CA LEU B 33 -12.13 -4.79 -50.01
C LEU B 33 -11.70 -3.34 -50.20
N ASN B 34 -12.55 -2.54 -50.84
CA ASN B 34 -12.20 -1.12 -51.04
C ASN B 34 -12.09 -0.40 -49.71
N LEU B 35 -13.00 -0.69 -48.77
CA LEU B 35 -12.88 -0.11 -47.43
C LEU B 35 -11.56 -0.47 -46.77
N ILE B 36 -11.15 -1.73 -46.89
CA ILE B 36 -9.88 -2.19 -46.30
C ILE B 36 -8.69 -1.47 -46.93
N ASN B 37 -8.66 -1.40 -48.27
CA ASN B 37 -7.56 -0.74 -48.97
C ASN B 37 -7.47 0.73 -48.58
N THR B 38 -8.60 1.45 -48.66
CA THR B 38 -8.57 2.88 -48.40
C THR B 38 -8.29 3.17 -46.93
N SER B 39 -8.82 2.34 -46.01
CA SER B 39 -8.54 2.54 -44.59
CA SER B 39 -8.53 2.57 -44.60
C SER B 39 -7.06 2.32 -44.30
N ALA B 40 -6.48 1.26 -44.87
CA ALA B 40 -5.06 1.00 -44.68
C ALA B 40 -4.20 2.14 -45.23
N GLU B 41 -4.59 2.69 -46.39
CA GLU B 41 -3.90 3.85 -46.94
C GLU B 41 -4.00 5.05 -45.98
N GLN B 42 -5.17 5.30 -45.43
CA GLN B 42 -5.31 6.46 -44.55
C GLN B 42 -4.56 6.27 -43.23
N ALA B 43 -4.51 5.03 -42.73
CA ALA B 43 -3.67 4.77 -41.56
C ALA B 43 -2.20 5.04 -41.87
N ILE B 44 -1.75 4.59 -43.05
CA ILE B 44 -0.38 4.91 -43.46
C ILE B 44 -0.15 6.41 -43.49
N ALA B 45 -1.12 7.16 -44.00
CA ALA B 45 -1.01 8.62 -44.02
C ALA B 45 -0.90 9.17 -42.61
N GLU B 46 -1.60 8.55 -41.66
CA GLU B 46 -1.50 9.01 -40.28
C GLU B 46 -0.10 8.77 -39.72
N TYR B 47 0.53 7.68 -40.12
CA TYR B 47 1.91 7.49 -39.67
C TYR B 47 2.86 8.47 -40.36
N ASP B 48 2.66 8.72 -41.66
CA ASP B 48 3.48 9.67 -42.38
C ASP B 48 3.35 11.08 -41.80
N LYS B 49 2.16 11.43 -41.32
CA LYS B 49 1.93 12.76 -40.76
C LYS B 49 2.85 13.03 -39.58
N GLN B 50 3.18 12.00 -38.81
CA GLN B 50 4.07 12.16 -37.68
C GLN B 50 5.51 11.79 -38.03
N GLU B 51 5.81 11.68 -39.32
CA GLU B 51 7.16 11.37 -39.81
C GLU B 51 7.67 10.07 -39.19
N CYS B 52 6.79 9.07 -39.13
CA CYS B 52 7.10 7.76 -38.58
C CYS B 52 6.96 6.71 -39.68
N ASP B 53 7.78 5.66 -39.57
CA ASP B 53 7.62 4.52 -40.45
C ASP B 53 6.49 3.63 -39.95
N ILE B 54 6.12 2.66 -40.78
CA ILE B 54 5.13 1.65 -40.39
C ILE B 54 5.64 0.93 -39.14
N PRO B 55 4.81 0.69 -38.13
CA PRO B 55 5.27 -0.06 -36.96
C PRO B 55 5.67 -1.47 -37.35
N SER B 56 6.56 -2.05 -36.55
CA SER B 56 7.05 -3.40 -36.75
C SER B 56 6.56 -4.28 -35.61
N LEU B 57 6.18 -5.51 -35.96
CA LEU B 57 5.75 -6.51 -34.99
C LEU B 57 6.89 -7.39 -34.50
N THR B 58 8.11 -7.17 -35.01
CA THR B 58 9.28 -7.91 -34.55
C THR B 58 10.30 -7.01 -33.86
N SER B 59 10.16 -5.69 -33.96
CA SER B 59 11.03 -4.77 -33.27
C SER B 59 10.97 -5.00 -31.76
N GLY B 60 12.12 -4.89 -31.10
CA GLY B 60 12.20 -5.05 -29.67
C GLY B 60 12.04 -3.79 -28.84
N GLU B 61 11.84 -2.64 -29.47
CA GLU B 61 11.66 -1.38 -28.78
C GLU B 61 10.38 -0.71 -29.26
N PRO B 62 9.81 0.19 -28.46
CA PRO B 62 8.54 0.81 -28.86
C PRO B 62 8.66 1.70 -30.08
N HIS B 63 7.61 1.70 -30.88
CA HIS B 63 7.44 2.69 -31.92
C HIS B 63 7.15 4.05 -31.28
N PRO B 64 7.63 5.15 -31.88
CA PRO B 64 7.47 6.47 -31.24
C PRO B 64 6.01 6.83 -30.94
N MET B 65 5.05 6.26 -31.67
CA MET B 65 3.63 6.56 -31.46
C MET B 65 2.93 5.61 -30.50
N ASP B 66 3.64 4.64 -29.91
CA ASP B 66 3.00 3.65 -29.03
C ASP B 66 2.46 4.31 -27.77
N ASP B 67 3.21 5.23 -27.17
CA ASP B 67 2.78 5.91 -25.96
C ASP B 67 2.21 7.31 -26.25
N ARG B 68 1.86 7.59 -27.50
CA ARG B 68 1.25 8.85 -27.88
C ARG B 68 -0.26 8.69 -28.01
N LEU B 69 -0.97 9.78 -27.79
CA LEU B 69 -2.41 9.81 -28.00
C LEU B 69 -2.74 9.51 -29.46
N PRO B 70 -3.45 8.43 -29.77
CA PRO B 70 -3.82 8.17 -31.17
C PRO B 70 -4.72 9.26 -31.72
N SER B 71 -4.43 9.69 -32.94
CA SER B 71 -5.24 10.74 -33.56
C SER B 71 -6.66 10.26 -33.82
N LEU B 72 -7.60 11.21 -33.84
CA LEU B 72 -8.98 10.86 -34.16
C LEU B 72 -9.08 10.21 -35.53
N GLU B 73 -8.29 10.69 -36.49
N GLU B 73 -8.29 10.69 -36.50
CA GLU B 73 -8.31 10.14 -37.83
CA GLU B 73 -8.37 10.11 -37.83
C GLU B 73 -7.87 8.69 -37.83
C GLU B 73 -7.88 8.66 -37.82
N LEU B 74 -6.83 8.37 -37.05
CA LEU B 74 -6.35 6.99 -36.97
C LEU B 74 -7.39 6.08 -36.35
N LYS B 75 -8.06 6.55 -35.30
CA LYS B 75 -9.06 5.72 -34.63
C LYS B 75 -10.28 5.50 -35.51
N ASN B 76 -10.71 6.54 -36.23
N ASN B 76 -10.72 6.53 -36.24
CA ASN B 76 -11.81 6.36 -37.18
CA ASN B 76 -11.83 6.34 -37.19
C ASN B 76 -11.42 5.38 -38.27
C ASN B 76 -11.44 5.36 -38.29
N THR B 77 -10.21 5.50 -38.80
CA THR B 77 -9.79 4.60 -39.86
CA THR B 77 -9.70 4.61 -39.83
C THR B 77 -9.64 3.17 -39.34
N LEU B 78 -9.25 2.99 -38.07
CA LEU B 78 -9.16 1.63 -37.53
C LEU B 78 -10.53 1.04 -37.27
N ARG B 79 -11.48 1.85 -36.81
CA ARG B 79 -12.87 1.43 -36.70
C ARG B 79 -13.33 0.83 -38.04
N ILE B 80 -13.07 1.57 -39.12
CA ILE B 80 -13.50 1.07 -40.43
C ILE B 80 -12.72 -0.18 -40.85
N LEU B 81 -11.38 -0.15 -40.66
CA LEU B 81 -10.54 -1.26 -41.10
C LEU B 81 -10.89 -2.56 -40.37
N GLU B 82 -11.03 -2.49 -39.04
CA GLU B 82 -11.36 -3.68 -38.28
C GLU B 82 -12.78 -4.16 -38.57
N GLY B 83 -13.75 -3.24 -38.68
CA GLY B 83 -15.07 -3.68 -39.05
C GLY B 83 -15.12 -4.36 -40.40
N ALA B 84 -14.38 -3.83 -41.37
CA ALA B 84 -14.43 -4.40 -42.73
C ALA B 84 -13.70 -5.73 -42.81
N CYS B 85 -12.51 -5.83 -42.19
CA CYS B 85 -11.81 -7.11 -42.13
C CYS B 85 -12.67 -8.18 -41.47
N ALA B 86 -13.26 -7.84 -40.32
CA ALA B 86 -14.07 -8.82 -39.62
C ALA B 86 -15.25 -9.26 -40.47
N GLN B 87 -15.98 -8.30 -41.04
CA GLN B 87 -17.16 -8.66 -41.83
C GLN B 87 -16.78 -9.48 -43.04
N LEU B 88 -15.65 -9.15 -43.69
CA LEU B 88 -15.21 -9.89 -44.86
C LEU B 88 -14.91 -11.33 -44.50
N CYS B 89 -14.12 -11.55 -43.44
CA CYS B 89 -13.77 -12.92 -43.05
C CYS B 89 -15.01 -13.69 -42.63
N VAL B 90 -15.91 -13.07 -41.88
CA VAL B 90 -17.08 -13.80 -41.39
C VAL B 90 -18.08 -14.07 -42.50
N THR B 91 -18.13 -13.20 -43.51
CA THR B 91 -18.99 -13.44 -44.66
C THR B 91 -18.48 -14.61 -45.49
N LEU B 92 -17.16 -14.70 -45.71
CA LEU B 92 -16.65 -15.74 -46.60
C LEU B 92 -16.43 -17.08 -45.91
N ALA B 93 -16.25 -17.10 -44.53
CA ALA B 93 -16.00 -18.36 -43.86
C ALA B 93 -17.32 -19.08 -43.55
N PRO B 94 -17.32 -20.41 -43.50
CA PRO B 94 -18.52 -21.13 -43.04
C PRO B 94 -18.86 -20.70 -41.61
N PRO B 95 -20.15 -20.61 -41.28
CA PRO B 95 -20.52 -20.14 -39.93
C PRO B 95 -19.92 -20.98 -38.82
N ALA B 96 -19.82 -22.30 -39.02
CA ALA B 96 -19.26 -23.17 -37.98
C ALA B 96 -17.81 -22.83 -37.70
N HIS B 97 -17.07 -22.45 -38.75
CA HIS B 97 -15.67 -22.07 -38.60
C HIS B 97 -15.53 -20.84 -37.70
N THR B 98 -16.29 -19.78 -38.03
CA THR B 98 -16.25 -18.55 -37.24
C THR B 98 -16.68 -18.82 -35.81
N MET B 99 -17.77 -19.55 -35.64
CA MET B 99 -18.28 -19.78 -34.28
C MET B 99 -17.35 -20.65 -33.45
N LEU B 100 -16.67 -21.61 -34.06
CA LEU B 100 -15.68 -22.40 -33.33
C LEU B 100 -14.56 -21.50 -32.85
N ASN B 101 -14.08 -20.61 -33.73
CA ASN B 101 -13.04 -19.70 -33.29
C ASN B 101 -13.53 -18.78 -32.17
N TYR B 102 -14.79 -18.28 -32.26
CA TYR B 102 -15.37 -17.50 -31.16
C TYR B 102 -15.37 -18.30 -29.88
N SER B 103 -15.77 -19.57 -29.96
CA SER B 103 -15.87 -20.41 -28.78
C SER B 103 -14.53 -20.58 -28.10
N MET B 104 -13.43 -20.40 -28.83
CA MET B 104 -12.13 -20.52 -28.17
C MET B 104 -11.49 -19.18 -27.81
N ASP B 105 -12.26 -18.09 -27.75
CA ASP B 105 -11.69 -16.77 -27.52
C ASP B 105 -11.34 -16.49 -26.06
N VAL B 106 -11.63 -17.42 -25.14
CA VAL B 106 -11.22 -17.29 -23.74
C VAL B 106 -9.71 -17.48 -23.59
N LEU B 107 -9.10 -18.17 -24.56
CA LEU B 107 -7.76 -18.70 -24.33
C LEU B 107 -6.70 -17.61 -24.33
N VAL B 108 -6.76 -16.66 -25.28
CA VAL B 108 -5.75 -15.59 -25.29
C VAL B 108 -5.81 -14.77 -24.01
N PRO B 109 -6.98 -14.33 -23.51
CA PRO B 109 -7.00 -13.62 -22.21
C PRO B 109 -6.42 -14.44 -21.08
N SER B 110 -6.70 -15.75 -21.05
CA SER B 110 -6.10 -16.61 -20.04
C SER B 110 -4.57 -16.61 -20.14
N CYS B 111 -4.04 -16.72 -21.37
CA CYS B 111 -2.59 -16.72 -21.56
C CYS B 111 -1.98 -15.40 -21.14
N ILE B 112 -2.66 -14.30 -21.46
CA ILE B 112 -2.19 -12.98 -21.04
C ILE B 112 -2.10 -12.92 -19.52
N SER B 113 -3.18 -13.33 -18.84
CA SER B 113 -3.16 -13.27 -17.37
C SER B 113 -2.02 -14.10 -16.80
N THR B 114 -1.80 -15.29 -17.37
CA THR B 114 -0.76 -16.17 -16.86
C THR B 114 0.63 -15.57 -17.05
N VAL B 115 0.90 -14.96 -18.21
CA VAL B 115 2.23 -14.38 -18.39
C VAL B 115 2.40 -13.10 -17.59
N ILE B 116 1.31 -12.39 -17.29
CA ILE B 116 1.44 -11.24 -16.39
C ILE B 116 1.81 -11.70 -14.99
N GLN B 117 1.07 -12.70 -14.48
CA GLN B 117 1.36 -13.21 -13.14
C GLN B 117 2.76 -13.82 -13.06
N ALA B 118 3.24 -14.41 -14.16
CA ALA B 118 4.57 -15.01 -14.16
C ALA B 118 5.69 -14.00 -14.41
N GLY B 119 5.36 -12.76 -14.75
CA GLY B 119 6.37 -11.75 -15.01
C GLY B 119 7.25 -12.01 -16.22
N VAL B 120 6.66 -12.54 -17.30
CA VAL B 120 7.47 -12.90 -18.46
C VAL B 120 8.01 -11.65 -19.15
N ALA B 121 7.16 -10.65 -19.36
CA ALA B 121 7.60 -9.46 -20.08
C ALA B 121 8.71 -8.68 -19.37
N PRO B 122 8.63 -8.40 -18.05
CA PRO B 122 9.79 -7.72 -17.43
C PRO B 122 11.04 -8.58 -17.42
N LEU B 123 10.88 -9.89 -17.26
CA LEU B 123 12.02 -10.80 -17.35
C LEU B 123 12.70 -10.69 -18.71
N LEU B 124 11.92 -10.72 -19.79
CA LEU B 124 12.49 -10.58 -21.12
C LEU B 124 13.01 -9.18 -21.39
N ALA B 125 12.48 -8.18 -20.68
CA ALA B 125 13.00 -6.82 -20.80
C ALA B 125 14.38 -6.71 -20.18
N LYS B 126 14.65 -7.51 -19.14
CA LYS B 126 15.99 -7.52 -18.58
C LYS B 126 17.00 -8.11 -19.56
N HIS B 127 16.54 -8.96 -20.49
CA HIS B 127 17.40 -9.60 -21.48
C HIS B 127 16.81 -9.38 -22.86
N PRO B 128 16.98 -8.18 -23.41
CA PRO B 128 16.22 -7.81 -24.63
C PRO B 128 16.52 -8.67 -25.85
N LYS B 129 17.69 -9.32 -25.91
CA LYS B 129 17.97 -10.18 -27.05
C LYS B 129 17.18 -11.49 -27.01
N GLY B 130 16.59 -11.83 -25.87
CA GLY B 130 15.78 -13.02 -25.76
C GLY B 130 16.29 -14.00 -24.73
N LEU B 131 15.40 -14.88 -24.26
CA LEU B 131 15.75 -15.89 -23.28
C LEU B 131 15.28 -17.25 -23.76
N HIS B 132 16.11 -18.25 -23.54
CA HIS B 132 15.73 -19.62 -23.83
C HIS B 132 14.60 -20.03 -22.90
N ILE B 133 13.77 -20.97 -23.37
CA ILE B 133 12.57 -21.38 -22.63
C ILE B 133 12.94 -22.01 -21.29
N ASP B 134 14.14 -22.59 -21.19
CA ASP B 134 14.55 -23.25 -19.94
C ASP B 134 14.89 -22.23 -18.87
N VAL B 135 15.51 -21.12 -19.25
CA VAL B 135 15.73 -20.03 -18.30
C VAL B 135 14.39 -19.43 -17.87
N LEU B 136 13.47 -19.22 -18.82
CA LEU B 136 12.14 -18.72 -18.48
C LEU B 136 11.43 -19.66 -17.51
N SER B 137 11.57 -20.96 -17.72
CA SER B 137 10.94 -21.95 -16.84
C SER B 137 11.55 -21.90 -15.45
N LYS B 138 12.89 -21.91 -15.36
CA LYS B 138 13.54 -21.83 -14.06
C LYS B 138 13.11 -20.57 -13.30
N GLU B 139 12.99 -19.44 -14.00
CA GLU B 139 12.64 -18.20 -13.34
C GLU B 139 11.17 -18.14 -12.94
N THR B 140 10.28 -18.75 -13.72
CA THR B 140 8.84 -18.69 -13.45
C THR B 140 8.30 -19.87 -12.65
N GLY B 141 9.05 -20.96 -12.52
CA GLY B 141 8.50 -22.16 -11.92
C GLY B 141 7.49 -22.90 -12.77
N ILE B 142 7.37 -22.57 -14.06
CA ILE B 142 6.41 -23.22 -14.95
C ILE B 142 7.16 -24.18 -15.86
N HIS B 143 6.59 -25.36 -16.06
CA HIS B 143 7.16 -26.35 -16.96
C HIS B 143 7.45 -25.70 -18.32
N PRO B 144 8.64 -25.94 -18.90
CA PRO B 144 9.00 -25.22 -20.13
C PRO B 144 8.07 -25.45 -21.31
N GLN B 145 7.56 -26.67 -21.49
CA GLN B 145 6.68 -26.92 -22.63
C GLN B 145 5.32 -26.26 -22.45
N LYS B 146 4.83 -26.16 -21.21
CA LYS B 146 3.56 -25.48 -20.96
C LYS B 146 3.68 -23.98 -21.19
N LEU B 147 4.74 -23.37 -20.64
CA LEU B 147 5.00 -21.96 -20.90
C LEU B 147 5.19 -21.72 -22.39
N ALA B 148 5.80 -22.68 -23.09
CA ALA B 148 5.98 -22.55 -24.54
C ALA B 148 4.63 -22.56 -25.26
N THR B 149 3.72 -23.45 -24.85
CA THR B 149 2.37 -23.47 -25.44
C THR B 149 1.68 -22.12 -25.28
N ILE B 150 1.71 -21.58 -24.05
CA ILE B 150 1.08 -20.29 -23.77
C ILE B 150 1.70 -19.19 -24.60
N LEU B 151 3.04 -19.12 -24.60
CA LEU B 151 3.73 -18.06 -25.32
C LEU B 151 3.46 -18.16 -26.81
N ARG B 152 3.38 -19.36 -27.37
CA ARG B 152 3.17 -19.46 -28.81
C ARG B 152 1.76 -19.06 -29.21
N LEU B 153 0.74 -19.32 -28.37
CA LEU B 153 -0.59 -18.77 -28.68
C LEU B 153 -0.55 -17.23 -28.68
N LEU B 154 0.13 -16.64 -27.71
CA LEU B 154 0.26 -15.18 -27.71
C LEU B 154 1.03 -14.70 -28.93
N ILE B 155 2.09 -15.42 -29.29
CA ILE B 155 3.00 -14.99 -30.35
C ILE B 155 2.30 -15.06 -31.69
N LEU B 156 1.52 -16.13 -31.91
CA LEU B 156 0.68 -16.21 -33.09
C LEU B 156 -0.26 -15.03 -33.16
N ASN B 157 -0.62 -14.47 -32.00
CA ASN B 157 -1.42 -13.25 -31.99
C ASN B 157 -0.57 -11.98 -31.85
N TYR B 158 0.72 -12.06 -32.20
CA TYR B 158 1.62 -10.91 -32.30
C TYR B 158 1.95 -10.29 -30.94
N CYS B 159 1.88 -11.08 -29.88
CA CYS B 159 2.30 -10.65 -28.56
C CYS B 159 3.46 -11.53 -28.12
N PHE B 160 4.62 -10.91 -27.89
CA PHE B 160 5.92 -11.58 -27.79
C PHE B 160 6.33 -12.10 -29.16
N GLN B 161 7.52 -12.67 -29.25
CA GLN B 161 8.00 -13.29 -30.46
C GLN B 161 8.98 -14.38 -30.09
N GLU B 162 9.15 -15.33 -31.01
CA GLU B 162 10.16 -16.37 -30.92
C GLU B 162 11.28 -15.98 -31.88
N VAL B 163 12.43 -15.57 -31.34
CA VAL B 163 13.51 -15.10 -32.20
C VAL B 163 14.29 -16.29 -32.76
N GLU B 164 14.43 -17.34 -31.96
CA GLU B 164 15.02 -18.60 -32.40
CA GLU B 164 15.06 -18.59 -32.35
C GLU B 164 14.26 -19.70 -31.69
N SER B 165 14.36 -20.92 -32.24
CA SER B 165 13.60 -22.05 -31.69
C SER B 165 13.75 -22.14 -30.18
N ASN B 166 12.63 -22.00 -29.47
CA ASN B 166 12.58 -22.03 -28.00
C ASN B 166 13.32 -20.87 -27.36
N VAL B 167 13.56 -19.79 -28.11
CA VAL B 167 14.14 -18.58 -27.56
C VAL B 167 13.16 -17.45 -27.80
N PHE B 168 12.68 -16.85 -26.71
CA PHE B 168 11.56 -15.91 -26.73
C PHE B 168 12.01 -14.51 -26.31
N ALA B 169 11.30 -13.50 -26.83
CA ALA B 169 11.65 -12.12 -26.59
C ALA B 169 10.42 -11.24 -26.66
N ASN B 170 10.58 -10.02 -26.14
CA ASN B 170 9.50 -9.05 -26.19
C ASN B 170 9.33 -8.50 -27.61
N ASN B 171 8.11 -8.07 -27.91
CA ASN B 171 7.85 -7.26 -29.09
C ASN B 171 6.97 -6.11 -28.64
N ARG B 172 6.47 -5.30 -29.57
CA ARG B 172 5.82 -4.06 -29.16
C ARG B 172 4.50 -4.31 -28.43
N LEU B 173 3.84 -5.44 -28.69
CA LEU B 173 2.62 -5.70 -27.94
C LEU B 173 2.93 -6.21 -26.54
N SER B 174 3.97 -7.04 -26.39
CA SER B 174 4.30 -7.50 -25.04
C SER B 174 4.91 -6.41 -24.18
N LEU B 175 5.46 -5.35 -24.79
CA LEU B 175 5.95 -4.21 -24.03
C LEU B 175 4.81 -3.50 -23.29
N THR B 176 3.56 -3.67 -23.71
CA THR B 176 2.45 -3.13 -22.94
C THR B 176 2.31 -3.82 -21.58
N LEU B 177 2.95 -4.97 -21.38
CA LEU B 177 2.84 -5.74 -20.15
C LEU B 177 3.89 -5.37 -19.11
N LEU B 178 4.73 -4.38 -19.38
CA LEU B 178 5.74 -3.99 -18.41
C LEU B 178 5.09 -3.22 -17.25
N PRO B 179 5.62 -3.36 -16.04
CA PRO B 179 4.96 -2.77 -14.86
C PRO B 179 4.80 -1.25 -14.93
N GLU B 180 5.61 -0.56 -15.71
CA GLU B 180 5.57 0.89 -15.73
C GLU B 180 4.55 1.46 -16.71
N THR B 181 3.97 0.63 -17.58
CA THR B 181 3.11 1.20 -18.60
C THR B 181 1.75 1.59 -18.00
N SER B 182 1.04 2.43 -18.74
CA SER B 182 -0.30 2.85 -18.35
C SER B 182 -1.38 1.91 -18.87
N VAL B 183 -1.00 0.69 -19.24
CA VAL B 183 -1.97 -0.28 -19.72
C VAL B 183 -1.86 -1.63 -19.02
N VAL B 184 -0.75 -1.91 -18.33
CA VAL B 184 -0.59 -3.24 -17.72
C VAL B 184 -1.63 -3.48 -16.64
N ASP B 185 -2.02 -2.45 -15.90
CA ASP B 185 -2.95 -2.66 -14.79
C ASP B 185 -4.34 -3.01 -15.31
N ILE B 186 -4.82 -2.33 -16.36
CA ILE B 186 -6.14 -2.67 -16.87
C ILE B 186 -6.12 -4.04 -17.56
N LEU B 187 -5.01 -4.40 -18.23
CA LEU B 187 -4.92 -5.73 -18.82
C LEU B 187 -4.91 -6.82 -17.75
N ASP B 188 -4.14 -6.61 -16.69
CA ASP B 188 -4.13 -7.52 -15.55
C ASP B 188 -5.51 -7.66 -14.94
N LEU B 189 -6.20 -6.55 -14.73
CA LEU B 189 -7.54 -6.62 -14.14
C LEU B 189 -8.52 -7.35 -15.07
N LYS B 190 -8.57 -6.94 -16.35
CA LYS B 190 -9.59 -7.48 -17.24
C LYS B 190 -9.38 -8.96 -17.56
N THR B 191 -8.15 -9.46 -17.55
CA THR B 191 -7.90 -10.89 -17.77
C THR B 191 -7.78 -11.69 -16.47
N GLY B 192 -7.80 -11.03 -15.32
CA GLY B 192 -7.43 -11.65 -14.07
C GLY B 192 -8.52 -12.53 -13.46
N GLU B 193 -8.17 -13.09 -12.30
CA GLU B 193 -9.01 -14.09 -11.65
C GLU B 193 -10.39 -13.53 -11.30
N MET B 194 -10.45 -12.29 -10.81
CA MET B 194 -11.75 -11.72 -10.44
C MET B 194 -12.65 -11.56 -11.65
N HIS B 195 -12.10 -11.05 -12.76
CA HIS B 195 -12.88 -10.94 -13.98
C HIS B 195 -13.28 -12.32 -14.50
N ARG B 196 -12.42 -13.32 -14.35
CA ARG B 196 -12.79 -14.67 -14.77
C ARG B 196 -13.96 -15.20 -13.94
N LYS B 197 -13.98 -14.89 -12.64
CA LYS B 197 -15.13 -15.26 -11.82
C LYS B 197 -16.39 -14.50 -12.23
N ALA B 198 -16.24 -13.28 -12.73
CA ALA B 198 -17.44 -12.53 -13.14
C ALA B 198 -18.16 -13.21 -14.30
N THR B 199 -17.44 -13.92 -15.18
CA THR B 199 -18.12 -14.61 -16.28
C THR B 199 -18.30 -16.09 -16.02
N LEU B 200 -18.11 -16.55 -14.77
CA LEU B 200 -18.12 -17.98 -14.53
C LEU B 200 -19.54 -18.55 -14.60
N TRP B 201 -20.51 -17.84 -14.06
CA TRP B 201 -21.88 -18.34 -13.88
C TRP B 201 -22.91 -17.28 -14.28
N VAL B 202 -22.70 -16.63 -15.42
CA VAL B 202 -23.55 -15.51 -15.80
C VAL B 202 -25.01 -15.96 -15.95
N TYR B 203 -25.24 -17.07 -16.65
CA TYR B 203 -26.61 -17.54 -16.86
C TYR B 203 -27.32 -17.79 -15.52
N ASP B 204 -26.64 -18.50 -14.61
CA ASP B 204 -27.23 -18.79 -13.31
C ASP B 204 -27.58 -17.51 -12.57
N ALA B 205 -26.68 -16.52 -12.61
CA ALA B 205 -26.96 -15.25 -11.93
C ALA B 205 -28.15 -14.54 -12.56
N LEU B 206 -28.28 -14.63 -13.90
CA LEU B 206 -29.33 -13.87 -14.59
C LEU B 206 -30.71 -14.46 -14.40
N VAL B 207 -30.83 -15.78 -14.23
CA VAL B 207 -32.15 -16.38 -14.02
C VAL B 207 -32.49 -16.56 -12.55
N ASP B 208 -31.58 -16.22 -11.64
CA ASP B 208 -31.86 -16.32 -10.21
C ASP B 208 -32.85 -15.24 -9.80
N PRO B 209 -33.87 -15.58 -9.00
CA PRO B 209 -34.90 -14.57 -8.64
C PRO B 209 -34.41 -13.47 -7.72
N ASP B 210 -33.23 -13.62 -7.12
CA ASP B 210 -32.65 -12.57 -6.29
C ASP B 210 -31.61 -11.75 -7.04
N PHE B 211 -30.76 -12.41 -7.85
CA PHE B 211 -29.71 -11.73 -8.58
C PHE B 211 -30.16 -11.22 -9.95
N GLY B 212 -31.16 -11.86 -10.54
CA GLY B 212 -31.58 -11.56 -11.88
C GLY B 212 -32.30 -10.24 -12.11
N PRO B 213 -33.33 -9.93 -11.31
CA PRO B 213 -34.29 -8.86 -11.69
C PRO B 213 -33.78 -7.43 -11.55
N THR B 214 -32.74 -7.15 -10.77
CA THR B 214 -32.36 -5.78 -10.49
C THR B 214 -30.91 -5.51 -10.88
N TYR B 215 -30.56 -4.23 -10.94
CA TYR B 215 -29.19 -3.79 -11.15
C TYR B 215 -28.51 -3.37 -9.84
N ASP B 216 -28.89 -3.97 -8.71
CA ASP B 216 -28.30 -3.60 -7.43
C ASP B 216 -26.81 -3.98 -7.41
N GLY B 217 -26.00 -3.14 -6.77
CA GLY B 217 -24.56 -3.34 -6.81
C GLY B 217 -24.09 -4.67 -6.25
N ASN B 218 -24.83 -5.22 -5.30
CA ASN B 218 -24.46 -6.48 -4.68
C ASN B 218 -25.11 -7.69 -5.37
N LYS B 219 -25.59 -7.53 -6.61
CA LYS B 219 -26.29 -8.63 -7.27
C LYS B 219 -25.72 -8.89 -8.67
N SER B 220 -24.45 -8.56 -8.88
CA SER B 220 -23.81 -8.83 -10.15
C SER B 220 -23.49 -10.32 -10.28
N PRO B 221 -23.29 -10.80 -11.51
CA PRO B 221 -22.74 -12.15 -11.68
C PRO B 221 -21.43 -12.36 -10.95
N LEU B 222 -20.60 -11.31 -10.81
CA LEU B 222 -19.36 -11.46 -10.04
C LEU B 222 -19.66 -11.80 -8.59
N VAL B 223 -20.54 -11.03 -7.95
CA VAL B 223 -20.92 -11.33 -6.56
C VAL B 223 -21.60 -12.69 -6.48
N TYR B 224 -22.37 -13.06 -7.49
CA TYR B 224 -22.98 -14.39 -7.52
C TYR B 224 -21.90 -15.47 -7.41
N ALA B 225 -20.82 -15.35 -8.18
CA ALA B 225 -19.73 -16.31 -8.06
C ALA B 225 -19.05 -16.20 -6.69
N LEU B 226 -18.88 -14.97 -6.19
CA LEU B 226 -18.20 -14.80 -4.91
C LEU B 226 -19.02 -15.36 -3.74
N ARG B 227 -20.34 -15.48 -3.90
CA ARG B 227 -21.15 -16.12 -2.85
C ARG B 227 -20.65 -17.52 -2.53
N ARG B 228 -20.08 -18.22 -3.53
CA ARG B 228 -19.58 -19.57 -3.29
C ARG B 228 -18.27 -19.59 -2.50
N GLU B 229 -17.67 -18.43 -2.24
CA GLU B 229 -16.57 -18.30 -1.30
C GLU B 229 -17.05 -17.79 0.06
N GLY B 230 -18.36 -17.61 0.24
CA GLY B 230 -18.88 -17.08 1.47
C GLY B 230 -18.93 -15.57 1.54
N PHE B 231 -18.57 -14.88 0.47
CA PHE B 231 -18.61 -13.42 0.44
C PHE B 231 -20.01 -12.93 0.07
N ASP B 232 -20.37 -11.78 0.63
CA ASP B 232 -21.60 -11.11 0.22
C ASP B 232 -21.42 -9.61 0.40
N GLY B 233 -21.74 -8.85 -0.63
CA GLY B 233 -21.55 -7.41 -0.60
C GLY B 233 -21.30 -6.91 -2.00
N SER B 234 -20.81 -5.68 -2.09
CA SER B 234 -20.54 -5.07 -3.37
C SER B 234 -19.10 -5.30 -3.82
N LEU B 235 -18.81 -4.89 -5.07
CA LEU B 235 -17.45 -4.97 -5.58
C LEU B 235 -16.47 -4.15 -4.71
N TYR B 236 -16.91 -2.99 -4.23
CA TYR B 236 -16.08 -2.17 -3.36
C TYR B 236 -15.70 -2.93 -2.10
N ASP B 237 -16.69 -3.58 -1.46
CA ASP B 237 -16.43 -4.41 -0.28
C ASP B 237 -15.40 -5.49 -0.59
N TYR B 238 -15.59 -6.20 -1.69
CA TYR B 238 -14.67 -7.28 -2.02
C TYR B 238 -13.26 -6.75 -2.22
N LEU B 239 -13.13 -5.66 -2.97
CA LEU B 239 -11.81 -5.07 -3.16
C LEU B 239 -11.19 -4.68 -1.82
N GLN B 240 -12.01 -4.24 -0.84
CA GLN B 240 -11.46 -3.95 0.48
C GLN B 240 -11.03 -5.20 1.22
N THR B 241 -11.55 -6.38 0.87
CA THR B 241 -11.04 -7.60 1.48
C THR B 241 -9.74 -8.12 0.86
N GLN B 242 -9.33 -7.62 -0.31
CA GLN B 242 -8.16 -8.15 -1.00
C GLN B 242 -6.97 -7.20 -0.88
N PRO B 243 -5.80 -7.68 -0.49
CA PRO B 243 -4.64 -6.79 -0.26
C PRO B 243 -4.20 -6.13 -1.55
N GLY B 244 -4.17 -4.80 -1.54
CA GLY B 244 -3.73 -4.05 -2.70
C GLY B 244 -4.68 -4.08 -3.89
N ALA B 245 -5.95 -4.45 -3.67
CA ALA B 245 -6.88 -4.51 -4.78
C ALA B 245 -7.50 -3.15 -5.09
N VAL B 246 -7.72 -2.32 -4.08
CA VAL B 246 -8.30 -0.99 -4.30
C VAL B 246 -7.34 -0.12 -5.12
N ALA B 247 -6.06 -0.13 -4.75
CA ALA B 247 -5.08 0.64 -5.49
C ALA B 247 -4.92 0.12 -6.91
N ARG B 248 -4.90 -1.20 -7.08
CA ARG B 248 -4.81 -1.76 -8.43
C ARG B 248 -6.01 -1.34 -9.26
N PHE B 249 -7.20 -1.32 -8.66
CA PHE B 249 -8.39 -0.94 -9.41
C PHE B 249 -8.33 0.51 -9.83
N ALA B 250 -7.84 1.39 -8.94
CA ALA B 250 -7.72 2.80 -9.29
C ALA B 250 -6.72 2.99 -10.43
N ARG B 251 -5.54 2.38 -10.30
CA ARG B 251 -4.55 2.42 -11.38
C ARG B 251 -5.14 1.88 -12.68
N ALA B 252 -5.94 0.81 -12.58
CA ALA B 252 -6.51 0.18 -13.77
C ALA B 252 -7.50 1.10 -14.45
N MET B 253 -8.30 1.84 -13.68
CA MET B 253 -9.26 2.75 -14.27
C MET B 253 -8.53 3.89 -14.98
N LEU B 254 -7.49 4.43 -14.35
CA LEU B 254 -6.68 5.45 -15.02
C LEU B 254 -6.10 4.91 -16.32
N GLY B 255 -5.54 3.71 -16.28
CA GLY B 255 -4.93 3.14 -17.46
C GLY B 255 -5.92 2.78 -18.54
N PHE B 256 -7.14 2.40 -18.15
CA PHE B 256 -8.20 2.15 -19.12
C PHE B 256 -8.53 3.44 -19.86
N SER B 257 -8.56 4.56 -19.14
CA SER B 257 -8.83 5.84 -19.78
CA SER B 257 -8.84 5.84 -19.78
C SER B 257 -7.69 6.23 -20.72
N VAL B 258 -6.46 6.08 -20.25
CA VAL B 258 -5.30 6.47 -21.06
C VAL B 258 -5.18 5.60 -22.30
N SER B 259 -5.31 4.29 -22.13
CA SER B 259 -5.10 3.36 -23.23
C SER B 259 -6.20 3.41 -24.28
N ARG B 260 -7.34 4.04 -23.99
CA ARG B 260 -8.41 4.21 -24.96
C ARG B 260 -8.36 5.57 -25.65
N GLY B 261 -7.36 6.40 -25.34
CA GLY B 261 -7.29 7.71 -25.97
C GLY B 261 -8.45 8.62 -25.65
N LEU B 262 -8.99 8.55 -24.43
CA LEU B 262 -10.08 9.44 -24.05
C LEU B 262 -9.65 10.91 -24.04
N MET B 263 -8.36 11.19 -23.88
CA MET B 263 -7.91 12.58 -23.93
C MET B 263 -8.10 13.21 -25.30
N ASN B 264 -8.57 12.45 -26.29
CA ASN B 264 -8.97 13.07 -27.54
C ASN B 264 -10.15 14.01 -27.35
N LEU B 265 -10.80 13.99 -26.18
CA LEU B 265 -11.70 15.07 -25.81
C LEU B 265 -11.09 16.44 -26.13
N LEU B 266 -9.81 16.61 -25.76
CA LEU B 266 -9.09 17.87 -25.99
C LEU B 266 -9.10 18.30 -27.45
N ASN B 267 -9.19 17.33 -28.36
CA ASN B 267 -9.08 17.58 -29.79
C ASN B 267 -10.42 17.56 -30.50
N VAL B 268 -11.50 17.16 -29.84
CA VAL B 268 -12.79 17.01 -30.51
C VAL B 268 -13.75 18.13 -30.12
N PHE B 269 -13.99 18.31 -28.84
CA PHE B 269 -14.81 19.44 -28.43
C PHE B 269 -14.03 20.73 -28.68
N PRO B 270 -14.65 21.77 -29.28
CA PRO B 270 -13.88 22.98 -29.66
C PRO B 270 -13.66 23.92 -28.47
N TRP B 271 -12.74 23.52 -27.61
CA TRP B 271 -12.37 24.37 -26.48
C TRP B 271 -11.82 25.71 -26.95
N GLN B 272 -11.06 25.71 -28.04
CA GLN B 272 -10.50 26.93 -28.56
C GLN B 272 -11.54 27.86 -29.15
N GLU B 273 -12.77 27.39 -29.32
CA GLU B 273 -13.84 28.26 -29.80
C GLU B 273 -14.59 28.92 -28.66
N LEU B 274 -14.33 28.52 -27.42
CA LEU B 274 -14.86 29.22 -26.26
C LEU B 274 -14.07 30.51 -26.02
N ALA B 275 -14.78 31.55 -25.60
CA ALA B 275 -14.13 32.82 -25.32
C ALA B 275 -13.21 32.69 -24.11
N PRO B 276 -12.09 33.40 -24.09
CA PRO B 276 -11.23 33.39 -22.90
C PRO B 276 -12.02 33.79 -21.66
N GLY B 277 -11.73 33.12 -20.55
CA GLY B 277 -12.49 33.32 -19.34
C GLY B 277 -13.66 32.38 -19.15
N SER B 278 -13.93 31.52 -20.12
CA SER B 278 -15.01 30.54 -19.96
C SER B 278 -14.64 29.55 -18.85
N THR B 279 -15.65 29.07 -18.16
CA THR B 279 -15.48 28.23 -16.99
C THR B 279 -15.92 26.80 -17.30
N VAL B 280 -15.12 25.84 -16.82
CA VAL B 280 -15.41 24.42 -16.99
C VAL B 280 -15.48 23.82 -15.60
N CYS B 281 -16.65 23.29 -15.25
CA CYS B 281 -16.91 22.63 -13.98
C CYS B 281 -16.75 21.13 -14.19
N ASP B 282 -15.68 20.57 -13.66
CA ASP B 282 -15.39 19.13 -13.74
C ASP B 282 -16.12 18.45 -12.58
N LEU B 283 -17.33 17.96 -12.85
CA LEU B 283 -18.19 17.44 -11.79
C LEU B 283 -17.90 15.97 -11.55
N GLY B 284 -17.48 15.63 -10.34
CA GLY B 284 -17.09 14.26 -10.05
C GLY B 284 -15.81 13.83 -10.72
N GLY B 285 -14.89 14.77 -10.95
CA GLY B 285 -13.65 14.51 -11.67
C GLY B 285 -12.52 13.95 -10.86
N GLY B 286 -12.77 13.46 -9.64
CA GLY B 286 -11.69 12.86 -8.87
C GLY B 286 -10.59 13.86 -8.58
N ASN B 287 -9.36 13.49 -8.92
CA ASN B 287 -8.23 14.40 -8.81
C ASN B 287 -8.26 15.51 -9.86
N GLY B 288 -9.16 15.41 -10.84
CA GLY B 288 -9.15 16.35 -11.95
C GLY B 288 -8.19 15.97 -13.05
N ASN B 289 -7.99 14.68 -13.29
CA ASN B 289 -7.04 14.22 -14.30
C ASN B 289 -7.41 14.74 -15.68
N THR B 290 -8.70 14.89 -15.97
CA THR B 290 -9.11 15.42 -17.26
C THR B 290 -9.01 16.94 -17.27
N SER B 291 -9.52 17.59 -16.23
CA SER B 291 -9.57 19.05 -16.25
C SER B 291 -8.17 19.65 -16.13
N ILE B 292 -7.22 18.95 -15.53
CA ILE B 292 -5.87 19.49 -15.47
C ILE B 292 -5.25 19.52 -16.86
N GLU B 293 -5.54 18.52 -17.69
CA GLU B 293 -5.07 18.53 -19.06
C GLU B 293 -5.78 19.59 -19.89
N ILE B 294 -7.08 19.77 -19.65
CA ILE B 294 -7.80 20.87 -20.30
C ILE B 294 -7.16 22.20 -19.94
N ALA B 295 -6.87 22.40 -18.65
CA ALA B 295 -6.33 23.66 -18.19
C ALA B 295 -4.94 23.92 -18.78
N LYS B 296 -4.13 22.86 -18.91
CA LYS B 296 -2.80 23.01 -19.52
C LYS B 296 -2.89 23.31 -21.00
N LYS B 297 -3.77 22.61 -21.73
CA LYS B 297 -3.82 22.81 -23.17
C LYS B 297 -4.49 24.12 -23.54
N PHE B 298 -5.40 24.60 -22.69
CA PHE B 298 -6.22 25.76 -22.99
C PHE B 298 -6.18 26.73 -21.81
N PRO B 299 -5.12 27.52 -21.70
CA PRO B 299 -4.99 28.42 -20.55
C PRO B 299 -6.05 29.53 -20.50
N HIS B 300 -6.83 29.72 -21.56
CA HIS B 300 -7.90 30.72 -21.53
C HIS B 300 -9.10 30.26 -20.75
N LEU B 301 -9.13 29.01 -20.29
CA LEU B 301 -10.26 28.46 -19.57
C LEU B 301 -9.96 28.44 -18.08
N LYS B 302 -11.01 28.55 -17.29
CA LYS B 302 -10.93 28.36 -15.85
C LYS B 302 -11.63 27.07 -15.50
N VAL B 303 -11.08 26.32 -14.55
CA VAL B 303 -11.56 25.01 -14.16
C VAL B 303 -12.08 25.08 -12.74
N HIS B 304 -13.25 24.47 -12.49
CA HIS B 304 -13.81 24.31 -11.16
C HIS B 304 -14.01 22.82 -10.91
N LEU B 305 -13.25 22.25 -9.98
CA LEU B 305 -13.33 20.83 -9.69
C LEU B 305 -14.22 20.61 -8.47
N GLN B 306 -15.15 19.66 -8.60
CA GLN B 306 -16.08 19.33 -7.52
C GLN B 306 -16.18 17.82 -7.38
N ASP B 307 -15.99 17.35 -6.15
CA ASP B 307 -16.06 15.94 -5.79
C ASP B 307 -16.20 15.86 -4.27
N LEU B 308 -16.10 14.65 -3.72
CA LEU B 308 -16.21 14.47 -2.28
C LEU B 308 -15.05 15.15 -1.55
N PRO B 309 -15.27 15.57 -0.29
CA PRO B 309 -14.24 16.37 0.40
C PRO B 309 -12.85 15.74 0.46
N ASP B 310 -12.75 14.45 0.82
CA ASP B 310 -11.43 13.82 0.84
C ASP B 310 -10.83 13.75 -0.56
N THR B 311 -11.66 13.44 -1.56
CA THR B 311 -11.18 13.46 -2.94
C THR B 311 -10.69 14.86 -3.32
N ILE B 312 -11.37 15.90 -2.83
CA ILE B 312 -10.97 17.27 -3.15
C ILE B 312 -9.63 17.60 -2.50
N GLU B 313 -9.39 17.11 -1.29
CA GLU B 313 -8.10 17.35 -0.64
C GLU B 313 -6.97 16.66 -1.41
N GLU B 314 -7.19 15.40 -1.79
CA GLU B 314 -6.22 14.72 -2.65
C GLU B 314 -6.00 15.48 -3.95
N ALA B 315 -7.07 16.05 -4.52
CA ALA B 315 -6.94 16.78 -5.78
C ALA B 315 -6.17 18.07 -5.60
N LYS B 316 -6.35 18.74 -4.45
CA LYS B 316 -5.53 19.91 -4.15
C LYS B 316 -4.05 19.54 -4.16
N VAL B 317 -3.71 18.42 -3.51
CA VAL B 317 -2.32 17.97 -3.54
C VAL B 317 -1.86 17.68 -4.97
N PHE B 318 -2.70 16.99 -5.74
CA PHE B 318 -2.36 16.62 -7.10
C PHE B 318 -2.08 17.85 -7.96
N TRP B 319 -2.91 18.88 -7.83
CA TRP B 319 -2.70 20.09 -8.63
C TRP B 319 -1.51 20.89 -8.14
N LYS B 320 -1.24 20.87 -6.82
CA LYS B 320 -0.03 21.53 -6.34
C LYS B 320 1.22 20.86 -6.87
N GLU B 321 1.17 19.53 -7.06
CA GLU B 321 2.36 18.84 -7.58
C GLU B 321 2.46 18.86 -9.10
N GLU B 322 1.34 18.88 -9.82
CA GLU B 322 1.39 18.71 -11.27
C GLU B 322 1.09 19.97 -12.06
N TYR B 323 0.34 20.91 -11.53
CA TYR B 323 0.09 22.13 -12.27
C TYR B 323 -0.05 23.30 -11.32
N PRO B 324 1.02 23.66 -10.59
CA PRO B 324 0.93 24.77 -9.63
C PRO B 324 0.64 26.11 -10.29
N ASP B 325 0.97 26.28 -11.57
CA ASP B 325 0.70 27.54 -12.25
C ASP B 325 -0.78 27.88 -12.24
N ALA B 326 -1.65 26.88 -12.42
CA ALA B 326 -3.09 27.12 -12.40
C ALA B 326 -3.57 27.54 -11.01
N ILE B 327 -2.93 27.03 -9.96
CA ILE B 327 -3.28 27.47 -8.62
C ILE B 327 -2.82 28.91 -8.41
N LYS B 328 -1.60 29.21 -8.85
CA LYS B 328 -1.06 30.56 -8.72
C LYS B 328 -1.91 31.57 -9.48
N ASP B 329 -2.27 31.25 -10.73
CA ASP B 329 -3.03 32.15 -11.59
C ASP B 329 -4.50 32.20 -11.24
N SER B 330 -4.93 31.56 -10.16
CA SER B 330 -6.33 31.49 -9.78
C SER B 330 -7.20 30.99 -10.93
N ARG B 331 -6.70 29.99 -11.66
CA ARG B 331 -7.42 29.42 -12.79
C ARG B 331 -8.12 28.12 -12.43
N VAL B 332 -7.85 27.55 -11.26
CA VAL B 332 -8.51 26.34 -10.80
C VAL B 332 -9.12 26.61 -9.42
N ALA B 333 -10.35 26.16 -9.22
CA ALA B 333 -11.03 26.24 -7.94
C ALA B 333 -11.47 24.85 -7.50
N PHE B 334 -11.61 24.66 -6.19
CA PHE B 334 -11.98 23.37 -5.62
C PHE B 334 -13.16 23.56 -4.68
N THR B 335 -14.27 22.87 -4.95
CA THR B 335 -15.45 22.96 -4.09
C THR B 335 -15.99 21.57 -3.82
N PRO B 336 -16.02 21.12 -2.56
CA PRO B 336 -16.59 19.80 -2.26
C PRO B 336 -18.08 19.75 -2.57
N ILE B 337 -18.55 18.55 -2.90
CA ILE B 337 -19.94 18.37 -3.28
C ILE B 337 -20.29 16.90 -3.08
N ASP B 338 -21.54 16.65 -2.73
CA ASP B 338 -22.21 15.37 -2.89
C ASP B 338 -23.23 15.62 -3.99
N PHE B 339 -22.91 15.23 -5.22
CA PHE B 339 -23.71 15.69 -6.35
C PHE B 339 -25.08 15.02 -6.43
N PHE B 340 -25.36 14.03 -5.58
CA PHE B 340 -26.74 13.56 -5.43
C PHE B 340 -27.53 14.41 -4.45
N LYS B 341 -26.85 15.15 -3.57
CA LYS B 341 -27.49 15.96 -2.55
C LYS B 341 -27.45 17.45 -2.83
N GLN B 342 -26.49 17.93 -3.62
CA GLN B 342 -26.30 19.35 -3.84
C GLN B 342 -26.13 19.66 -5.32
N ALA B 343 -26.47 20.91 -5.69
CA ALA B 343 -26.24 21.41 -7.03
C ALA B 343 -24.78 21.84 -7.18
N PRO B 344 -24.21 21.75 -8.40
CA PRO B 344 -22.85 22.24 -8.61
C PRO B 344 -22.79 23.77 -8.57
N VAL B 345 -21.59 24.33 -8.70
CA VAL B 345 -21.46 25.80 -8.68
C VAL B 345 -22.22 26.39 -9.86
N PRO B 346 -22.85 27.55 -9.71
CA PRO B 346 -23.76 28.04 -10.74
C PRO B 346 -23.06 28.82 -11.86
N ASP B 347 -23.79 28.95 -12.96
CA ASP B 347 -23.43 29.85 -14.05
C ASP B 347 -22.08 29.50 -14.66
N GLN B 348 -21.76 28.21 -14.72
CA GLN B 348 -20.56 27.78 -15.45
C GLN B 348 -20.89 27.66 -16.92
N ASP B 349 -19.88 27.89 -17.77
CA ASP B 349 -20.08 27.75 -19.20
C ASP B 349 -20.25 26.29 -19.60
N ILE B 350 -19.43 25.42 -19.03
CA ILE B 350 -19.45 23.99 -19.31
C ILE B 350 -19.55 23.24 -17.99
N TYR B 351 -20.47 22.29 -17.92
CA TYR B 351 -20.48 21.27 -16.87
C TYR B 351 -20.09 19.97 -17.54
N TYR B 352 -19.15 19.23 -16.95
CA TYR B 352 -18.58 18.05 -17.57
C TYR B 352 -18.66 16.88 -16.60
N ILE B 353 -19.34 15.79 -17.01
CA ILE B 353 -19.36 14.56 -16.22
C ILE B 353 -18.96 13.41 -17.14
N SER B 354 -18.04 12.58 -16.66
CA SER B 354 -17.48 11.51 -17.49
C SER B 354 -17.46 10.21 -16.71
N GLN B 355 -17.98 9.15 -17.35
CA GLN B 355 -17.95 7.79 -16.80
C GLN B 355 -18.55 7.76 -15.40
N ILE B 356 -19.56 8.59 -15.18
CA ILE B 356 -20.34 8.60 -13.96
C ILE B 356 -21.72 7.97 -14.17
N VAL B 357 -22.43 8.41 -15.23
CA VAL B 357 -23.80 7.98 -15.44
C VAL B 357 -23.89 6.46 -15.59
N HIS B 358 -22.91 5.86 -16.25
CA HIS B 358 -22.95 4.41 -16.49
C HIS B 358 -22.76 3.60 -15.21
N ASN B 359 -22.65 4.25 -14.06
CA ASN B 359 -22.50 3.56 -12.79
C ASN B 359 -23.78 3.55 -11.96
N TRP B 360 -24.82 4.29 -12.35
CA TRP B 360 -25.99 4.48 -11.50
C TRP B 360 -27.28 4.24 -12.26
N GLY B 361 -28.36 4.00 -11.51
CA GLY B 361 -29.67 3.77 -12.08
C GLY B 361 -30.34 5.04 -12.56
N ASP B 362 -31.50 4.86 -13.20
CA ASP B 362 -32.19 5.97 -13.84
C ASP B 362 -32.57 7.06 -12.85
N GLU B 363 -33.10 6.68 -11.68
CA GLU B 363 -33.60 7.66 -10.73
CA GLU B 363 -33.59 7.67 -10.73
C GLU B 363 -32.46 8.51 -10.16
N ASP B 364 -31.33 7.89 -9.83
CA ASP B 364 -30.19 8.65 -9.33
C ASP B 364 -29.58 9.52 -10.42
N CYS B 365 -29.54 9.02 -11.66
CA CYS B 365 -29.06 9.86 -12.76
C CYS B 365 -29.94 11.09 -12.91
N ILE B 366 -31.26 10.90 -12.87
CA ILE B 366 -32.16 12.04 -13.02
C ILE B 366 -31.98 13.01 -11.87
N THR B 367 -31.74 12.51 -10.65
CA THR B 367 -31.44 13.38 -9.53
C THR B 367 -30.21 14.24 -9.80
N LEU B 368 -29.12 13.60 -10.24
CA LEU B 368 -27.90 14.34 -10.54
C LEU B 368 -28.13 15.36 -11.65
N LEU B 369 -28.88 14.97 -12.68
CA LEU B 369 -29.08 15.87 -13.82
C LEU B 369 -29.95 17.06 -13.44
N LYS B 370 -30.94 16.86 -12.57
CA LYS B 370 -31.74 17.97 -12.07
C LYS B 370 -30.89 18.89 -11.21
N ASN B 371 -30.02 18.32 -10.36
CA ASN B 371 -29.08 19.15 -9.62
C ASN B 371 -28.24 20.00 -10.55
N ILE B 372 -27.73 19.41 -11.63
CA ILE B 372 -26.93 20.18 -12.59
C ILE B 372 -27.77 21.25 -13.26
N ARG B 373 -28.97 20.89 -13.71
CA ARG B 373 -29.86 21.84 -14.39
C ARG B 373 -30.18 23.04 -13.51
N SER B 374 -30.37 22.82 -12.21
CA SER B 374 -30.74 23.92 -11.33
C SER B 374 -29.63 24.97 -11.22
N ALA B 375 -28.38 24.59 -11.48
CA ALA B 375 -27.27 25.53 -11.36
C ALA B 375 -26.95 26.24 -12.66
N MET B 376 -27.49 25.79 -13.78
CA MET B 376 -27.07 26.30 -15.08
C MET B 376 -27.69 27.65 -15.36
N SER B 377 -26.98 28.44 -16.14
CA SER B 377 -27.52 29.64 -16.75
C SER B 377 -27.97 29.32 -18.16
N PRO B 378 -28.77 30.19 -18.79
CA PRO B 378 -29.24 29.89 -20.15
C PRO B 378 -28.15 29.60 -21.16
N LYS B 379 -26.91 30.06 -20.93
CA LYS B 379 -25.80 29.82 -21.85
C LYS B 379 -25.00 28.57 -21.50
N SER B 380 -25.33 27.90 -20.40
CA SER B 380 -24.55 26.76 -19.96
C SER B 380 -24.80 25.55 -20.85
N ARG B 381 -23.80 24.67 -20.92
CA ARG B 381 -23.91 23.41 -21.62
C ARG B 381 -23.43 22.30 -20.69
N LEU B 382 -24.02 21.13 -20.86
CA LEU B 382 -23.61 19.93 -20.15
C LEU B 382 -22.99 18.97 -21.17
N LEU B 383 -21.79 18.48 -20.86
CA LEU B 383 -21.10 17.48 -21.67
C LEU B 383 -21.05 16.21 -20.84
N ILE B 384 -21.58 15.12 -21.41
CA ILE B 384 -21.57 13.80 -20.79
C ILE B 384 -20.68 12.89 -21.62
N ASN B 385 -19.59 12.42 -21.03
CA ASN B 385 -18.64 11.53 -21.70
C ASN B 385 -18.92 10.10 -21.25
N ASP B 386 -19.38 9.26 -22.19
CA ASP B 386 -19.72 7.86 -21.94
C ASP B 386 -19.97 7.16 -23.28
N TYR B 387 -19.92 5.81 -23.25
CA TYR B 387 -20.29 5.02 -24.42
C TYR B 387 -21.77 5.22 -24.75
N LEU B 388 -22.09 5.18 -26.03
CA LEU B 388 -23.48 5.19 -26.51
C LEU B 388 -23.74 3.78 -27.03
N ALA B 389 -24.30 2.92 -26.16
CA ALA B 389 -24.63 1.55 -26.53
C ALA B 389 -25.94 1.53 -27.32
N SER B 390 -25.86 2.01 -28.54
CA SER B 390 -27.09 2.21 -29.28
CA SER B 390 -27.06 2.22 -29.34
C SER B 390 -27.51 0.92 -30.00
N HIS B 391 -28.77 0.91 -30.43
CA HIS B 391 -29.36 -0.29 -31.01
C HIS B 391 -28.77 -0.58 -32.38
N LEU B 392 -28.83 -1.85 -32.77
CA LEU B 392 -28.10 -2.33 -33.94
C LEU B 392 -29.01 -2.67 -35.10
N ASP B 393 -30.27 -2.27 -35.08
CA ASP B 393 -31.17 -2.52 -36.20
C ASP B 393 -30.98 -1.46 -37.27
N LYS B 394 -31.40 -1.80 -38.50
CA LYS B 394 -31.18 -0.92 -39.64
C LYS B 394 -31.97 0.38 -39.50
N THR B 395 -33.14 0.33 -38.88
CA THR B 395 -33.98 1.52 -38.76
C THR B 395 -33.37 2.53 -37.79
N SER B 396 -32.94 2.06 -36.62
CA SER B 396 -32.29 2.97 -35.67
C SER B 396 -31.06 3.61 -36.28
N ILE B 397 -30.26 2.83 -37.01
CA ILE B 397 -29.02 3.38 -37.55
C ILE B 397 -29.31 4.35 -38.70
N ALA B 398 -30.27 4.01 -39.55
CA ALA B 398 -30.61 4.88 -40.67
C ALA B 398 -31.10 6.24 -40.19
N ASN B 399 -31.77 6.28 -39.04
CA ASN B 399 -32.43 7.50 -38.57
C ASN B 399 -31.73 8.12 -37.36
N GLN B 400 -30.50 7.70 -37.08
CA GLN B 400 -29.75 8.25 -35.94
C GLN B 400 -29.47 9.72 -36.16
N HIS B 401 -29.13 10.41 -35.09
CA HIS B 401 -28.82 11.83 -35.17
C HIS B 401 -27.67 12.07 -36.16
N PRO B 402 -27.73 13.14 -36.96
CA PRO B 402 -26.66 13.37 -37.94
C PRO B 402 -25.29 13.59 -37.33
N SER B 403 -25.20 13.98 -36.06
CA SER B 403 -23.88 14.22 -35.47
C SER B 403 -23.12 12.93 -35.17
N LEU B 404 -23.80 11.78 -35.15
CA LEU B 404 -23.13 10.51 -34.90
C LEU B 404 -22.32 10.06 -36.11
N PRO B 405 -21.20 9.37 -35.90
CA PRO B 405 -20.46 8.81 -37.03
C PRO B 405 -21.27 7.74 -37.73
N ARG B 406 -21.17 7.71 -39.06
CA ARG B 406 -21.90 6.75 -39.88
C ARG B 406 -20.92 5.79 -40.54
N ALA B 407 -21.15 4.51 -40.36
CA ALA B 407 -20.27 3.51 -40.98
C ALA B 407 -20.56 3.42 -42.48
N PRO B 408 -19.54 3.39 -43.32
CA PRO B 408 -19.79 3.36 -44.76
C PRO B 408 -20.29 1.99 -45.22
N TYR B 409 -21.02 2.03 -46.33
CA TYR B 409 -21.47 0.82 -46.99
C TYR B 409 -20.27 -0.06 -47.32
N PRO B 410 -20.35 -1.37 -47.09
CA PRO B 410 -21.49 -2.13 -46.59
C PRO B 410 -21.35 -2.59 -45.13
N LEU B 411 -20.63 -1.86 -44.28
CA LEU B 411 -20.46 -2.25 -42.89
C LEU B 411 -21.82 -2.32 -42.20
N SER B 412 -22.04 -3.43 -41.47
CA SER B 412 -23.28 -3.59 -40.74
C SER B 412 -23.02 -4.62 -39.65
N PRO B 413 -23.55 -4.45 -38.44
CA PRO B 413 -24.34 -3.30 -37.96
C PRO B 413 -23.43 -2.17 -37.49
N GLY B 414 -23.67 -0.95 -37.97
CA GLY B 414 -22.76 0.12 -37.67
C GLY B 414 -21.37 -0.28 -38.15
N PHE B 415 -20.37 0.01 -37.32
CA PHE B 415 -19.01 -0.39 -37.64
C PHE B 415 -18.73 -1.85 -37.29
N GLY B 416 -19.70 -2.59 -36.78
CA GLY B 416 -19.43 -3.99 -36.47
C GLY B 416 -18.35 -4.13 -35.42
N ARG B 417 -17.48 -5.11 -35.61
CA ARG B 417 -16.40 -5.32 -34.65
C ARG B 417 -15.54 -4.09 -34.46
N GLY B 418 -15.51 -3.19 -35.45
CA GLY B 418 -14.79 -1.94 -35.31
C GLY B 418 -15.22 -1.08 -34.13
N MET B 419 -16.46 -1.25 -33.63
CA MET B 419 -16.92 -0.51 -32.45
C MET B 419 -17.10 -1.41 -31.24
N ALA B 420 -16.31 -2.50 -31.19
CA ALA B 420 -16.51 -3.54 -30.18
C ALA B 420 -16.51 -3.00 -28.75
N ARG B 421 -15.63 -2.04 -28.44
CA ARG B 421 -15.46 -1.67 -27.05
C ARG B 421 -16.71 -1.01 -26.46
N THR B 422 -17.61 -0.49 -27.30
CA THR B 422 -18.87 -0.01 -26.74
C THR B 422 -19.67 -1.15 -26.12
N TYR B 423 -19.66 -2.31 -26.76
CA TYR B 423 -20.52 -3.43 -26.40
C TYR B 423 -19.82 -4.45 -25.53
N THR B 424 -18.49 -4.59 -25.61
CA THR B 424 -17.80 -5.30 -24.55
C THR B 424 -17.77 -4.47 -23.28
N GLY B 425 -17.79 -3.14 -23.40
CA GLY B 425 -17.89 -2.30 -22.22
C GLY B 425 -19.19 -2.54 -21.47
N ASP B 426 -20.32 -2.45 -22.19
CA ASP B 426 -21.62 -2.71 -21.57
C ASP B 426 -21.63 -4.06 -20.86
N TYR B 427 -21.32 -5.14 -21.60
CA TYR B 427 -21.31 -6.45 -20.99
C TYR B 427 -20.36 -6.50 -19.79
N THR B 428 -19.18 -5.86 -19.91
CA THR B 428 -18.29 -5.84 -18.74
C THR B 428 -18.99 -5.17 -17.56
N MET B 429 -19.59 -3.99 -17.79
CA MET B 429 -20.32 -3.33 -16.71
C MET B 429 -21.37 -4.24 -16.12
N LEU B 430 -22.01 -5.07 -16.94
CA LEU B 430 -23.02 -5.97 -16.39
C LEU B 430 -22.37 -7.00 -15.46
N VAL B 431 -21.32 -7.68 -15.92
CA VAL B 431 -20.94 -8.87 -15.17
C VAL B 431 -20.08 -8.49 -13.96
N VAL B 432 -19.35 -7.38 -14.03
CA VAL B 432 -18.48 -6.97 -12.93
C VAL B 432 -19.19 -6.02 -11.96
N CYS B 433 -20.02 -5.10 -12.46
CA CYS B 433 -20.57 -4.03 -11.66
C CYS B 433 -22.08 -4.05 -11.53
N ASN B 434 -22.78 -4.87 -12.31
CA ASN B 434 -24.24 -4.84 -12.39
C ASN B 434 -24.74 -3.45 -12.81
N SER B 435 -24.04 -2.82 -13.73
CA SER B 435 -24.49 -1.56 -14.31
C SER B 435 -24.59 -1.72 -15.83
N ARG B 436 -24.94 -0.63 -16.51
CA ARG B 436 -25.12 -0.73 -17.95
C ARG B 436 -24.71 0.56 -18.63
N GLU B 437 -24.19 0.41 -19.85
CA GLU B 437 -24.10 1.56 -20.75
C GLU B 437 -25.48 1.86 -21.32
N ARG B 438 -25.65 3.07 -21.82
CA ARG B 438 -26.95 3.51 -22.30
C ARG B 438 -26.86 3.96 -23.74
N SER B 439 -27.99 3.87 -24.44
CA SER B 439 -28.11 4.37 -25.80
C SER B 439 -28.26 5.90 -25.77
N LEU B 440 -28.09 6.51 -26.95
CA LEU B 440 -28.32 7.94 -27.07
C LEU B 440 -29.75 8.29 -26.66
N GLU B 441 -30.72 7.45 -27.04
CA GLU B 441 -32.11 7.71 -26.68
C GLU B 441 -32.30 7.66 -25.16
N ASP B 442 -31.65 6.71 -24.49
CA ASP B 442 -31.75 6.64 -23.03
C ASP B 442 -31.20 7.92 -22.38
N PHE B 443 -30.03 8.37 -22.84
CA PHE B 443 -29.46 9.62 -22.31
C PHE B 443 -30.40 10.79 -22.55
N ILE B 444 -30.95 10.89 -23.77
CA ILE B 444 -31.84 12.00 -24.10
C ILE B 444 -33.06 11.98 -23.19
N GLU B 445 -33.58 10.78 -22.89
CA GLU B 445 -34.73 10.68 -21.99
C GLU B 445 -34.39 11.12 -20.58
N LEU B 446 -33.25 10.68 -20.04
CA LEU B 446 -32.85 11.12 -18.70
C LEU B 446 -32.74 12.63 -18.64
N CYS B 447 -32.01 13.22 -19.59
CA CYS B 447 -31.83 14.67 -19.58
C CYS B 447 -33.15 15.41 -19.79
N SER B 448 -34.02 14.88 -20.64
CA SER B 448 -35.34 15.47 -20.82
C SER B 448 -36.10 15.51 -19.51
N ALA B 449 -36.00 14.43 -18.73
CA ALA B 449 -36.61 14.43 -17.41
C ALA B 449 -35.99 15.47 -16.50
N ALA B 450 -34.74 15.86 -16.73
CA ALA B 450 -34.15 16.96 -15.95
C ALA B 450 -34.20 18.30 -16.67
N ASP B 451 -35.09 18.46 -17.64
CA ASP B 451 -35.27 19.72 -18.35
C ASP B 451 -34.02 20.15 -19.12
N LEU B 452 -33.37 19.18 -19.77
CA LEU B 452 -32.21 19.40 -20.61
C LEU B 452 -32.53 18.94 -22.03
N LYS B 453 -32.25 19.80 -23.00
CA LYS B 453 -32.49 19.54 -24.42
C LYS B 453 -31.21 19.06 -25.08
N PHE B 454 -31.32 18.03 -25.92
CA PHE B 454 -30.16 17.48 -26.61
C PHE B 454 -29.73 18.37 -27.76
N VAL B 455 -28.40 18.54 -27.91
CA VAL B 455 -27.84 19.34 -28.99
C VAL B 455 -27.21 18.41 -30.03
N ARG B 456 -26.12 17.74 -29.66
CA ARG B 456 -25.40 16.90 -30.60
C ARG B 456 -24.47 15.97 -29.85
N VAL B 457 -23.85 15.05 -30.60
CA VAL B 457 -22.82 14.16 -30.10
C VAL B 457 -21.48 14.65 -30.62
N TRP B 458 -20.46 14.60 -29.76
CA TRP B 458 -19.07 14.85 -30.16
C TRP B 458 -18.37 13.50 -30.08
N ASP B 459 -18.04 12.94 -31.26
CA ASP B 459 -17.54 11.57 -31.37
C ASP B 459 -16.05 11.55 -31.01
N LEU B 460 -15.68 10.78 -29.99
CA LEU B 460 -14.27 10.59 -29.66
C LEU B 460 -13.70 9.34 -30.29
N ALA B 461 -14.46 8.66 -31.16
CA ALA B 461 -14.05 7.39 -31.74
C ALA B 461 -13.73 6.35 -30.67
N GLU B 462 -14.39 6.47 -29.53
CA GLU B 462 -14.30 5.52 -28.42
C GLU B 462 -15.58 5.66 -27.63
N THR B 463 -15.54 6.44 -26.55
CA THR B 463 -16.76 6.94 -25.96
C THR B 463 -17.27 8.10 -26.81
N SER B 464 -18.38 8.69 -26.39
CA SER B 464 -18.92 9.86 -27.05
C SER B 464 -19.18 10.93 -25.99
N VAL B 465 -19.18 12.18 -26.44
CA VAL B 465 -19.49 13.32 -25.58
C VAL B 465 -20.80 13.90 -26.08
N THR B 466 -21.86 13.73 -25.31
CA THR B 466 -23.16 14.28 -25.70
C THR B 466 -23.36 15.64 -25.04
N GLU B 467 -23.89 16.58 -25.82
CA GLU B 467 -24.04 17.97 -25.39
C GLU B 467 -25.52 18.26 -25.16
N PHE B 468 -25.82 18.89 -24.02
CA PHE B 468 -27.18 19.26 -23.66
C PHE B 468 -27.20 20.72 -23.20
N VAL B 469 -28.34 21.38 -23.37
CA VAL B 469 -28.51 22.76 -22.91
C VAL B 469 -29.80 22.85 -22.10
N PRO B 470 -29.92 23.87 -21.25
CA PRO B 470 -31.19 24.03 -20.52
C PRO B 470 -32.34 24.25 -21.48
N ALA B 471 -33.42 23.51 -21.27
CA ALA B 471 -34.58 23.61 -22.14
C ALA B 471 -35.40 24.85 -21.81
N ARG C 15 30.13 37.37 21.94
CA ARG C 15 30.48 37.80 20.59
C ARG C 15 29.56 38.91 20.11
N HIS C 16 29.26 38.89 18.81
CA HIS C 16 28.49 39.94 18.17
C HIS C 16 27.30 39.42 17.36
N MET C 17 27.04 38.10 17.42
CA MET C 17 26.02 37.51 16.56
C MET C 17 24.61 37.96 16.94
N THR C 18 24.38 38.38 18.19
CA THR C 18 23.08 38.91 18.55
C THR C 18 22.88 40.36 18.11
N THR C 19 23.94 41.07 17.70
CA THR C 19 23.84 42.50 17.39
C THR C 19 24.27 42.88 15.98
N LEU C 20 24.92 41.99 15.24
CA LEU C 20 25.47 42.35 13.93
C LEU C 20 24.37 42.70 12.93
N SER C 21 23.41 41.80 12.74
CA SER C 21 22.23 42.03 11.91
C SER C 21 21.01 41.94 12.81
N PRO C 22 20.53 43.05 13.36
CA PRO C 22 19.58 42.98 14.48
C PRO C 22 18.18 42.54 14.06
N SER C 23 17.48 41.93 15.01
CA SER C 23 16.11 41.50 14.79
C SER C 23 15.45 41.28 16.14
N GLU C 24 14.12 41.19 16.13
CA GLU C 24 13.40 40.90 17.37
C GLU C 24 13.74 39.51 17.88
N GLY C 25 13.88 38.54 16.98
CA GLY C 25 14.23 37.19 17.40
C GLY C 25 15.59 37.11 18.06
N LYS C 26 16.56 37.86 17.53
CA LYS C 26 17.87 37.92 18.17
C LYS C 26 17.79 38.61 19.53
N ALA C 27 16.96 39.64 19.65
CA ALA C 27 16.78 40.27 20.95
C ALA C 27 16.21 39.30 21.95
N GLN C 28 15.25 38.47 21.51
CA GLN C 28 14.68 37.49 22.42
C GLN C 28 15.71 36.43 22.80
N ILE C 29 16.56 36.00 21.86
CA ILE C 29 17.61 35.04 22.22
C ILE C 29 18.54 35.64 23.27
N ARG C 30 18.97 36.89 23.05
CA ARG C 30 19.86 37.51 24.01
C ARG C 30 19.17 37.68 25.37
N ALA C 31 17.87 37.93 25.37
CA ALA C 31 17.16 38.08 26.64
C ALA C 31 17.03 36.73 27.34
N LEU C 32 16.87 35.64 26.57
CA LEU C 32 16.90 34.31 27.19
C LEU C 32 18.26 34.06 27.82
N LEU C 33 19.34 34.40 27.12
CA LEU C 33 20.68 34.25 27.68
C LEU C 33 20.84 35.05 28.96
N ASN C 34 20.29 36.26 29.00
CA ASN C 34 20.35 37.07 30.22
C ASN C 34 19.57 36.42 31.35
N LEU C 35 18.40 35.87 31.06
CA LEU C 35 17.64 35.15 32.08
C LEU C 35 18.46 33.97 32.62
N ILE C 36 19.10 33.21 31.74
CA ILE C 36 19.88 32.05 32.16
C ILE C 36 21.04 32.47 33.04
N ASN C 37 21.78 33.50 32.62
CA ASN C 37 22.95 33.92 33.39
C ASN C 37 22.53 34.48 34.76
N THR C 38 21.53 35.37 34.80
CA THR C 38 21.14 35.95 36.08
C THR C 38 20.51 34.91 37.00
N SER C 39 19.71 33.99 36.46
CA SER C 39 19.13 32.94 37.28
C SER C 39 20.20 32.02 37.84
N ALA C 40 21.19 31.64 37.03
CA ALA C 40 22.28 30.83 37.56
C ALA C 40 23.00 31.55 38.70
N GLU C 41 23.23 32.85 38.54
CA GLU C 41 23.90 33.60 39.60
C GLU C 41 23.04 33.69 40.86
N GLN C 42 21.72 33.78 40.71
N GLN C 42 21.72 33.79 40.71
CA GLN C 42 20.83 33.79 41.87
CA GLN C 42 20.84 33.80 41.88
C GLN C 42 20.82 32.44 42.58
C GLN C 42 20.84 32.44 42.58
N ALA C 43 20.87 31.35 41.80
CA ALA C 43 20.95 30.02 42.40
C ALA C 43 22.27 29.85 43.16
N ILE C 44 23.37 30.34 42.57
CA ILE C 44 24.62 30.36 43.31
C ILE C 44 24.45 31.12 44.62
N ALA C 45 23.77 32.27 44.58
CA ALA C 45 23.56 33.06 45.79
C ALA C 45 22.77 32.29 46.83
N GLU C 46 21.82 31.47 46.39
CA GLU C 46 21.07 30.65 47.36
C GLU C 46 22.00 29.66 48.06
N TYR C 47 22.90 29.03 47.29
CA TYR C 47 23.86 28.13 47.92
C TYR C 47 24.79 28.89 48.86
N ASP C 48 25.16 30.13 48.51
CA ASP C 48 26.00 30.96 49.37
C ASP C 48 25.27 31.34 50.65
N LYS C 49 23.98 31.67 50.54
N LYS C 49 23.99 31.71 50.53
CA LYS C 49 23.18 32.03 51.71
CA LYS C 49 23.15 32.01 51.68
C LYS C 49 23.09 30.88 52.70
C LYS C 49 23.18 30.87 52.70
N GLN C 50 23.15 29.63 52.22
CA GLN C 50 23.21 28.52 53.15
C GLN C 50 24.65 28.11 53.47
N GLU C 51 25.63 28.92 53.04
CA GLU C 51 27.05 28.64 53.26
C GLU C 51 27.44 27.26 52.73
N CYS C 52 26.87 26.89 51.58
CA CYS C 52 27.15 25.62 50.93
C CYS C 52 27.89 25.85 49.62
N ASP C 53 28.73 24.90 49.27
CA ASP C 53 29.34 24.96 47.96
C ASP C 53 28.32 24.54 46.90
N ILE C 54 28.69 24.74 45.64
CA ILE C 54 27.87 24.28 44.51
C ILE C 54 27.81 22.76 44.52
N PRO C 55 26.64 22.15 44.33
CA PRO C 55 26.55 20.68 44.31
C PRO C 55 27.41 20.07 43.21
N SER C 56 27.81 18.83 43.42
CA SER C 56 28.60 18.07 42.45
C SER C 56 27.77 16.90 41.93
N LEU C 57 27.86 16.64 40.62
CA LEU C 57 27.20 15.50 40.01
C LEU C 57 28.09 14.26 40.00
N THR C 58 29.30 14.34 40.56
CA THR C 58 30.17 13.19 40.67
C THR C 58 30.41 12.75 42.11
N SER C 59 30.05 13.60 43.07
CA SER C 59 30.21 13.24 44.48
C SER C 59 29.35 12.03 44.82
N GLY C 60 29.88 11.17 45.69
CA GLY C 60 29.20 9.96 46.12
C GLY C 60 28.44 10.09 47.41
N GLU C 61 28.33 11.28 47.96
CA GLU C 61 27.56 11.51 49.18
C GLU C 61 26.63 12.70 48.98
N PRO C 62 25.54 12.77 49.73
CA PRO C 62 24.59 13.87 49.53
C PRO C 62 25.21 15.22 49.83
N HIS C 63 24.72 16.22 49.12
CA HIS C 63 24.95 17.63 49.41
C HIS C 63 24.11 18.04 50.61
N PRO C 64 24.61 18.90 51.50
CA PRO C 64 23.83 19.25 52.70
C PRO C 64 22.42 19.73 52.42
N MET C 65 22.17 20.34 51.26
CA MET C 65 20.83 20.82 50.97
C MET C 65 19.96 19.81 50.22
N ASP C 66 20.47 18.60 49.97
CA ASP C 66 19.68 17.59 49.26
C ASP C 66 18.43 17.17 50.04
N ASP C 67 18.51 17.13 51.37
CA ASP C 67 17.35 16.75 52.17
C ASP C 67 16.73 17.93 52.90
N ARG C 68 16.97 19.15 52.41
CA ARG C 68 16.40 20.34 53.03
C ARG C 68 15.29 20.89 52.15
N LEU C 69 14.36 21.60 52.77
CA LEU C 69 13.31 22.29 52.04
C LEU C 69 13.97 23.31 51.11
N PRO C 70 13.73 23.26 49.79
CA PRO C 70 14.27 24.30 48.91
C PRO C 70 13.64 25.65 49.23
N SER C 71 14.46 26.69 49.23
CA SER C 71 13.93 28.01 49.48
C SER C 71 12.99 28.43 48.35
N LEU C 72 12.06 29.32 48.67
CA LEU C 72 11.18 29.90 47.67
C LEU C 72 11.98 30.58 46.56
N GLU C 73 13.02 31.31 46.93
N GLU C 73 13.03 31.32 46.92
CA GLU C 73 13.83 32.01 45.94
CA GLU C 73 13.82 32.00 45.90
C GLU C 73 14.51 31.03 44.99
C GLU C 73 14.51 31.02 44.98
N LEU C 74 15.07 29.93 45.53
CA LEU C 74 15.70 28.93 44.67
C LEU C 74 14.67 28.32 43.73
N LYS C 75 13.45 28.05 44.21
CA LYS C 75 12.46 27.44 43.34
C LYS C 75 12.01 28.40 42.23
N ASN C 76 11.84 29.69 42.57
CA ASN C 76 11.50 30.68 41.53
C ASN C 76 12.64 30.82 40.52
N THR C 77 13.88 30.81 40.98
N THR C 77 13.87 30.85 41.02
CA THR C 77 15.00 30.96 40.05
CA THR C 77 15.04 30.92 40.14
C THR C 77 15.15 29.73 39.17
C THR C 77 15.06 29.75 39.17
N LEU C 78 14.85 28.54 39.69
CA LEU C 78 14.90 27.34 38.86
C LEU C 78 13.79 27.36 37.83
N ARG C 79 12.61 27.85 38.21
CA ARG C 79 11.53 28.02 37.26
C ARG C 79 11.99 28.86 36.06
N ILE C 80 12.62 30.00 36.34
CA ILE C 80 13.07 30.86 35.24
C ILE C 80 14.20 30.20 34.45
N LEU C 81 15.16 29.58 35.15
CA LEU C 81 16.32 28.99 34.48
C LEU C 81 15.89 27.84 33.57
N GLU C 82 15.07 26.92 34.08
CA GLU C 82 14.60 25.80 33.28
C GLU C 82 13.74 26.27 32.11
N GLY C 83 12.84 27.24 32.36
CA GLY C 83 12.05 27.77 31.26
C GLY C 83 12.91 28.39 30.17
N ALA C 84 13.92 29.16 30.56
CA ALA C 84 14.73 29.88 29.59
C ALA C 84 15.63 28.94 28.82
N CYS C 85 16.25 27.97 29.50
CA CYS C 85 17.07 26.98 28.81
C CYS C 85 16.25 26.18 27.81
N ALA C 86 15.07 25.69 28.24
CA ALA C 86 14.23 24.93 27.33
C ALA C 86 13.85 25.77 26.12
N GLN C 87 13.42 27.02 26.34
CA GLN C 87 12.99 27.84 25.21
C GLN C 87 14.14 28.13 24.26
N LEU C 88 15.32 28.41 24.80
CA LEU C 88 16.48 28.70 23.96
C LEU C 88 16.83 27.51 23.07
N CYS C 89 16.89 26.31 23.66
CA CYS C 89 17.24 25.13 22.88
C CYS C 89 16.17 24.80 21.84
N VAL C 90 14.89 24.88 22.23
CA VAL C 90 13.85 24.50 21.28
C VAL C 90 13.76 25.54 20.17
N THR C 91 14.09 26.80 20.45
CA THR C 91 14.12 27.80 19.39
C THR C 91 15.26 27.54 18.40
N LEU C 92 16.45 27.23 18.90
CA LEU C 92 17.59 27.11 17.99
C LEU C 92 17.67 25.74 17.30
N ALA C 93 17.07 24.71 17.88
CA ALA C 93 17.23 23.41 17.23
C ALA C 93 16.16 23.23 16.16
N PRO C 94 16.44 22.42 15.13
CA PRO C 94 15.40 22.07 14.15
C PRO C 94 14.23 21.38 14.82
N PRO C 95 13.00 21.65 14.36
CA PRO C 95 11.83 21.05 15.03
C PRO C 95 11.83 19.52 15.07
N ALA C 96 12.33 18.85 14.02
CA ALA C 96 12.37 17.39 14.00
C ALA C 96 13.32 16.85 15.07
N HIS C 97 14.42 17.56 15.31
CA HIS C 97 15.36 17.18 16.35
C HIS C 97 14.68 17.18 17.74
N THR C 98 14.03 18.30 18.08
CA THR C 98 13.36 18.39 19.37
C THR C 98 12.25 17.36 19.49
N MET C 99 11.46 17.17 18.41
CA MET C 99 10.32 16.27 18.49
C MET C 99 10.77 14.81 18.61
N LEU C 100 11.84 14.43 17.91
CA LEU C 100 12.44 13.11 18.08
C LEU C 100 12.86 12.88 19.53
N ASN C 101 13.57 13.85 20.11
CA ASN C 101 13.94 13.69 21.51
C ASN C 101 12.71 13.58 22.42
N TYR C 102 11.66 14.37 22.16
CA TYR C 102 10.41 14.21 22.91
C TYR C 102 9.87 12.78 22.79
N SER C 103 9.88 12.24 21.58
CA SER C 103 9.34 10.91 21.37
C SER C 103 10.13 9.87 22.12
N MET C 104 11.37 10.15 22.51
CA MET C 104 12.13 9.15 23.24
C MET C 104 12.22 9.41 24.75
N ASP C 105 11.40 10.32 25.28
CA ASP C 105 11.46 10.66 26.69
C ASP C 105 10.82 9.60 27.60
N VAL C 106 10.14 8.60 27.03
CA VAL C 106 9.60 7.50 27.81
C VAL C 106 10.72 6.60 28.36
N LEU C 107 11.90 6.68 27.73
CA LEU C 107 12.96 5.69 27.99
C LEU C 107 13.62 5.90 29.35
N VAL C 108 13.93 7.15 29.72
CA VAL C 108 14.58 7.38 31.01
C VAL C 108 13.71 6.92 32.16
N PRO C 109 12.40 7.25 32.23
CA PRO C 109 11.58 6.69 33.31
C PRO C 109 11.48 5.18 33.28
N SER C 110 11.48 4.57 32.08
CA SER C 110 11.56 3.11 32.03
C SER C 110 12.83 2.60 32.71
N CYS C 111 13.97 3.24 32.45
CA CYS C 111 15.23 2.80 33.05
C CYS C 111 15.23 3.02 34.56
N ILE C 112 14.66 4.14 35.01
CA ILE C 112 14.56 4.38 36.44
C ILE C 112 13.75 3.27 37.11
N SER C 113 12.60 2.92 36.52
CA SER C 113 11.79 1.85 37.12
C SER C 113 12.57 0.54 37.15
N THR C 114 13.28 0.24 36.07
CA THR C 114 14.03 -1.01 36.01
C THR C 114 15.11 -1.06 37.10
N VAL C 115 15.86 0.03 37.28
CA VAL C 115 16.93 -0.02 38.27
C VAL C 115 16.37 0.03 39.68
N ILE C 116 15.20 0.63 39.88
CA ILE C 116 14.55 0.53 41.19
C ILE C 116 14.17 -0.92 41.47
N GLN C 117 13.53 -1.59 40.50
CA GLN C 117 13.14 -2.98 40.68
C GLN C 117 14.37 -3.87 40.92
N ALA C 118 15.48 -3.56 40.26
CA ALA C 118 16.71 -4.35 40.39
C ALA C 118 17.52 -4.02 41.64
N GLY C 119 17.17 -2.95 42.36
CA GLY C 119 17.89 -2.59 43.57
C GLY C 119 19.33 -2.17 43.32
N VAL C 120 19.57 -1.47 42.19
CA VAL C 120 20.95 -1.11 41.84
C VAL C 120 21.51 -0.09 42.82
N ALA C 121 20.75 0.94 43.17
CA ALA C 121 21.28 1.97 44.06
C ALA C 121 21.61 1.44 45.45
N PRO C 122 20.76 0.64 46.13
CA PRO C 122 21.18 0.09 47.43
C PRO C 122 22.40 -0.83 47.32
N LEU C 123 22.45 -1.63 46.25
CA LEU C 123 23.60 -2.48 46.01
C LEU C 123 24.88 -1.65 45.87
N LEU C 124 24.79 -0.53 45.15
CA LEU C 124 25.96 0.32 45.01
C LEU C 124 26.28 1.07 46.31
N ALA C 125 25.26 1.33 47.13
CA ALA C 125 25.53 1.96 48.42
C ALA C 125 26.29 1.03 49.34
N LYS C 126 26.08 -0.29 49.19
CA LYS C 126 26.90 -1.23 49.95
C LYS C 126 28.35 -1.20 49.52
N HIS C 127 28.63 -0.77 48.29
CA HIS C 127 29.98 -0.72 47.74
C HIS C 127 30.23 0.66 47.16
N PRO C 128 30.53 1.65 48.01
CA PRO C 128 30.52 3.05 47.54
C PRO C 128 31.54 3.37 46.47
N LYS C 129 32.67 2.66 46.42
CA LYS C 129 33.67 2.94 45.38
C LYS C 129 33.27 2.41 44.02
N GLY C 130 32.21 1.61 43.92
CA GLY C 130 31.71 1.16 42.65
C GLY C 130 31.72 -0.35 42.50
N LEU C 131 30.93 -0.88 41.58
CA LEU C 131 30.90 -2.31 41.32
C LEU C 131 31.05 -2.55 39.83
N HIS C 132 31.86 -3.54 39.47
CA HIS C 132 31.98 -3.93 38.07
C HIS C 132 30.65 -4.51 37.58
N ILE C 133 30.37 -4.32 36.29
CA ILE C 133 29.06 -4.67 35.74
C ILE C 133 28.79 -6.17 35.85
N ASP C 134 29.83 -7.01 35.90
CA ASP C 134 29.58 -8.46 36.04
C ASP C 134 29.06 -8.80 37.43
N VAL C 135 29.53 -8.08 38.44
CA VAL C 135 28.99 -8.26 39.78
C VAL C 135 27.54 -7.79 39.84
N LEU C 136 27.24 -6.63 39.25
CA LEU C 136 25.87 -6.13 39.20
C LEU C 136 24.97 -7.12 38.46
N SER C 137 25.48 -7.72 37.39
CA SER C 137 24.71 -8.70 36.64
C SER C 137 24.43 -9.93 37.50
N LYS C 138 25.45 -10.45 38.19
CA LYS C 138 25.26 -11.60 39.04
C LYS C 138 24.24 -11.32 40.14
N GLU C 139 24.24 -10.10 40.69
CA GLU C 139 23.34 -9.80 41.80
C GLU C 139 21.91 -9.53 41.34
N THR C 140 21.74 -8.89 40.18
CA THR C 140 20.40 -8.55 39.71
C THR C 140 19.76 -9.62 38.84
N GLY C 141 20.55 -10.50 38.22
CA GLY C 141 20.05 -11.43 37.25
C GLY C 141 19.84 -10.86 35.85
N ILE C 142 20.32 -9.65 35.58
CA ILE C 142 20.19 -9.04 34.27
C ILE C 142 21.50 -9.18 33.50
N HIS C 143 21.39 -9.48 32.21
CA HIS C 143 22.55 -9.58 31.33
C HIS C 143 23.42 -8.33 31.47
N PRO C 144 24.74 -8.47 31.62
CA PRO C 144 25.58 -7.29 31.93
C PRO C 144 25.51 -6.20 30.87
N GLN C 145 25.46 -6.54 29.58
CA GLN C 145 25.42 -5.49 28.58
C GLN C 145 24.05 -4.82 28.52
N LYS C 146 22.96 -5.56 28.79
CA LYS C 146 21.65 -4.91 28.83
C LYS C 146 21.56 -3.94 30.02
N LEU C 147 22.06 -4.38 31.18
CA LEU C 147 22.08 -3.50 32.35
C LEU C 147 22.99 -2.29 32.13
N ALA C 148 24.11 -2.48 31.44
CA ALA C 148 24.98 -1.34 31.14
C ALA C 148 24.30 -0.36 30.19
N THR C 149 23.54 -0.87 29.21
CA THR C 149 22.77 0.04 28.34
C THR C 149 21.84 0.91 29.16
N ILE C 150 21.10 0.28 30.09
CA ILE C 150 20.18 1.01 30.96
C ILE C 150 20.93 2.04 31.81
N LEU C 151 22.01 1.61 32.45
CA LEU C 151 22.76 2.48 33.35
C LEU C 151 23.37 3.66 32.60
N ARG C 152 23.87 3.44 31.39
CA ARG C 152 24.51 4.53 30.66
C ARG C 152 23.50 5.55 30.20
N LEU C 153 22.29 5.13 29.83
CA LEU C 153 21.27 6.14 29.55
C LEU C 153 20.97 6.98 30.79
N LEU C 154 20.93 6.35 31.98
CA LEU C 154 20.69 7.14 33.19
C LEU C 154 21.87 8.05 33.52
N ILE C 155 23.09 7.57 33.32
CA ILE C 155 24.31 8.29 33.67
C ILE C 155 24.48 9.51 32.77
N LEU C 156 24.17 9.35 31.48
CA LEU C 156 24.16 10.48 30.57
C LEU C 156 23.24 11.58 31.07
N ASN C 157 22.18 11.20 31.78
CA ASN C 157 21.25 12.12 32.40
C ASN C 157 21.56 12.39 33.87
N TYR C 158 22.82 12.18 34.28
CA TYR C 158 23.38 12.61 35.55
C TYR C 158 22.84 11.81 36.74
N CYS C 159 22.43 10.57 36.49
CA CYS C 159 21.96 9.67 37.53
C CYS C 159 22.81 8.39 37.49
N PHE C 160 23.47 8.10 38.60
CA PHE C 160 24.58 7.14 38.69
C PHE C 160 25.77 7.72 37.95
N GLN C 161 26.88 6.99 37.94
CA GLN C 161 28.07 7.40 37.21
C GLN C 161 28.90 6.17 36.91
N GLU C 162 29.74 6.30 35.88
CA GLU C 162 30.70 5.27 35.49
C GLU C 162 32.09 5.74 35.97
N VAL C 163 32.66 5.06 36.96
CA VAL C 163 33.91 5.54 37.56
C VAL C 163 35.14 5.03 36.79
N GLU C 164 35.07 3.79 36.30
CA GLU C 164 35.99 3.23 35.31
C GLU C 164 35.14 2.49 34.29
N SER C 165 35.77 2.05 33.20
CA SER C 165 35.04 1.32 32.18
C SER C 165 34.32 0.12 32.78
N ASN C 166 32.99 0.10 32.65
CA ASN C 166 32.13 -0.99 33.15
C ASN C 166 32.10 -1.09 34.67
N VAL C 167 32.49 -0.05 35.40
CA VAL C 167 32.41 -0.02 36.86
C VAL C 167 31.52 1.16 37.23
N PHE C 168 30.45 0.89 37.95
CA PHE C 168 29.41 1.89 38.17
C PHE C 168 29.27 2.19 39.65
N ALA C 169 28.85 3.42 39.94
CA ALA C 169 28.72 3.90 41.29
C ALA C 169 27.51 4.84 41.38
N ASN C 170 27.10 5.11 42.61
CA ASN C 170 26.04 6.07 42.87
C ASN C 170 26.58 7.48 42.67
N ASN C 171 25.67 8.40 42.38
CA ASN C 171 25.92 9.82 42.51
C ASN C 171 24.71 10.43 43.22
N ARG C 172 24.70 11.76 43.38
CA ARG C 172 23.66 12.37 44.21
C ARG C 172 22.26 12.17 43.67
N LEU C 173 22.08 11.94 42.36
CA LEU C 173 20.73 11.71 41.88
C LEU C 173 20.30 10.25 42.09
N SER C 174 21.21 9.28 41.92
CA SER C 174 20.80 7.91 42.21
C SER C 174 20.61 7.66 43.70
N LEU C 175 21.20 8.49 44.57
CA LEU C 175 20.94 8.34 46.01
C LEU C 175 19.47 8.62 46.35
N THR C 176 18.74 9.37 45.53
CA THR C 176 17.31 9.52 45.77
C THR C 176 16.56 8.20 45.63
N LEU C 177 17.20 7.18 45.06
CA LEU C 177 16.56 5.89 44.85
C LEU C 177 16.80 4.91 46.00
N LEU C 178 17.49 5.33 47.06
CA LEU C 178 17.70 4.44 48.20
C LEU C 178 16.38 4.24 48.96
N PRO C 179 16.14 3.02 49.47
CA PRO C 179 14.81 2.72 50.06
C PRO C 179 14.45 3.59 51.26
N GLU C 180 15.41 4.24 51.91
CA GLU C 180 15.11 5.04 53.08
C GLU C 180 14.65 6.46 52.74
N THR C 181 14.96 6.96 51.56
CA THR C 181 14.74 8.39 51.29
C THR C 181 13.25 8.69 51.21
N SER C 182 12.94 9.97 51.31
CA SER C 182 11.56 10.42 51.28
C SER C 182 11.00 10.55 49.88
N VAL C 183 11.79 10.27 48.84
CA VAL C 183 11.35 10.48 47.47
C VAL C 183 11.34 9.19 46.65
N VAL C 184 11.95 8.10 47.13
CA VAL C 184 12.01 6.89 46.31
C VAL C 184 10.62 6.34 46.01
N ASP C 185 9.66 6.51 46.93
CA ASP C 185 8.35 5.90 46.72
C ASP C 185 7.57 6.62 45.62
N ILE C 186 7.68 7.96 45.54
CA ILE C 186 6.96 8.64 44.45
C ILE C 186 7.64 8.38 43.11
N LEU C 187 8.97 8.29 43.09
CA LEU C 187 9.67 7.95 41.85
C LEU C 187 9.30 6.54 41.40
N ASP C 188 9.23 5.60 42.35
CA ASP C 188 8.80 4.24 42.03
C ASP C 188 7.38 4.21 41.48
N LEU C 189 6.46 4.95 42.12
CA LEU C 189 5.07 4.96 41.65
C LEU C 189 4.96 5.60 40.26
N LYS C 190 5.56 6.78 40.06
CA LYS C 190 5.37 7.50 38.80
C LYS C 190 6.03 6.81 37.62
N THR C 191 7.12 6.08 37.83
CA THR C 191 7.75 5.32 36.76
C THR C 191 7.27 3.88 36.68
N GLY C 192 6.43 3.46 37.62
CA GLY C 192 6.12 2.05 37.80
C GLY C 192 5.13 1.53 36.78
N GLU C 193 4.90 0.21 36.88
CA GLU C 193 4.09 -0.50 35.91
C GLU C 193 2.64 -0.02 35.87
N MET C 194 2.10 0.42 37.02
CA MET C 194 0.72 0.92 37.02
C MET C 194 0.60 2.23 36.24
N HIS C 195 1.56 3.13 36.41
CA HIS C 195 1.55 4.36 35.61
C HIS C 195 1.83 4.09 34.15
N ARG C 196 2.65 3.08 33.85
CA ARG C 196 2.86 2.69 32.46
C ARG C 196 1.58 2.12 31.85
N LYS C 197 0.83 1.34 32.62
CA LYS C 197 -0.48 0.88 32.14
C LYS C 197 -1.44 2.03 31.95
N ALA C 198 -1.34 3.07 32.79
CA ALA C 198 -2.25 4.22 32.65
C ALA C 198 -2.07 4.94 31.32
N THR C 199 -0.86 4.93 30.77
CA THR C 199 -0.59 5.60 29.50
C THR C 199 -0.58 4.65 28.30
N LEU C 200 -0.89 3.37 28.51
CA LEU C 200 -0.75 2.39 27.43
C LEU C 200 -1.78 2.61 26.32
N TRP C 201 -3.02 2.93 26.68
CA TRP C 201 -4.12 3.01 25.71
C TRP C 201 -4.96 4.26 25.96
N VAL C 202 -4.31 5.42 26.03
CA VAL C 202 -5.01 6.66 26.38
C VAL C 202 -6.01 7.03 25.29
N TYR C 203 -5.59 7.02 24.03
CA TYR C 203 -6.50 7.41 22.95
C TYR C 203 -7.73 6.50 22.91
N ASP C 204 -7.53 5.20 23.03
CA ASP C 204 -8.66 4.27 22.99
C ASP C 204 -9.66 4.55 24.10
N ALA C 205 -9.17 4.83 25.32
CA ALA C 205 -10.06 5.17 26.43
C ALA C 205 -10.78 6.49 26.18
N LEU C 206 -10.11 7.44 25.52
CA LEU C 206 -10.69 8.76 25.30
C LEU C 206 -11.77 8.74 24.23
N VAL C 207 -11.68 7.84 23.24
CA VAL C 207 -12.74 7.73 22.24
C VAL C 207 -13.68 6.56 22.51
N ASP C 208 -13.45 5.78 23.57
CA ASP C 208 -14.36 4.72 23.93
C ASP C 208 -15.71 5.33 24.33
N PRO C 209 -16.83 4.79 23.84
CA PRO C 209 -18.13 5.43 24.14
C PRO C 209 -18.49 5.40 25.60
N ASP C 210 -17.89 4.51 26.38
CA ASP C 210 -18.17 4.42 27.80
C ASP C 210 -17.11 5.09 28.66
N PHE C 211 -15.84 5.05 28.26
CA PHE C 211 -14.78 5.66 29.05
C PHE C 211 -14.46 7.08 28.63
N GLY C 212 -14.85 7.50 27.43
CA GLY C 212 -14.52 8.79 26.90
C GLY C 212 -15.29 9.99 27.45
N PRO C 213 -16.62 9.94 27.44
CA PRO C 213 -17.39 11.18 27.66
C PRO C 213 -17.33 11.73 29.09
N THR C 214 -17.12 10.91 30.11
CA THR C 214 -17.26 11.41 31.47
C THR C 214 -15.93 11.43 32.20
N TYR C 215 -15.92 12.18 33.31
CA TYR C 215 -14.81 12.21 34.24
C TYR C 215 -15.05 11.31 35.46
N ASP C 216 -15.88 10.28 35.31
CA ASP C 216 -16.17 9.38 36.43
C ASP C 216 -14.90 8.68 36.89
N GLY C 217 -14.84 8.42 38.21
CA GLY C 217 -13.61 7.87 38.77
C GLY C 217 -13.26 6.50 38.21
N ASN C 218 -14.26 5.66 37.98
CA ASN C 218 -13.99 4.32 37.47
C ASN C 218 -13.90 4.28 35.95
N LYS C 219 -13.62 5.41 35.30
CA LYS C 219 -13.50 5.42 33.85
C LYS C 219 -12.21 6.11 33.38
N SER C 220 -11.18 6.09 34.21
CA SER C 220 -9.89 6.63 33.81
C SER C 220 -9.24 5.73 32.76
N PRO C 221 -8.28 6.27 31.99
CA PRO C 221 -7.49 5.40 31.10
C PRO C 221 -6.79 4.28 31.85
N LEU C 222 -6.39 4.50 33.10
CA LEU C 222 -5.81 3.41 33.88
C LEU C 222 -6.85 2.30 34.10
N VAL C 223 -8.05 2.67 34.53
CA VAL C 223 -9.11 1.67 34.71
C VAL C 223 -9.47 1.02 33.38
N TYR C 224 -9.44 1.78 32.29
CA TYR C 224 -9.67 1.20 30.98
C TYR C 224 -8.64 0.11 30.68
N ALA C 225 -7.36 0.40 30.92
CA ALA C 225 -6.32 -0.61 30.68
C ALA C 225 -6.50 -1.81 31.60
N LEU C 226 -6.88 -1.57 32.86
CA LEU C 226 -7.08 -2.68 33.78
C LEU C 226 -8.27 -3.55 33.36
N ARG C 227 -9.36 -2.94 32.90
CA ARG C 227 -10.50 -3.69 32.38
C ARG C 227 -10.11 -4.50 31.15
N ARG C 228 -9.41 -3.85 30.21
CA ARG C 228 -9.02 -4.49 28.96
C ARG C 228 -8.11 -5.69 29.18
N GLU C 229 -7.41 -5.75 30.30
CA GLU C 229 -6.57 -6.89 30.64
C GLU C 229 -7.27 -7.87 31.58
N GLY C 230 -8.56 -7.66 31.84
CA GLY C 230 -9.35 -8.60 32.61
C GLY C 230 -9.51 -8.31 34.09
N PHE C 231 -9.16 -7.11 34.55
CA PHE C 231 -9.26 -6.76 35.95
C PHE C 231 -10.57 -6.01 36.22
N ASP C 232 -11.25 -6.39 37.29
CA ASP C 232 -12.50 -5.73 37.71
C ASP C 232 -12.25 -5.07 39.06
N GLY C 233 -12.44 -3.77 39.11
CA GLY C 233 -12.15 -2.97 40.30
C GLY C 233 -11.46 -1.68 39.87
N SER C 234 -11.60 -0.65 40.70
CA SER C 234 -11.04 0.66 40.42
CA SER C 234 -11.03 0.66 40.39
C SER C 234 -9.59 0.74 40.90
N LEU C 235 -9.03 1.95 40.90
CA LEU C 235 -7.67 2.16 41.38
C LEU C 235 -7.52 1.65 42.80
N TYR C 236 -8.41 2.07 43.69
CA TYR C 236 -8.40 1.63 45.08
C TYR C 236 -8.32 0.11 45.16
N ASP C 237 -9.31 -0.58 44.59
CA ASP C 237 -9.34 -2.03 44.61
C ASP C 237 -8.05 -2.64 44.08
N TYR C 238 -7.52 -2.07 42.99
CA TYR C 238 -6.27 -2.57 42.41
C TYR C 238 -5.13 -2.47 43.41
N LEU C 239 -5.06 -1.38 44.17
CA LEU C 239 -4.02 -1.25 45.17
C LEU C 239 -4.23 -2.22 46.33
N GLN C 240 -5.50 -2.39 46.74
CA GLN C 240 -5.80 -3.31 47.84
C GLN C 240 -5.42 -4.75 47.48
N THR C 241 -5.60 -5.13 46.22
CA THR C 241 -5.25 -6.47 45.78
C THR C 241 -3.75 -6.67 45.61
N GLN C 242 -2.98 -5.60 45.53
CA GLN C 242 -1.53 -5.71 45.46
C GLN C 242 -0.94 -5.63 46.85
N PRO C 243 -0.21 -6.66 47.31
CA PRO C 243 0.27 -6.67 48.70
C PRO C 243 1.22 -5.52 48.99
N GLY C 244 0.96 -4.81 50.09
CA GLY C 244 1.81 -3.71 50.50
C GLY C 244 1.82 -2.53 49.56
N ALA C 245 0.76 -2.36 48.78
CA ALA C 245 0.71 -1.28 47.79
C ALA C 245 -0.03 -0.05 48.28
N VAL C 246 -0.96 -0.19 49.22
CA VAL C 246 -1.66 0.98 49.75
C VAL C 246 -0.72 1.81 50.63
N ALA C 247 0.08 1.15 51.47
CA ALA C 247 1.11 1.86 52.23
C ALA C 247 2.16 2.47 51.30
N ARG C 248 2.51 1.74 50.23
CA ARG C 248 3.41 2.29 49.21
C ARG C 248 2.84 3.57 48.62
N PHE C 249 1.54 3.56 48.29
CA PHE C 249 0.91 4.75 47.71
C PHE C 249 0.89 5.89 48.72
N ALA C 250 0.63 5.59 49.99
CA ALA C 250 0.60 6.64 51.01
C ALA C 250 1.97 7.29 51.18
N ARG C 251 3.01 6.46 51.34
CA ARG C 251 4.37 7.01 51.37
C ARG C 251 4.71 7.78 50.10
N ALA C 252 4.18 7.34 48.96
CA ALA C 252 4.47 8.04 47.72
C ALA C 252 3.83 9.42 47.72
N MET C 253 2.60 9.52 48.22
CA MET C 253 1.93 10.82 48.32
C MET C 253 2.69 11.76 49.23
N LEU C 254 3.09 11.27 50.41
CA LEU C 254 3.89 12.06 51.33
C LEU C 254 5.19 12.52 50.66
N GLY C 255 5.87 11.62 49.95
CA GLY C 255 7.10 11.99 49.29
C GLY C 255 6.91 12.89 48.09
N PHE C 256 5.74 12.83 47.47
CA PHE C 256 5.41 13.78 46.42
C PHE C 256 5.28 15.18 46.99
N SER C 257 4.68 15.29 48.17
CA SER C 257 4.60 16.59 48.83
C SER C 257 5.99 17.08 49.23
N VAL C 258 6.82 16.17 49.74
CA VAL C 258 8.15 16.57 50.22
C VAL C 258 9.04 16.98 49.05
N SER C 259 9.07 16.18 47.99
CA SER C 259 9.96 16.46 46.86
C SER C 259 9.59 17.74 46.13
N ARG C 260 8.34 18.18 46.22
CA ARG C 260 7.89 19.42 45.59
C ARG C 260 8.03 20.63 46.50
N GLY C 261 8.51 20.46 47.73
CA GLY C 261 8.68 21.59 48.63
C GLY C 261 7.38 22.26 49.04
N LEU C 262 6.32 21.49 49.24
CA LEU C 262 5.04 22.10 49.60
C LEU C 262 5.04 22.69 51.00
N MET C 263 5.95 22.25 51.88
CA MET C 263 6.10 22.86 53.19
C MET C 263 6.46 24.34 53.11
N ASN C 264 6.82 24.85 51.92
CA ASN C 264 6.99 26.29 51.77
C ASN C 264 5.72 27.06 52.08
N LEU C 265 4.57 26.39 52.17
CA LEU C 265 3.38 27.03 52.71
C LEU C 265 3.69 27.72 54.05
N LEU C 266 4.41 27.02 54.93
CA LEU C 266 4.75 27.57 56.24
C LEU C 266 5.53 28.87 56.15
N ASN C 267 6.16 29.15 55.00
CA ASN C 267 6.94 30.37 54.85
C ASN C 267 6.26 31.42 53.97
N VAL C 268 5.16 31.10 53.30
CA VAL C 268 4.56 32.05 52.37
C VAL C 268 3.32 32.69 52.96
N PHE C 269 2.38 31.90 53.44
CA PHE C 269 1.23 32.47 54.12
C PHE C 269 1.65 32.98 55.50
N PRO C 270 1.18 34.16 55.91
CA PRO C 270 1.63 34.75 57.19
C PRO C 270 0.97 34.15 58.43
N TRP C 271 1.32 32.90 58.73
CA TRP C 271 0.81 32.24 59.93
C TRP C 271 1.19 33.00 61.19
N GLN C 272 2.39 33.59 61.20
CA GLN C 272 2.86 34.35 62.35
CA GLN C 272 2.84 34.33 62.36
C GLN C 272 2.02 35.59 62.61
N GLU C 273 1.28 36.09 61.62
CA GLU C 273 0.47 37.29 61.79
C GLU C 273 -0.96 36.99 62.18
N LEU C 274 -1.33 35.73 62.34
CA LEU C 274 -2.62 35.40 62.91
C LEU C 274 -2.57 35.60 64.41
N ALA C 275 -3.68 36.08 64.97
CA ALA C 275 -3.73 36.35 66.40
C ALA C 275 -3.55 35.05 67.18
N PRO C 276 -2.94 35.12 68.37
CA PRO C 276 -2.82 33.90 69.20
C PRO C 276 -4.20 33.33 69.51
N GLY C 277 -4.31 32.01 69.37
CA GLY C 277 -5.58 31.32 69.52
C GLY C 277 -6.36 31.13 68.24
N SER C 278 -5.83 31.57 67.10
CA SER C 278 -6.51 31.39 65.83
C SER C 278 -6.58 29.92 65.45
N THR C 279 -7.69 29.54 64.80
CA THR C 279 -8.00 28.15 64.51
C THR C 279 -7.80 27.86 63.03
N VAL C 280 -7.09 26.76 62.74
CA VAL C 280 -6.86 26.29 61.38
C VAL C 280 -7.53 24.94 61.25
N CYS C 281 -8.60 24.88 60.45
CA CYS C 281 -9.35 23.66 60.20
C CYS C 281 -8.80 23.03 58.94
N ASP C 282 -8.03 21.96 59.11
CA ASP C 282 -7.45 21.20 57.99
C ASP C 282 -8.52 20.24 57.49
N LEU C 283 -9.31 20.70 56.52
CA LEU C 283 -10.42 19.91 56.00
C LEU C 283 -9.91 18.86 55.04
N GLY C 284 -10.09 17.58 55.39
CA GLY C 284 -9.59 16.51 54.55
C GLY C 284 -8.10 16.33 54.59
N GLY C 285 -7.46 16.61 55.73
CA GLY C 285 -6.03 16.53 55.88
C GLY C 285 -5.46 15.16 56.18
N GLY C 286 -6.27 14.11 56.10
CA GLY C 286 -5.77 12.76 56.32
C GLY C 286 -5.19 12.60 57.71
N ASN C 287 -3.90 12.23 57.75
CA ASN C 287 -3.20 12.18 59.03
C ASN C 287 -2.93 13.56 59.61
N GLY C 288 -3.10 14.63 58.84
CA GLY C 288 -2.73 15.95 59.31
C GLY C 288 -1.26 16.27 59.19
N ASN C 289 -0.58 15.72 58.18
CA ASN C 289 0.85 15.94 58.00
C ASN C 289 1.18 17.41 57.78
N THR C 290 0.22 18.21 57.31
CA THR C 290 0.43 19.65 57.17
C THR C 290 0.11 20.39 58.46
N SER C 291 -1.06 20.09 59.05
CA SER C 291 -1.43 20.72 60.32
C SER C 291 -0.41 20.44 61.41
N ILE C 292 0.20 19.26 61.40
CA ILE C 292 1.19 18.93 62.42
C ILE C 292 2.40 19.85 62.29
N GLU C 293 2.80 20.16 61.06
CA GLU C 293 3.93 21.06 60.86
C GLU C 293 3.55 22.50 61.21
N ILE C 294 2.31 22.89 60.92
CA ILE C 294 1.84 24.23 61.31
C ILE C 294 1.88 24.36 62.83
N ALA C 295 1.35 23.36 63.54
CA ALA C 295 1.31 23.41 64.99
C ALA C 295 2.71 23.34 65.58
N LYS C 296 3.60 22.55 64.98
CA LYS C 296 4.98 22.49 65.45
C LYS C 296 5.67 23.84 65.30
N LYS C 297 5.41 24.53 64.19
CA LYS C 297 6.18 25.74 63.90
C LYS C 297 5.53 26.99 64.47
N PHE C 298 4.20 27.02 64.58
CA PHE C 298 3.47 28.18 65.09
C PHE C 298 2.66 27.76 66.32
N PRO C 299 3.31 27.69 67.49
CA PRO C 299 2.61 27.19 68.69
C PRO C 299 1.51 28.10 69.19
N HIS C 300 1.28 29.26 68.59
CA HIS C 300 0.19 30.14 69.01
C HIS C 300 -1.13 29.81 68.31
N LEU C 301 -1.14 28.82 67.42
CA LEU C 301 -2.32 28.44 66.66
C LEU C 301 -2.89 27.13 67.18
N LYS C 302 -4.20 26.98 67.05
CA LYS C 302 -4.86 25.71 67.29
C LYS C 302 -5.28 25.13 65.95
N VAL C 303 -5.16 23.81 65.81
CA VAL C 303 -5.47 23.13 64.57
C VAL C 303 -6.64 22.18 64.81
N HIS C 304 -7.54 22.12 63.83
CA HIS C 304 -8.62 21.15 63.81
C HIS C 304 -8.49 20.25 62.58
N LEU C 305 -8.28 18.96 62.81
CA LEU C 305 -8.22 17.98 61.75
C LEU C 305 -9.61 17.37 61.57
N GLN C 306 -10.14 17.46 60.36
CA GLN C 306 -11.42 16.86 60.01
C GLN C 306 -11.24 15.99 58.78
N ASP C 307 -11.74 14.76 58.86
CA ASP C 307 -11.66 13.80 57.75
C ASP C 307 -12.63 12.66 58.08
N LEU C 308 -12.50 11.56 57.35
CA LEU C 308 -13.34 10.39 57.59
C LEU C 308 -13.00 9.76 58.94
N PRO C 309 -13.99 9.13 59.60
CA PRO C 309 -13.76 8.57 60.94
C PRO C 309 -12.53 7.67 61.05
N ASP C 310 -12.38 6.73 60.10
CA ASP C 310 -11.22 5.84 60.11
C ASP C 310 -9.92 6.62 59.99
N THR C 311 -9.88 7.56 59.03
CA THR C 311 -8.71 8.43 58.91
C THR C 311 -8.50 9.24 60.19
N ILE C 312 -9.58 9.63 60.87
CA ILE C 312 -9.43 10.41 62.09
C ILE C 312 -8.77 9.59 63.19
N GLU C 313 -9.11 8.31 63.29
CA GLU C 313 -8.45 7.45 64.27
C GLU C 313 -6.98 7.25 63.92
N GLU C 314 -6.70 6.98 62.64
CA GLU C 314 -5.30 6.91 62.20
C GLU C 314 -4.57 8.20 62.54
N ALA C 315 -5.24 9.35 62.39
CA ALA C 315 -4.62 10.63 62.67
C ALA C 315 -4.38 10.84 64.15
N LYS C 316 -5.28 10.36 65.02
CA LYS C 316 -5.03 10.45 66.45
C LYS C 316 -3.78 9.65 66.82
N VAL C 317 -3.64 8.45 66.25
CA VAL C 317 -2.44 7.66 66.49
C VAL C 317 -1.20 8.39 65.97
N PHE C 318 -1.31 8.98 64.77
CA PHE C 318 -0.18 9.70 64.16
C PHE C 318 0.24 10.90 65.02
N TRP C 319 -0.73 11.67 65.49
CA TRP C 319 -0.42 12.82 66.33
C TRP C 319 0.19 12.38 67.66
N LYS C 320 -0.31 11.26 68.21
CA LYS C 320 0.29 10.69 69.42
C LYS C 320 1.73 10.27 69.17
N GLU C 321 2.01 9.79 67.96
CA GLU C 321 3.36 9.44 67.54
C GLU C 321 4.27 10.68 67.49
N GLU C 322 3.91 11.65 66.64
CA GLU C 322 4.85 12.72 66.27
C GLU C 322 4.76 13.96 67.15
N TYR C 323 3.56 14.39 67.51
CA TYR C 323 3.37 15.64 68.25
C TYR C 323 2.34 15.44 69.36
N PRO C 324 2.69 14.69 70.41
CA PRO C 324 1.77 14.55 71.54
C PRO C 324 1.60 15.82 72.34
N ASP C 325 2.56 16.75 72.26
CA ASP C 325 2.47 18.01 73.01
C ASP C 325 1.21 18.78 72.64
N ALA C 326 0.84 18.78 71.36
CA ALA C 326 -0.36 19.50 70.93
C ALA C 326 -1.62 18.89 71.55
N ILE C 327 -1.64 17.55 71.70
CA ILE C 327 -2.79 16.91 72.34
C ILE C 327 -2.80 17.19 73.83
N LYS C 328 -1.61 17.22 74.46
CA LYS C 328 -1.53 17.54 75.87
C LYS C 328 -1.85 19.01 76.15
N ASP C 329 -1.55 19.89 75.19
CA ASP C 329 -1.81 21.31 75.31
C ASP C 329 -3.19 21.71 74.80
N SER C 330 -3.98 20.76 74.28
CA SER C 330 -5.30 21.02 73.73
C SER C 330 -5.24 22.02 72.56
N ARG C 331 -4.18 21.93 71.75
CA ARG C 331 -4.08 22.75 70.55
C ARG C 331 -4.52 22.02 69.29
N VAL C 332 -4.66 20.71 69.34
CA VAL C 332 -5.16 19.93 68.21
C VAL C 332 -6.50 19.32 68.60
N ALA C 333 -7.45 19.37 67.68
CA ALA C 333 -8.74 18.71 67.85
C ALA C 333 -9.00 17.85 66.62
N PHE C 334 -9.82 16.82 66.80
CA PHE C 334 -10.13 15.86 65.74
C PHE C 334 -11.64 15.71 65.66
N THR C 335 -12.20 15.92 64.49
CA THR C 335 -13.64 15.70 64.35
C THR C 335 -13.94 15.00 63.04
N PRO C 336 -14.53 13.81 63.07
CA PRO C 336 -14.87 13.13 61.82
C PRO C 336 -15.85 13.97 60.99
N ILE C 337 -15.80 13.76 59.68
CA ILE C 337 -16.64 14.52 58.75
C ILE C 337 -16.71 13.75 57.45
N ASP C 338 -17.83 13.90 56.76
CA ASP C 338 -17.94 13.60 55.34
C ASP C 338 -18.21 14.96 54.70
N PHE C 339 -17.16 15.59 54.16
CA PHE C 339 -17.31 17.00 53.81
C PHE C 339 -18.21 17.24 52.60
N PHE C 340 -18.75 16.19 51.98
CA PHE C 340 -19.79 16.41 50.98
C PHE C 340 -21.18 16.46 51.57
N LYS C 341 -21.38 15.89 52.76
CA LYS C 341 -22.71 15.83 53.35
C LYS C 341 -22.90 16.74 54.56
N GLN C 342 -21.84 17.08 55.27
CA GLN C 342 -21.94 17.95 56.44
C GLN C 342 -20.93 19.07 56.35
N ALA C 343 -21.32 20.22 56.90
CA ALA C 343 -20.43 21.36 56.96
C ALA C 343 -19.32 21.10 57.97
N PRO C 344 -18.18 21.78 57.82
CA PRO C 344 -17.11 21.67 58.83
C PRO C 344 -17.50 22.42 60.09
N VAL C 345 -16.67 22.34 61.12
CA VAL C 345 -16.97 23.05 62.37
C VAL C 345 -17.03 24.55 62.11
N PRO C 346 -17.93 25.28 62.74
CA PRO C 346 -18.15 26.68 62.37
C PRO C 346 -17.09 27.62 62.95
N ASP C 347 -17.06 28.82 62.38
CA ASP C 347 -16.34 29.97 62.94
C ASP C 347 -14.84 29.71 63.12
N GLN C 348 -14.26 28.90 62.24
CA GLN C 348 -12.81 28.76 62.25
C GLN C 348 -12.18 29.95 61.53
N ASP C 349 -10.96 30.30 61.94
CA ASP C 349 -10.30 31.43 61.29
C ASP C 349 -9.86 31.05 59.88
N ILE C 350 -9.35 29.84 59.71
CA ILE C 350 -8.90 29.36 58.41
C ILE C 350 -9.49 27.98 58.16
N TYR C 351 -10.01 27.77 56.95
CA TYR C 351 -10.36 26.45 56.44
C TYR C 351 -9.40 26.13 55.30
N TYR C 352 -8.57 25.11 55.49
CA TYR C 352 -7.49 24.77 54.56
C TYR C 352 -7.83 23.46 53.87
N ILE C 353 -7.88 23.49 52.53
CA ILE C 353 -8.08 22.27 51.74
C ILE C 353 -6.96 22.18 50.72
N SER C 354 -6.20 21.08 50.75
CA SER C 354 -5.05 20.91 49.88
C SER C 354 -5.22 19.65 49.04
N GLN C 355 -5.04 19.80 47.73
CA GLN C 355 -5.07 18.69 46.79
C GLN C 355 -6.34 17.85 46.98
N ILE C 356 -7.45 18.54 47.22
CA ILE C 356 -8.76 17.92 47.31
C ILE C 356 -9.64 18.30 46.13
N VAL C 357 -9.64 19.58 45.76
CA VAL C 357 -10.49 20.07 44.67
C VAL C 357 -10.14 19.37 43.35
N HIS C 358 -8.84 19.15 43.09
CA HIS C 358 -8.44 18.55 41.82
C HIS C 358 -8.78 17.06 41.71
N ASN C 359 -9.47 16.48 42.70
CA ASN C 359 -9.90 15.09 42.64
C ASN C 359 -11.38 14.91 42.37
N TRP C 360 -12.16 15.99 42.33
CA TRP C 360 -13.61 15.89 42.22
C TRP C 360 -14.14 16.81 41.14
N GLY C 361 -15.30 16.45 40.60
CA GLY C 361 -15.94 17.24 39.56
C GLY C 361 -16.48 18.55 40.08
N ASP C 362 -17.07 19.32 39.15
CA ASP C 362 -17.50 20.68 39.46
C ASP C 362 -18.64 20.70 40.47
N GLU C 363 -19.61 19.81 40.32
CA GLU C 363 -20.78 19.82 41.21
C GLU C 363 -20.38 19.46 42.63
N ASP C 364 -19.57 18.41 42.79
CA ASP C 364 -19.14 18.03 44.12
C ASP C 364 -18.27 19.11 44.75
N CYS C 365 -17.45 19.78 43.94
CA CYS C 365 -16.65 20.88 44.46
C CYS C 365 -17.54 22.01 44.96
N ILE C 366 -18.56 22.38 44.18
CA ILE C 366 -19.47 23.44 44.61
C ILE C 366 -20.21 23.02 45.88
N THR C 367 -20.59 21.75 45.97
CA THR C 367 -21.22 21.25 47.19
C THR C 367 -20.32 21.41 48.40
N LEU C 368 -19.06 20.98 48.27
CA LEU C 368 -18.09 21.13 49.37
C LEU C 368 -17.88 22.59 49.72
N LEU C 369 -17.77 23.44 48.71
CA LEU C 369 -17.54 24.87 48.94
C LEU C 369 -18.72 25.51 49.65
N LYS C 370 -19.94 25.08 49.32
CA LYS C 370 -21.10 25.61 50.00
C LYS C 370 -21.14 25.12 51.45
N ASN C 371 -20.80 23.84 51.66
CA ASN C 371 -20.70 23.32 53.03
C ASN C 371 -19.71 24.14 53.86
N ILE C 372 -18.56 24.49 53.27
CA ILE C 372 -17.59 25.32 53.99
C ILE C 372 -18.15 26.71 54.23
N ARG C 373 -18.76 27.31 53.20
CA ARG C 373 -19.27 28.67 53.31
C ARG C 373 -20.33 28.78 54.40
N SER C 374 -21.18 27.76 54.54
CA SER C 374 -22.24 27.84 55.54
C SER C 374 -21.68 27.87 56.96
N ALA C 375 -20.49 27.31 57.16
CA ALA C 375 -19.88 27.24 58.48
C ALA C 375 -19.05 28.47 58.84
N MET C 376 -18.86 29.39 57.90
CA MET C 376 -17.91 30.47 58.09
C MET C 376 -18.55 31.66 58.77
N SER C 377 -17.72 32.42 59.47
CA SER C 377 -18.07 33.67 60.12
C SER C 377 -17.37 34.81 59.37
N PRO C 378 -17.65 36.06 59.74
CA PRO C 378 -16.92 37.18 59.10
C PRO C 378 -15.40 37.13 59.28
N LYS C 379 -14.91 36.45 60.30
CA LYS C 379 -13.46 36.32 60.51
C LYS C 379 -12.84 35.14 59.76
N SER C 380 -13.64 34.36 59.02
CA SER C 380 -13.17 33.14 58.40
C SER C 380 -12.62 33.41 57.00
N ARG C 381 -11.68 32.56 56.58
CA ARG C 381 -11.22 32.55 55.21
C ARG C 381 -10.94 31.11 54.80
N LEU C 382 -10.93 30.88 53.49
CA LEU C 382 -10.68 29.58 52.89
C LEU C 382 -9.40 29.63 52.07
N LEU C 383 -8.48 28.71 52.36
CA LEU C 383 -7.25 28.55 51.59
C LEU C 383 -7.33 27.26 50.82
N ILE C 384 -7.14 27.35 49.51
CA ILE C 384 -7.18 26.22 48.59
C ILE C 384 -5.78 26.03 48.04
N ASN C 385 -5.15 24.91 48.37
CA ASN C 385 -3.80 24.59 47.92
C ASN C 385 -3.93 23.62 46.75
N ASP C 386 -3.57 24.09 45.54
CA ASP C 386 -3.66 23.30 44.33
C ASP C 386 -2.89 24.00 43.22
N TYR C 387 -2.50 23.24 42.21
CA TYR C 387 -1.97 23.81 40.99
C TYR C 387 -3.03 24.69 40.33
N LEU C 388 -2.57 25.75 39.70
CA LEU C 388 -3.42 26.63 38.90
C LEU C 388 -3.02 26.40 37.45
N ALA C 389 -3.80 25.58 36.75
CA ALA C 389 -3.49 25.19 35.36
C ALA C 389 -4.05 26.26 34.41
N SER C 390 -3.30 27.35 34.29
CA SER C 390 -3.69 28.48 33.46
C SER C 390 -3.73 28.13 31.97
N HIS C 391 -4.60 28.81 31.24
CA HIS C 391 -4.55 28.72 29.79
C HIS C 391 -3.28 29.38 29.27
N LEU C 392 -2.84 28.98 28.08
CA LEU C 392 -1.49 29.30 27.61
C LEU C 392 -1.49 30.31 26.47
N ASP C 393 -2.59 31.00 26.21
CA ASP C 393 -2.57 32.06 25.22
C ASP C 393 -2.04 33.35 25.84
N LYS C 394 -1.51 34.22 24.98
CA LYS C 394 -0.90 35.46 25.44
C LYS C 394 -1.88 36.34 26.21
N THR C 395 -3.13 36.35 25.80
CA THR C 395 -4.12 37.22 26.45
C THR C 395 -4.41 36.74 27.87
N SER C 396 -4.63 35.43 28.04
CA SER C 396 -4.89 34.88 29.36
C SER C 396 -3.72 35.17 30.30
N ILE C 397 -2.49 34.98 29.83
CA ILE C 397 -1.33 35.18 30.68
C ILE C 397 -1.16 36.65 31.01
N ALA C 398 -1.40 37.53 30.03
CA ALA C 398 -1.24 38.96 30.26
C ALA C 398 -2.26 39.50 31.25
N ASN C 399 -3.51 39.01 31.18
CA ASN C 399 -4.59 39.54 31.99
C ASN C 399 -4.85 38.72 33.25
N GLN C 400 -3.88 37.92 33.70
CA GLN C 400 -4.09 37.17 34.92
C GLN C 400 -4.08 38.11 36.12
N HIS C 401 -4.49 37.58 37.27
CA HIS C 401 -4.50 38.39 38.47
C HIS C 401 -3.07 38.78 38.84
N PRO C 402 -2.82 40.04 39.20
CA PRO C 402 -1.44 40.48 39.45
C PRO C 402 -0.79 39.80 40.64
N SER C 403 -1.54 39.14 41.52
CA SER C 403 -0.90 38.43 42.61
C SER C 403 -0.26 37.12 42.16
N LEU C 404 -0.56 36.66 40.94
CA LEU C 404 0.10 35.49 40.37
C LEU C 404 1.53 35.83 39.93
N PRO C 405 2.47 34.90 40.09
CA PRO C 405 3.81 35.10 39.52
C PRO C 405 3.71 35.24 38.01
N ARG C 406 4.56 36.09 37.46
CA ARG C 406 4.58 36.38 36.04
C ARG C 406 5.97 36.10 35.49
N ALA C 407 6.02 35.30 34.44
CA ALA C 407 7.30 34.95 33.83
C ALA C 407 7.93 36.19 33.19
N PRO C 408 9.23 36.38 33.34
CA PRO C 408 9.88 37.56 32.76
C PRO C 408 10.09 37.41 31.26
N TYR C 409 10.22 38.55 30.61
CA TYR C 409 10.54 38.59 29.18
C TYR C 409 11.83 37.81 28.91
N PRO C 410 11.87 36.99 27.86
CA PRO C 410 10.83 36.71 26.86
C PRO C 410 10.19 35.33 27.05
N LEU C 411 10.15 34.81 28.27
CA LEU C 411 9.62 33.46 28.51
C LEU C 411 8.18 33.36 28.04
N SER C 412 7.85 32.26 27.38
CA SER C 412 6.49 32.05 26.89
C SER C 412 6.32 30.58 26.52
N PRO C 413 5.14 29.99 26.75
CA PRO C 413 3.97 30.56 27.44
C PRO C 413 4.16 30.50 28.94
N GLY C 414 3.96 31.61 29.65
CA GLY C 414 4.28 31.63 31.07
C GLY C 414 5.74 31.28 31.28
N PHE C 415 5.99 30.44 32.29
CA PHE C 415 7.34 29.95 32.55
C PHE C 415 7.75 28.81 31.63
N GLY C 416 6.90 28.39 30.69
CA GLY C 416 7.29 27.31 29.79
C GLY C 416 7.60 26.04 30.57
N ARG C 417 8.67 25.36 30.16
CA ARG C 417 9.02 24.14 30.87
C ARG C 417 9.28 24.38 32.35
N GLY C 418 9.61 25.62 32.74
CA GLY C 418 9.79 25.96 34.13
C GLY C 418 8.58 25.67 35.01
N MET C 419 7.37 25.60 34.43
CA MET C 419 6.17 25.26 35.20
C MET C 419 5.59 23.90 34.79
N ALA C 420 6.46 23.01 34.28
CA ALA C 420 6.01 21.74 33.71
C ALA C 420 5.09 20.97 34.65
N ARG C 421 5.40 20.97 35.95
CA ARG C 421 4.67 20.08 36.84
C ARG C 421 3.21 20.45 36.99
N THR C 422 2.84 21.71 36.71
CA THR C 422 1.42 22.03 36.69
C THR C 422 0.69 21.21 35.63
N TYR C 423 1.32 21.03 34.47
CA TYR C 423 0.69 20.42 33.32
C TYR C 423 0.94 18.91 33.29
N THR C 424 2.17 18.44 33.61
CA THR C 424 2.33 17.01 33.81
C THR C 424 1.43 16.51 34.95
N GLY C 425 1.23 17.35 35.97
CA GLY C 425 0.27 17.00 37.00
C GLY C 425 -1.12 16.82 36.44
N ASP C 426 -1.58 17.80 35.65
CA ASP C 426 -2.94 17.73 35.13
C ASP C 426 -3.15 16.47 34.30
N TYR C 427 -2.25 16.23 33.33
CA TYR C 427 -2.34 15.03 32.53
C TYR C 427 -2.28 13.77 33.39
N THR C 428 -1.43 13.78 34.43
CA THR C 428 -1.40 12.64 35.34
C THR C 428 -2.78 12.43 35.95
N MET C 429 -3.35 13.50 36.52
CA MET C 429 -4.69 13.42 37.08
C MET C 429 -5.66 12.81 36.07
N LEU C 430 -5.49 13.13 34.79
CA LEU C 430 -6.40 12.57 33.79
C LEU C 430 -6.22 11.06 33.66
N VAL C 431 -4.97 10.61 33.47
CA VAL C 431 -4.84 9.21 33.05
C VAL C 431 -4.95 8.27 34.24
N VAL C 432 -4.59 8.72 35.44
CA VAL C 432 -4.59 7.85 36.61
C VAL C 432 -5.90 7.95 37.38
N CYS C 433 -6.46 9.17 37.52
CA CYS C 433 -7.60 9.40 38.39
C CYS C 433 -8.85 9.89 37.67
N ASN C 434 -8.76 10.21 36.38
CA ASN C 434 -9.88 10.79 35.63
C ASN C 434 -10.38 12.07 36.31
N SER C 435 -9.46 12.90 36.79
CA SER C 435 -9.85 14.22 37.28
C SER C 435 -8.97 15.26 36.59
N ARG C 436 -9.06 16.53 36.99
CA ARG C 436 -8.26 17.53 36.31
C ARG C 436 -7.91 18.68 37.24
N GLU C 437 -6.73 19.27 37.02
CA GLU C 437 -6.41 20.56 37.60
C GLU C 437 -7.26 21.64 36.92
N ARG C 438 -7.36 22.79 37.59
CA ARG C 438 -8.20 23.88 37.12
C ARG C 438 -7.39 25.16 37.10
N SER C 439 -7.84 26.10 36.27
CA SER C 439 -7.27 27.43 36.21
C SER C 439 -7.77 28.29 37.38
N LEU C 440 -7.10 29.44 37.58
CA LEU C 440 -7.57 30.37 38.60
C LEU C 440 -9.00 30.83 38.31
N GLU C 441 -9.33 31.09 37.04
CA GLU C 441 -10.70 31.48 36.71
CA GLU C 441 -10.69 31.48 36.69
C GLU C 441 -11.70 30.40 37.09
N ASP C 442 -11.37 29.13 36.85
CA ASP C 442 -12.28 28.04 37.23
C ASP C 442 -12.55 28.07 38.73
N PHE C 443 -11.48 28.22 39.53
CA PHE C 443 -11.64 28.25 40.98
C PHE C 443 -12.50 29.43 41.41
N ILE C 444 -12.26 30.60 40.82
CA ILE C 444 -13.03 31.78 41.17
C ILE C 444 -14.50 31.57 40.85
N GLU C 445 -14.79 30.93 39.71
CA GLU C 445 -16.18 30.70 39.34
C GLU C 445 -16.84 29.70 40.30
N LEU C 446 -16.14 28.63 40.67
CA LEU C 446 -16.71 27.67 41.61
C LEU C 446 -17.00 28.34 42.95
N CYS C 447 -15.99 29.06 43.48
CA CYS C 447 -16.18 29.74 44.76
C CYS C 447 -17.28 30.80 44.68
N SER C 448 -17.40 31.48 43.53
CA SER C 448 -18.45 32.48 43.34
C SER C 448 -19.83 31.83 43.35
N ALA C 449 -19.93 30.63 42.78
CA ALA C 449 -21.16 29.86 42.94
C ALA C 449 -21.42 29.49 44.38
N ALA C 450 -20.37 29.44 45.22
CA ALA C 450 -20.58 29.17 46.64
C ALA C 450 -20.55 30.43 47.51
N ASP C 451 -20.77 31.61 46.92
CA ASP C 451 -20.77 32.89 47.65
C ASP C 451 -19.44 33.16 48.34
N LEU C 452 -18.34 32.90 47.64
CA LEU C 452 -17.00 33.14 48.14
C LEU C 452 -16.31 34.11 47.19
N LYS C 453 -15.67 35.14 47.75
CA LYS C 453 -15.02 36.20 46.99
C LYS C 453 -13.50 36.03 47.05
N PHE C 454 -12.85 36.20 45.90
CA PHE C 454 -11.41 35.99 45.78
C PHE C 454 -10.63 37.12 46.44
N VAL C 455 -9.51 36.77 47.07
CA VAL C 455 -8.67 37.75 47.74
C VAL C 455 -7.37 37.88 46.97
N ARG C 456 -6.55 36.84 47.00
CA ARG C 456 -5.27 36.85 46.30
C ARG C 456 -4.72 35.44 46.23
N VAL C 457 -3.63 35.28 45.49
CA VAL C 457 -2.88 34.02 45.42
C VAL C 457 -1.63 34.15 46.27
N TRP C 458 -1.34 33.10 47.04
CA TRP C 458 -0.08 32.97 47.78
C TRP C 458 0.73 31.91 47.06
N ASP C 459 1.72 32.36 46.29
CA ASP C 459 2.51 31.47 45.42
C ASP C 459 3.49 30.64 46.23
N LEU C 460 3.50 29.33 46.01
CA LEU C 460 4.47 28.44 46.63
C LEU C 460 5.58 28.03 45.68
N ALA C 461 5.63 28.63 44.48
CA ALA C 461 6.56 28.26 43.43
C ALA C 461 6.41 26.79 43.02
N GLU C 462 5.23 26.24 43.23
CA GLU C 462 4.89 24.87 42.82
C GLU C 462 3.38 24.85 42.60
N THR C 463 2.63 24.48 43.65
CA THR C 463 1.21 24.74 43.70
C THR C 463 0.99 26.19 44.11
N SER C 464 -0.28 26.57 44.21
CA SER C 464 -0.62 27.88 44.71
C SER C 464 -1.65 27.73 45.81
N VAL C 465 -1.60 28.65 46.76
CA VAL C 465 -2.59 28.75 47.82
C VAL C 465 -3.43 29.96 47.48
N THR C 466 -4.69 29.73 47.09
N THR C 466 -4.70 29.72 47.14
CA THR C 466 -5.60 30.82 46.80
CA THR C 466 -5.64 30.77 46.79
C THR C 466 -6.49 31.07 48.01
C THR C 466 -6.52 31.05 48.00
N GLU C 467 -6.72 32.34 48.31
CA GLU C 467 -7.47 32.77 49.48
C GLU C 467 -8.82 33.33 49.05
N PHE C 468 -9.88 32.91 49.74
CA PHE C 468 -11.24 33.39 49.53
C PHE C 468 -11.86 33.77 50.86
N VAL C 469 -12.80 34.72 50.82
CA VAL C 469 -13.52 35.13 52.03
C VAL C 469 -15.02 35.10 51.75
N PRO C 470 -15.84 34.98 52.79
CA PRO C 470 -17.30 35.03 52.60
C PRO C 470 -17.70 36.34 51.93
N ALA C 471 -18.48 36.23 50.85
CA ALA C 471 -18.82 37.41 50.06
C ALA C 471 -19.74 38.35 50.84
N HIS C 472 -20.88 37.85 51.30
CA HIS C 472 -21.84 38.69 52.02
C HIS C 472 -21.71 38.50 53.53
N ARG D 15 -4.45 5.89 -53.15
CA ARG D 15 -3.83 4.83 -53.94
C ARG D 15 -2.33 5.03 -54.08
N HIS D 16 -1.77 6.01 -53.35
CA HIS D 16 -0.36 6.34 -53.46
C HIS D 16 0.37 6.36 -52.12
N MET D 17 -0.29 6.05 -51.01
CA MET D 17 0.37 6.15 -49.70
C MET D 17 1.41 5.05 -49.48
N THR D 18 1.29 3.90 -50.15
CA THR D 18 2.31 2.88 -50.04
C THR D 18 3.53 3.16 -50.92
N THR D 19 3.45 4.15 -51.84
CA THR D 19 4.53 4.38 -52.78
C THR D 19 5.11 5.79 -52.74
N LEU D 20 4.48 6.74 -52.06
CA LEU D 20 4.95 8.13 -52.08
C LEU D 20 6.34 8.26 -51.46
N SER D 21 6.49 7.81 -50.21
CA SER D 21 7.78 7.75 -49.52
C SER D 21 8.05 6.29 -49.21
N PRO D 22 8.78 5.58 -50.07
CA PRO D 22 8.81 4.12 -50.00
C PRO D 22 9.59 3.59 -48.80
N SER D 23 9.20 2.41 -48.35
CA SER D 23 9.84 1.73 -47.24
C SER D 23 9.50 0.26 -47.29
N GLU D 24 10.26 -0.52 -46.54
CA GLU D 24 10.01 -1.96 -46.45
C GLU D 24 8.66 -2.24 -45.79
N GLY D 25 8.33 -1.47 -44.75
CA GLY D 25 7.05 -1.66 -44.07
C GLY D 25 5.87 -1.35 -44.97
N LYS D 26 6.00 -0.31 -45.80
CA LYS D 26 4.91 -0.03 -46.74
C LYS D 26 4.78 -1.14 -47.78
N ALA D 27 5.91 -1.71 -48.22
CA ALA D 27 5.84 -2.84 -49.14
C ALA D 27 5.14 -4.03 -48.49
N GLN D 28 5.40 -4.28 -47.21
CA GLN D 28 4.71 -5.39 -46.54
C GLN D 28 3.22 -5.11 -46.39
N ILE D 29 2.83 -3.87 -46.06
CA ILE D 29 1.41 -3.54 -45.98
C ILE D 29 0.75 -3.76 -47.34
N ARG D 30 1.36 -3.25 -48.40
N ARG D 30 1.36 -3.25 -48.40
CA ARG D 30 0.79 -3.42 -49.73
CA ARG D 30 0.78 -3.43 -49.73
C ARG D 30 0.67 -4.91 -50.09
C ARG D 30 0.68 -4.90 -50.11
N ALA D 31 1.65 -5.71 -49.68
CA ALA D 31 1.60 -7.13 -49.95
C ALA D 31 0.51 -7.82 -49.13
N LEU D 32 0.28 -7.36 -47.90
CA LEU D 32 -0.85 -7.86 -47.10
C LEU D 32 -2.17 -7.55 -47.78
N LEU D 33 -2.32 -6.31 -48.27
CA LEU D 33 -3.52 -5.93 -49.00
C LEU D 33 -3.71 -6.80 -50.23
N ASN D 34 -2.61 -7.10 -50.93
CA ASN D 34 -2.70 -7.99 -52.09
C ASN D 34 -3.16 -9.39 -51.68
N LEU D 35 -2.62 -9.92 -50.58
CA LEU D 35 -3.08 -11.20 -50.06
C LEU D 35 -4.56 -11.17 -49.74
N ILE D 36 -5.03 -10.10 -49.07
CA ILE D 36 -6.43 -10.00 -48.70
C ILE D 36 -7.32 -10.00 -49.95
N ASN D 37 -6.95 -9.17 -50.93
CA ASN D 37 -7.76 -9.06 -52.14
C ASN D 37 -7.77 -10.36 -52.94
N THR D 38 -6.59 -10.97 -53.15
CA THR D 38 -6.55 -12.20 -53.94
C THR D 38 -7.24 -13.36 -53.21
N SER D 39 -7.07 -13.48 -51.88
CA SER D 39 -7.74 -14.55 -51.16
CA SER D 39 -7.74 -14.57 -51.18
C SER D 39 -9.25 -14.37 -51.16
N ALA D 40 -9.73 -13.13 -51.04
CA ALA D 40 -11.16 -12.92 -51.10
C ALA D 40 -11.71 -13.31 -52.46
N GLU D 41 -10.99 -12.96 -53.53
CA GLU D 41 -11.43 -13.34 -54.87
C GLU D 41 -11.43 -14.87 -55.04
N GLN D 42 -10.43 -15.55 -54.47
N GLN D 42 -10.45 -15.56 -54.47
CA GLN D 42 -10.42 -17.01 -54.49
CA GLN D 42 -10.46 -17.02 -54.54
C GLN D 42 -11.62 -17.59 -53.76
C GLN D 42 -11.63 -17.61 -53.76
N ALA D 43 -11.97 -17.02 -52.61
CA ALA D 43 -13.15 -17.49 -51.87
C ALA D 43 -14.42 -17.28 -52.69
N ILE D 44 -14.55 -16.13 -53.34
CA ILE D 44 -15.66 -15.92 -54.26
C ILE D 44 -15.69 -17.01 -55.31
N ALA D 45 -14.52 -17.36 -55.87
CA ALA D 45 -14.47 -18.40 -56.88
C ALA D 45 -14.92 -19.75 -56.33
N GLU D 46 -14.61 -20.02 -55.06
CA GLU D 46 -15.07 -21.24 -54.42
C GLU D 46 -16.60 -21.26 -54.33
N TYR D 47 -17.21 -20.13 -53.98
CA TYR D 47 -18.68 -20.11 -53.99
C TYR D 47 -19.23 -20.25 -55.41
N ASP D 48 -18.53 -19.70 -56.41
CA ASP D 48 -18.96 -19.85 -57.80
C ASP D 48 -18.88 -21.29 -58.26
N LYS D 49 -17.85 -22.03 -57.83
CA LYS D 49 -17.69 -23.43 -58.24
C LYS D 49 -18.89 -24.27 -57.85
N GLN D 50 -19.60 -23.89 -56.80
CA GLN D 50 -20.79 -24.62 -56.37
C GLN D 50 -22.07 -23.94 -56.82
N GLU D 51 -21.97 -22.97 -57.74
CA GLU D 51 -23.11 -22.23 -58.25
C GLU D 51 -23.92 -21.60 -57.11
N CYS D 52 -23.21 -21.11 -56.09
CA CYS D 52 -23.84 -20.47 -54.95
C CYS D 52 -23.55 -18.98 -54.94
N ASP D 53 -24.50 -18.21 -54.44
CA ASP D 53 -24.23 -16.81 -54.22
C ASP D 53 -23.35 -16.64 -53.00
N ILE D 54 -22.85 -15.42 -52.82
CA ILE D 54 -22.09 -15.10 -51.61
C ILE D 54 -23.01 -15.20 -50.40
N PRO D 55 -22.58 -15.82 -49.30
CA PRO D 55 -23.47 -15.91 -48.13
C PRO D 55 -23.83 -14.54 -47.59
N SER D 56 -24.97 -14.50 -46.90
CA SER D 56 -25.48 -13.29 -46.28
C SER D 56 -25.47 -13.42 -44.77
N LEU D 57 -25.07 -12.34 -44.10
CA LEU D 57 -25.10 -12.28 -42.65
C LEU D 57 -26.42 -11.74 -42.10
N THR D 58 -27.38 -11.41 -42.99
CA THR D 58 -28.71 -10.99 -42.54
C THR D 58 -29.80 -11.98 -42.93
N SER D 59 -29.52 -12.94 -43.78
CA SER D 59 -30.51 -13.95 -44.14
C SER D 59 -30.87 -14.79 -42.93
N GLY D 60 -32.14 -15.19 -42.85
CA GLY D 60 -32.66 -15.99 -41.77
C GLY D 60 -32.69 -17.48 -42.04
N GLU D 61 -32.13 -17.93 -43.15
CA GLU D 61 -32.07 -19.35 -43.45
C GLU D 61 -30.65 -19.74 -43.84
N PRO D 62 -30.29 -21.01 -43.69
CA PRO D 62 -28.92 -21.41 -43.99
C PRO D 62 -28.60 -21.26 -45.47
N HIS D 63 -27.34 -20.96 -45.73
CA HIS D 63 -26.74 -20.99 -47.06
C HIS D 63 -26.49 -22.44 -47.44
N PRO D 64 -26.66 -22.80 -48.73
CA PRO D 64 -26.49 -24.22 -49.11
C PRO D 64 -25.18 -24.84 -48.68
N MET D 65 -24.10 -24.06 -48.58
CA MET D 65 -22.83 -24.63 -48.21
C MET D 65 -22.58 -24.63 -46.71
N ASP D 66 -23.53 -24.15 -45.90
CA ASP D 66 -23.33 -24.09 -44.47
C ASP D 66 -23.17 -25.48 -43.85
N ASP D 67 -23.86 -26.48 -44.39
CA ASP D 67 -23.74 -27.84 -43.85
C ASP D 67 -22.94 -28.77 -44.77
N ARG D 68 -22.12 -28.21 -45.64
CA ARG D 68 -21.29 -28.99 -46.56
C ARG D 68 -19.84 -28.96 -46.12
N LEU D 69 -19.10 -29.99 -46.51
CA LEU D 69 -17.67 -30.04 -46.26
C LEU D 69 -16.96 -28.88 -46.95
N PRO D 70 -16.22 -28.02 -46.22
CA PRO D 70 -15.48 -26.96 -46.91
C PRO D 70 -14.39 -27.54 -47.79
N SER D 71 -14.28 -27.00 -49.01
CA SER D 71 -13.24 -27.47 -49.90
C SER D 71 -11.88 -27.13 -49.31
N LEU D 72 -10.88 -27.93 -49.69
CA LEU D 72 -9.51 -27.63 -49.28
C LEU D 72 -9.12 -26.22 -49.70
N GLU D 73 -9.48 -25.85 -50.93
N GLU D 73 -9.48 -25.83 -50.93
CA GLU D 73 -9.11 -24.55 -51.46
CA GLU D 73 -9.07 -24.53 -51.41
C GLU D 73 -9.72 -23.42 -50.62
C GLU D 73 -9.72 -23.41 -50.62
N LEU D 74 -11.00 -23.54 -50.27
CA LEU D 74 -11.64 -22.53 -49.43
C LEU D 74 -10.94 -22.42 -48.08
N LYS D 75 -10.57 -23.57 -47.48
CA LYS D 75 -9.91 -23.52 -46.17
C LYS D 75 -8.51 -22.93 -46.25
N ASN D 76 -7.76 -23.23 -47.32
CA ASN D 76 -6.45 -22.62 -47.49
C ASN D 76 -6.56 -21.12 -47.72
N THR D 77 -7.53 -20.69 -48.54
CA THR D 77 -7.69 -19.26 -48.75
C THR D 77 -8.12 -18.57 -47.47
N LEU D 78 -8.95 -19.22 -46.65
CA LEU D 78 -9.36 -18.60 -45.39
C LEU D 78 -8.18 -18.47 -44.44
N ARG D 79 -7.29 -19.46 -44.41
CA ARG D 79 -6.05 -19.32 -43.64
C ARG D 79 -5.31 -18.06 -44.06
N ILE D 80 -5.11 -17.88 -45.36
CA ILE D 80 -4.38 -16.70 -45.80
C ILE D 80 -5.15 -15.42 -45.50
N LEU D 81 -6.46 -15.42 -45.76
CA LEU D 81 -7.27 -14.21 -45.60
C LEU D 81 -7.29 -13.77 -44.15
N GLU D 82 -7.58 -14.69 -43.23
CA GLU D 82 -7.64 -14.35 -41.82
C GLU D 82 -6.27 -13.93 -41.30
N GLY D 83 -5.20 -14.66 -41.68
CA GLY D 83 -3.87 -14.25 -41.26
C GLY D 83 -3.51 -12.86 -41.75
N ALA D 84 -3.82 -12.55 -43.01
CA ALA D 84 -3.45 -11.26 -43.56
C ALA D 84 -4.26 -10.12 -42.95
N CYS D 85 -5.57 -10.34 -42.78
CA CYS D 85 -6.40 -9.32 -42.12
C CYS D 85 -5.90 -9.04 -40.70
N ALA D 86 -5.66 -10.11 -39.94
CA ALA D 86 -5.20 -9.92 -38.55
C ALA D 86 -3.87 -9.17 -38.53
N GLN D 87 -2.92 -9.60 -39.36
CA GLN D 87 -1.61 -8.95 -39.34
C GLN D 87 -1.70 -7.49 -39.73
N LEU D 88 -2.52 -7.18 -40.73
CA LEU D 88 -2.67 -5.79 -41.14
C LEU D 88 -3.25 -4.93 -40.01
N CYS D 89 -4.32 -5.42 -39.37
CA CYS D 89 -4.96 -4.63 -38.31
C CYS D 89 -4.02 -4.45 -37.12
N VAL D 90 -3.34 -5.51 -36.71
CA VAL D 90 -2.45 -5.43 -35.56
C VAL D 90 -1.21 -4.59 -35.88
N THR D 91 -0.76 -4.57 -37.14
CA THR D 91 0.36 -3.70 -37.48
C THR D 91 -0.05 -2.23 -37.41
N LEU D 92 -1.23 -1.90 -37.94
CA LEU D 92 -1.59 -0.49 -38.02
C LEU D 92 -2.17 0.06 -36.72
N ALA D 93 -2.67 -0.78 -35.85
CA ALA D 93 -3.29 -0.28 -34.64
C ALA D 93 -2.27 -0.04 -33.53
N PRO D 94 -2.53 0.90 -32.63
CA PRO D 94 -1.66 1.05 -31.45
C PRO D 94 -1.65 -0.24 -30.64
N PRO D 95 -0.51 -0.62 -30.07
CA PRO D 95 -0.44 -1.89 -29.35
C PRO D 95 -1.44 -2.01 -28.20
N ALA D 96 -1.67 -0.91 -27.47
CA ALA D 96 -2.59 -0.95 -26.34
C ALA D 96 -4.02 -1.23 -26.78
N HIS D 97 -4.41 -0.71 -27.95
CA HIS D 97 -5.73 -0.96 -28.52
C HIS D 97 -5.93 -2.45 -28.79
N THR D 98 -4.96 -3.06 -29.49
CA THR D 98 -5.04 -4.49 -29.78
C THR D 98 -5.07 -5.30 -28.50
N MET D 99 -4.22 -4.95 -27.53
CA MET D 99 -4.14 -5.75 -26.32
C MET D 99 -5.41 -5.62 -25.48
N LEU D 100 -5.99 -4.42 -25.40
N LEU D 100 -5.99 -4.42 -25.39
CA LEU D 100 -7.23 -4.24 -24.67
CA LEU D 100 -7.25 -4.25 -24.67
C LEU D 100 -8.35 -5.10 -25.26
C LEU D 100 -8.35 -5.13 -25.26
N ASN D 101 -8.47 -5.10 -26.60
CA ASN D 101 -9.47 -5.96 -27.22
C ASN D 101 -9.17 -7.45 -26.96
N TYR D 102 -7.89 -7.85 -27.00
CA TYR D 102 -7.55 -9.22 -26.61
C TYR D 102 -8.04 -9.52 -25.20
N SER D 103 -7.82 -8.59 -24.27
CA SER D 103 -8.21 -8.81 -22.88
C SER D 103 -9.71 -8.95 -22.74
N MET D 104 -10.49 -8.47 -23.71
CA MET D 104 -11.93 -8.65 -23.57
C MET D 104 -12.50 -9.78 -24.44
N ASP D 105 -11.66 -10.68 -24.97
CA ASP D 105 -12.13 -11.75 -25.85
C ASP D 105 -12.86 -12.87 -25.10
N VAL D 106 -12.83 -12.88 -23.76
CA VAL D 106 -13.57 -13.86 -22.96
C VAL D 106 -15.09 -13.61 -23.03
N LEU D 107 -15.49 -12.39 -23.39
CA LEU D 107 -16.88 -11.98 -23.25
C LEU D 107 -17.79 -12.64 -24.28
N VAL D 108 -17.38 -12.71 -25.55
CA VAL D 108 -18.24 -13.33 -26.56
C VAL D 108 -18.50 -14.79 -26.26
N PRO D 109 -17.49 -15.63 -25.95
CA PRO D 109 -17.84 -17.01 -25.55
C PRO D 109 -18.72 -17.06 -24.31
N SER D 110 -18.55 -16.13 -23.35
CA SER D 110 -19.51 -16.08 -22.24
C SER D 110 -20.94 -15.85 -22.74
N CYS D 111 -21.11 -14.92 -23.70
CA CYS D 111 -22.44 -14.64 -24.24
C CYS D 111 -23.01 -15.84 -25.00
N ILE D 112 -22.17 -16.51 -25.78
CA ILE D 112 -22.61 -17.69 -26.52
C ILE D 112 -23.12 -18.75 -25.55
N SER D 113 -22.35 -19.00 -24.49
CA SER D 113 -22.78 -19.99 -23.50
C SER D 113 -24.10 -19.59 -22.87
N THR D 114 -24.25 -18.29 -22.56
CA THR D 114 -25.48 -17.85 -21.92
C THR D 114 -26.69 -18.02 -22.83
N VAL D 115 -26.57 -17.65 -24.10
CA VAL D 115 -27.73 -17.78 -24.99
C VAL D 115 -27.98 -19.25 -25.34
N ILE D 116 -26.95 -20.10 -25.30
CA ILE D 116 -27.22 -21.52 -25.45
C ILE D 116 -28.04 -22.03 -24.27
N GLN D 117 -27.61 -21.69 -23.05
CA GLN D 117 -28.37 -22.14 -21.88
C GLN D 117 -29.80 -21.59 -21.91
N ALA D 118 -29.97 -20.36 -22.36
CA ALA D 118 -31.29 -19.73 -22.35
C ALA D 118 -32.17 -20.20 -23.50
N GLY D 119 -31.62 -20.93 -24.46
CA GLY D 119 -32.38 -21.40 -25.61
C GLY D 119 -32.87 -20.30 -26.52
N VAL D 120 -32.08 -19.24 -26.72
CA VAL D 120 -32.54 -18.10 -27.50
C VAL D 120 -32.71 -18.49 -28.96
N ALA D 121 -31.73 -19.17 -29.54
CA ALA D 121 -31.83 -19.51 -30.96
C ALA D 121 -33.01 -20.44 -31.28
N PRO D 122 -33.27 -21.52 -30.52
CA PRO D 122 -34.48 -22.32 -30.83
C PRO D 122 -35.77 -21.53 -30.68
N LEU D 123 -35.84 -20.70 -29.65
CA LEU D 123 -37.01 -19.85 -29.45
C LEU D 123 -37.21 -18.92 -30.64
N LEU D 124 -36.13 -18.34 -31.15
CA LEU D 124 -36.23 -17.46 -32.32
C LEU D 124 -36.52 -18.26 -33.59
N ALA D 125 -36.11 -19.52 -33.65
CA ALA D 125 -36.47 -20.35 -34.79
C ALA D 125 -37.96 -20.64 -34.81
N LYS D 126 -38.59 -20.68 -33.62
CA LYS D 126 -40.04 -20.82 -33.57
C LYS D 126 -40.75 -19.60 -34.13
N HIS D 127 -40.10 -18.42 -34.13
CA HIS D 127 -40.70 -17.17 -34.63
C HIS D 127 -39.72 -16.51 -35.60
N PRO D 128 -39.71 -16.96 -36.86
CA PRO D 128 -38.64 -16.56 -37.78
C PRO D 128 -38.55 -15.08 -38.05
N LYS D 129 -39.66 -14.35 -37.98
CA LYS D 129 -39.64 -12.91 -38.20
C LYS D 129 -39.01 -12.14 -37.04
N GLY D 130 -38.82 -12.78 -35.90
CA GLY D 130 -38.18 -12.10 -34.80
C GLY D 130 -39.09 -11.96 -33.59
N LEU D 131 -38.50 -11.76 -32.42
CA LEU D 131 -39.25 -11.58 -31.19
C LEU D 131 -38.77 -10.32 -30.49
N HIS D 132 -39.73 -9.57 -29.96
CA HIS D 132 -39.42 -8.42 -29.12
C HIS D 132 -38.72 -8.88 -27.84
N ILE D 133 -37.86 -8.01 -27.30
CA ILE D 133 -37.02 -8.38 -26.16
C ILE D 133 -37.88 -8.72 -24.93
N ASP D 134 -39.08 -8.15 -24.82
CA ASP D 134 -39.93 -8.45 -23.67
C ASP D 134 -40.43 -9.88 -23.72
N VAL D 135 -40.72 -10.39 -24.91
CA VAL D 135 -41.10 -11.79 -25.03
C VAL D 135 -39.92 -12.69 -24.69
N LEU D 136 -38.73 -12.38 -25.23
CA LEU D 136 -37.54 -13.16 -24.92
C LEU D 136 -37.26 -13.18 -23.42
N SER D 137 -37.48 -12.04 -22.75
CA SER D 137 -37.30 -11.96 -21.31
C SER D 137 -38.28 -12.85 -20.58
N LYS D 138 -39.56 -12.78 -20.95
CA LYS D 138 -40.55 -13.62 -20.29
C LYS D 138 -40.24 -15.10 -20.50
N GLU D 139 -39.73 -15.46 -21.68
CA GLU D 139 -39.53 -16.88 -21.98
C GLU D 139 -38.26 -17.40 -21.33
N THR D 140 -37.21 -16.57 -21.25
CA THR D 140 -35.93 -17.01 -20.69
C THR D 140 -35.82 -16.76 -19.20
N GLY D 141 -36.60 -15.84 -18.64
CA GLY D 141 -36.42 -15.43 -17.25
C GLY D 141 -35.29 -14.44 -17.02
N ILE D 142 -34.73 -13.87 -18.08
CA ILE D 142 -33.63 -12.91 -17.97
C ILE D 142 -34.18 -11.50 -18.14
N HIS D 143 -33.66 -10.57 -17.34
CA HIS D 143 -34.02 -9.16 -17.45
C HIS D 143 -33.85 -8.70 -18.89
N PRO D 144 -34.84 -8.01 -19.47
CA PRO D 144 -34.74 -7.65 -20.90
C PRO D 144 -33.51 -6.84 -21.26
N GLN D 145 -33.09 -5.88 -20.43
CA GLN D 145 -31.93 -5.06 -20.79
C GLN D 145 -30.64 -5.85 -20.64
N LYS D 146 -30.57 -6.79 -19.69
CA LYS D 146 -29.39 -7.65 -19.58
C LYS D 146 -29.29 -8.59 -20.77
N LEU D 147 -30.42 -9.18 -21.17
CA LEU D 147 -30.43 -10.05 -22.35
C LEU D 147 -30.11 -9.25 -23.61
N ALA D 148 -30.58 -8.00 -23.69
CA ALA D 148 -30.25 -7.19 -24.86
C ALA D 148 -28.77 -6.85 -24.90
N THR D 149 -28.15 -6.57 -23.75
CA THR D 149 -26.69 -6.36 -23.71
C THR D 149 -25.96 -7.56 -24.30
N ILE D 150 -26.33 -8.77 -23.83
CA ILE D 150 -25.73 -10.01 -24.33
C ILE D 150 -25.93 -10.14 -25.85
N LEU D 151 -27.17 -9.96 -26.30
CA LEU D 151 -27.48 -10.16 -27.72
C LEU D 151 -26.74 -9.17 -28.59
N ARG D 152 -26.60 -7.91 -28.15
CA ARG D 152 -25.95 -6.92 -28.99
C ARG D 152 -24.45 -7.16 -29.09
N LEU D 153 -23.81 -7.64 -28.02
CA LEU D 153 -22.41 -8.04 -28.18
C LEU D 153 -22.28 -9.16 -29.20
N LEU D 154 -23.19 -10.14 -29.17
CA LEU D 154 -23.14 -11.21 -30.18
C LEU D 154 -23.47 -10.68 -31.58
N ILE D 155 -24.43 -9.77 -31.67
CA ILE D 155 -24.90 -9.25 -32.97
C ILE D 155 -23.82 -8.43 -33.62
N LEU D 156 -23.09 -7.63 -32.83
CA LEU D 156 -21.95 -6.90 -33.37
C LEU D 156 -20.94 -7.84 -34.00
N ASN D 157 -20.82 -9.05 -33.47
CA ASN D 157 -19.94 -10.08 -34.00
C ASN D 157 -20.65 -11.03 -34.98
N TYR D 158 -21.77 -10.57 -35.57
CA TYR D 158 -22.44 -11.22 -36.70
C TYR D 158 -23.14 -12.53 -36.30
N CYS D 159 -23.55 -12.63 -35.04
CA CYS D 159 -24.31 -13.76 -34.54
C CYS D 159 -25.62 -13.26 -33.97
N PHE D 160 -26.74 -13.74 -34.51
CA PHE D 160 -28.07 -13.15 -34.34
C PHE D 160 -28.14 -11.82 -35.06
N GLN D 161 -29.29 -11.16 -35.03
CA GLN D 161 -29.43 -9.83 -35.61
C GLN D 161 -30.60 -9.13 -34.93
N GLU D 162 -30.55 -7.80 -34.97
CA GLU D 162 -31.64 -6.95 -34.48
C GLU D 162 -32.37 -6.42 -35.71
N VAL D 163 -33.62 -6.85 -35.92
CA VAL D 163 -34.35 -6.49 -37.14
C VAL D 163 -35.08 -5.16 -37.00
N GLU D 164 -35.60 -4.87 -35.80
CA GLU D 164 -36.09 -3.54 -35.42
C GLU D 164 -35.55 -3.28 -34.02
N SER D 165 -35.71 -2.04 -33.54
CA SER D 165 -35.27 -1.71 -32.19
C SER D 165 -35.89 -2.66 -31.18
N ASN D 166 -35.04 -3.37 -30.45
CA ASN D 166 -35.44 -4.32 -29.42
C ASN D 166 -36.17 -5.55 -29.96
N VAL D 167 -36.07 -5.82 -31.26
CA VAL D 167 -36.65 -7.03 -31.86
C VAL D 167 -35.52 -7.82 -32.49
N PHE D 168 -35.35 -9.07 -32.05
CA PHE D 168 -34.19 -9.87 -32.39
C PHE D 168 -34.59 -11.11 -33.16
N ALA D 169 -33.68 -11.58 -34.01
CA ALA D 169 -33.93 -12.71 -34.89
C ALA D 169 -32.65 -13.50 -35.07
N ASN D 170 -32.81 -14.72 -35.58
CA ASN D 170 -31.67 -15.55 -35.91
C ASN D 170 -30.99 -15.03 -37.17
N ASN D 171 -29.69 -15.32 -37.28
CA ASN D 171 -29.00 -15.21 -38.55
C ASN D 171 -28.21 -16.51 -38.75
N ARG D 172 -27.47 -16.60 -39.85
CA ARG D 172 -26.83 -17.86 -40.19
C ARG D 172 -25.80 -18.30 -39.16
N LEU D 173 -25.24 -17.39 -38.36
CA LEU D 173 -24.30 -17.84 -37.33
C LEU D 173 -25.04 -18.34 -36.08
N SER D 174 -26.13 -17.68 -35.70
CA SER D 174 -26.86 -18.20 -34.55
C SER D 174 -27.60 -19.50 -34.89
N LEU D 175 -27.85 -19.78 -36.18
CA LEU D 175 -28.45 -21.06 -36.53
C LEU D 175 -27.53 -22.24 -36.22
N THR D 176 -26.22 -22.02 -36.09
CA THR D 176 -25.35 -23.10 -35.62
C THR D 176 -25.67 -23.51 -34.19
N LEU D 177 -26.43 -22.70 -33.45
CA LEU D 177 -26.75 -22.99 -32.06
C LEU D 177 -28.04 -23.79 -31.88
N LEU D 178 -28.71 -24.18 -32.97
CA LEU D 178 -29.93 -24.98 -32.86
C LEU D 178 -29.61 -26.41 -32.39
N PRO D 179 -30.49 -27.01 -31.59
CA PRO D 179 -30.18 -28.34 -31.02
C PRO D 179 -29.95 -29.41 -32.06
N GLU D 180 -30.38 -29.21 -33.30
CA GLU D 180 -30.23 -30.21 -34.34
C GLU D 180 -28.85 -30.19 -35.00
N THR D 181 -28.12 -29.08 -34.95
CA THR D 181 -26.94 -28.95 -35.79
C THR D 181 -25.83 -29.88 -35.32
N SER D 182 -24.86 -30.05 -36.22
CA SER D 182 -23.72 -30.91 -35.91
C SER D 182 -22.66 -30.18 -35.12
N VAL D 183 -22.83 -28.90 -34.83
CA VAL D 183 -21.78 -28.13 -34.17
C VAL D 183 -22.24 -27.52 -32.85
N VAL D 184 -23.54 -27.54 -32.53
CA VAL D 184 -23.98 -26.91 -31.29
C VAL D 184 -23.33 -27.56 -30.08
N ASP D 185 -23.05 -28.86 -30.12
CA ASP D 185 -22.53 -29.53 -28.93
C ASP D 185 -21.08 -29.16 -28.65
N ILE D 186 -20.26 -29.00 -29.70
CA ILE D 186 -18.88 -28.56 -29.43
C ILE D 186 -18.86 -27.07 -29.04
N LEU D 187 -19.74 -26.25 -29.62
CA LEU D 187 -19.80 -24.84 -29.20
C LEU D 187 -20.23 -24.75 -27.74
N ASP D 188 -21.21 -25.56 -27.36
CA ASP D 188 -21.67 -25.61 -25.98
C ASP D 188 -20.55 -26.04 -25.04
N LEU D 189 -19.82 -27.11 -25.41
CA LEU D 189 -18.76 -27.59 -24.55
C LEU D 189 -17.64 -26.55 -24.41
N LYS D 190 -17.17 -26.00 -25.53
CA LYS D 190 -16.01 -25.11 -25.47
C LYS D 190 -16.34 -23.78 -24.79
N THR D 191 -17.58 -23.30 -24.89
CA THR D 191 -17.94 -22.07 -24.16
C THR D 191 -18.49 -22.36 -22.78
N GLY D 192 -18.66 -23.63 -22.42
CA GLY D 192 -19.42 -24.03 -21.26
C GLY D 192 -18.68 -23.92 -19.93
N GLU D 193 -19.43 -24.19 -18.87
CA GLU D 193 -18.94 -23.97 -17.51
C GLU D 193 -17.72 -24.81 -17.17
N MET D 194 -17.63 -26.03 -17.72
CA MET D 194 -16.45 -26.85 -17.44
C MET D 194 -15.19 -26.24 -18.06
N HIS D 195 -15.29 -25.73 -19.30
CA HIS D 195 -14.12 -25.07 -19.88
C HIS D 195 -13.78 -23.77 -19.17
N ARG D 196 -14.80 -23.04 -18.67
CA ARG D 196 -14.53 -21.85 -17.88
C ARG D 196 -13.80 -22.21 -16.58
N LYS D 197 -14.18 -23.31 -15.96
CA LYS D 197 -13.45 -23.77 -14.79
C LYS D 197 -12.03 -24.16 -15.17
N ALA D 198 -11.83 -24.73 -16.36
CA ALA D 198 -10.50 -25.14 -16.76
C ALA D 198 -9.53 -23.96 -16.85
N THR D 199 -10.04 -22.77 -17.18
CA THR D 199 -9.19 -21.58 -17.29
C THR D 199 -9.26 -20.67 -16.05
N LEU D 200 -9.95 -21.11 -15.00
CA LEU D 200 -10.16 -20.23 -13.86
C LEU D 200 -8.86 -19.99 -13.09
N TRP D 201 -8.04 -21.02 -12.92
CA TRP D 201 -6.86 -20.94 -12.07
C TRP D 201 -5.64 -21.56 -12.76
N VAL D 202 -5.37 -21.14 -13.99
CA VAL D 202 -4.30 -21.78 -14.77
C VAL D 202 -2.94 -21.51 -14.14
N TYR D 203 -2.64 -20.25 -13.81
CA TYR D 203 -1.33 -19.93 -13.25
C TYR D 203 -1.09 -20.69 -11.94
N ASP D 204 -2.08 -20.70 -11.06
CA ASP D 204 -1.93 -21.43 -9.79
C ASP D 204 -1.65 -22.90 -10.04
N ALA D 205 -2.35 -23.50 -11.01
CA ALA D 205 -2.11 -24.91 -11.31
C ALA D 205 -0.70 -25.11 -11.86
N LEU D 206 -0.20 -24.17 -12.66
CA LEU D 206 1.09 -24.33 -13.30
C LEU D 206 2.25 -24.14 -12.33
N VAL D 207 2.07 -23.33 -11.29
CA VAL D 207 3.12 -23.17 -10.27
C VAL D 207 2.85 -24.01 -9.03
N ASP D 208 1.77 -24.77 -9.00
CA ASP D 208 1.51 -25.66 -7.89
C ASP D 208 2.59 -26.75 -7.84
N PRO D 209 3.15 -27.06 -6.68
CA PRO D 209 4.20 -28.09 -6.63
C PRO D 209 3.72 -29.48 -7.02
N ASP D 210 2.41 -29.71 -6.99
CA ASP D 210 1.83 -31.01 -7.30
C ASP D 210 1.23 -31.05 -8.72
N PHE D 211 0.63 -29.96 -9.19
CA PHE D 211 -0.01 -29.93 -10.49
C PHE D 211 0.87 -29.37 -11.60
N GLY D 212 1.93 -28.63 -11.26
CA GLY D 212 2.76 -27.96 -12.24
C GLY D 212 3.75 -28.83 -12.99
N PRO D 213 4.57 -29.63 -12.29
CA PRO D 213 5.72 -30.26 -12.96
C PRO D 213 5.35 -31.35 -13.97
N THR D 214 4.23 -32.05 -13.83
CA THR D 214 3.98 -33.23 -14.67
C THR D 214 2.83 -32.99 -15.64
N TYR D 215 2.77 -33.87 -16.64
CA TYR D 215 1.68 -33.93 -17.60
C TYR D 215 0.67 -35.06 -17.30
N ASP D 216 0.57 -35.48 -16.04
CA ASP D 216 -0.35 -36.55 -15.68
C ASP D 216 -1.78 -36.13 -15.97
N GLY D 217 -2.61 -37.11 -16.38
CA GLY D 217 -3.96 -36.80 -16.81
C GLY D 217 -4.80 -36.16 -15.72
N ASN D 218 -4.64 -36.63 -14.48
CA ASN D 218 -5.39 -36.12 -13.35
C ASN D 218 -4.72 -34.91 -12.68
N LYS D 219 -3.87 -34.16 -13.41
CA LYS D 219 -3.22 -32.97 -12.88
C LYS D 219 -3.38 -31.78 -13.82
N SER D 220 -4.45 -31.76 -14.62
CA SER D 220 -4.72 -30.62 -15.47
C SER D 220 -5.18 -29.43 -14.63
N PRO D 221 -5.05 -28.21 -15.17
CA PRO D 221 -5.66 -27.06 -14.50
C PRO D 221 -7.16 -27.24 -14.27
N LEU D 222 -7.86 -27.97 -15.15
CA LEU D 222 -9.26 -28.27 -14.90
C LEU D 222 -9.43 -29.13 -13.64
N VAL D 223 -8.65 -30.20 -13.54
CA VAL D 223 -8.72 -31.03 -12.33
C VAL D 223 -8.29 -30.23 -11.12
N TYR D 224 -7.32 -29.33 -11.28
CA TYR D 224 -6.93 -28.47 -10.17
C TYR D 224 -8.11 -27.64 -9.68
N ALA D 225 -8.84 -27.01 -10.61
CA ALA D 225 -10.00 -26.21 -10.23
C ALA D 225 -11.09 -27.07 -9.60
N LEU D 226 -11.29 -28.28 -10.11
CA LEU D 226 -12.30 -29.17 -9.55
C LEU D 226 -11.95 -29.59 -8.12
N ARG D 227 -10.67 -29.88 -7.86
CA ARG D 227 -10.23 -30.20 -6.51
C ARG D 227 -10.43 -29.00 -5.58
N ARG D 228 -10.00 -27.82 -6.03
CA ARG D 228 -10.14 -26.61 -5.21
C ARG D 228 -11.61 -26.31 -4.94
N GLU D 229 -12.51 -26.77 -5.81
CA GLU D 229 -13.94 -26.67 -5.58
C GLU D 229 -14.45 -27.72 -4.60
N GLY D 230 -13.70 -28.80 -4.40
CA GLY D 230 -14.13 -29.88 -3.55
C GLY D 230 -14.62 -31.12 -4.26
N PHE D 231 -14.39 -31.23 -5.57
CA PHE D 231 -14.85 -32.37 -6.36
C PHE D 231 -13.73 -33.38 -6.50
N ASP D 232 -14.07 -34.67 -6.35
CA ASP D 232 -13.11 -35.75 -6.45
C ASP D 232 -13.41 -36.57 -7.70
N GLY D 233 -12.43 -36.66 -8.59
CA GLY D 233 -12.63 -37.34 -9.87
C GLY D 233 -12.02 -36.59 -11.04
N SER D 234 -12.02 -37.21 -12.21
CA SER D 234 -11.44 -36.59 -13.40
C SER D 234 -12.48 -36.51 -14.53
N LEU D 235 -12.05 -36.85 -15.75
CA LEU D 235 -12.98 -36.89 -16.89
C LEU D 235 -14.17 -37.79 -16.58
N TYR D 236 -13.89 -39.06 -16.28
CA TYR D 236 -14.92 -40.06 -16.05
C TYR D 236 -15.91 -39.60 -14.99
N ASP D 237 -15.45 -39.51 -13.73
CA ASP D 237 -16.34 -39.22 -12.62
C ASP D 237 -17.17 -37.95 -12.85
N TYR D 238 -16.52 -36.87 -13.31
CA TYR D 238 -17.25 -35.62 -13.47
C TYR D 238 -18.32 -35.73 -14.54
N LEU D 239 -18.01 -36.38 -15.67
CA LEU D 239 -19.03 -36.50 -16.71
C LEU D 239 -20.13 -37.49 -16.32
N GLN D 240 -19.77 -38.61 -15.68
CA GLN D 240 -20.76 -39.58 -15.26
C GLN D 240 -21.72 -38.99 -14.25
N THR D 241 -21.22 -38.11 -13.36
CA THR D 241 -22.09 -37.46 -12.38
C THR D 241 -22.95 -36.36 -12.99
N GLN D 242 -22.60 -35.88 -14.18
CA GLN D 242 -23.43 -34.90 -14.88
C GLN D 242 -24.41 -35.67 -15.78
N PRO D 243 -25.72 -35.51 -15.58
CA PRO D 243 -26.67 -36.31 -16.36
C PRO D 243 -26.60 -35.98 -17.85
N GLY D 244 -26.51 -37.03 -18.66
CA GLY D 244 -26.48 -36.85 -20.10
C GLY D 244 -25.25 -36.13 -20.62
N ALA D 245 -24.13 -36.18 -19.90
CA ALA D 245 -22.94 -35.45 -20.29
C ALA D 245 -21.93 -36.27 -21.06
N VAL D 246 -21.91 -37.59 -20.89
CA VAL D 246 -20.99 -38.41 -21.67
C VAL D 246 -21.43 -38.48 -23.13
N ALA D 247 -22.74 -38.64 -23.36
CA ALA D 247 -23.26 -38.57 -24.72
C ALA D 247 -23.08 -37.17 -25.30
N ARG D 248 -23.26 -36.13 -24.47
CA ARG D 248 -23.00 -34.77 -24.90
C ARG D 248 -21.56 -34.62 -25.36
N PHE D 249 -20.61 -35.15 -24.58
CA PHE D 249 -19.19 -35.05 -24.92
C PHE D 249 -18.88 -35.80 -26.21
N ALA D 250 -19.50 -36.97 -26.39
CA ALA D 250 -19.28 -37.74 -27.61
C ALA D 250 -19.79 -37.00 -28.84
N ARG D 251 -21.01 -36.45 -28.75
CA ARG D 251 -21.52 -35.66 -29.86
C ARG D 251 -20.64 -34.43 -30.10
N ALA D 252 -20.08 -33.84 -29.04
CA ALA D 252 -19.24 -32.66 -29.24
C ALA D 252 -17.96 -33.04 -29.96
N MET D 253 -17.38 -34.20 -29.63
CA MET D 253 -16.19 -34.67 -30.32
C MET D 253 -16.48 -34.88 -31.80
N LEU D 254 -17.60 -35.53 -32.11
CA LEU D 254 -18.01 -35.68 -33.50
C LEU D 254 -18.16 -34.32 -34.18
N GLY D 255 -18.83 -33.39 -33.51
CA GLY D 255 -19.07 -32.09 -34.11
C GLY D 255 -17.82 -31.25 -34.24
N PHE D 256 -16.83 -31.49 -33.38
CA PHE D 256 -15.54 -30.84 -33.53
C PHE D 256 -14.82 -31.33 -34.78
N SER D 257 -14.90 -32.64 -35.04
CA SER D 257 -14.31 -33.13 -36.28
C SER D 257 -15.06 -32.60 -37.50
N VAL D 258 -16.39 -32.52 -37.39
CA VAL D 258 -17.21 -32.06 -38.51
C VAL D 258 -16.98 -30.58 -38.79
N SER D 259 -17.02 -29.74 -37.75
CA SER D 259 -16.88 -28.31 -37.95
C SER D 259 -15.51 -27.91 -38.47
N ARG D 260 -14.49 -28.73 -38.22
CA ARG D 260 -13.13 -28.47 -38.69
C ARG D 260 -12.85 -29.09 -40.06
N GLY D 261 -13.84 -29.73 -40.67
CA GLY D 261 -13.68 -30.28 -42.01
C GLY D 261 -12.64 -31.37 -42.10
N LEU D 262 -12.52 -32.22 -41.08
CA LEU D 262 -11.51 -33.27 -41.09
C LEU D 262 -11.78 -34.35 -42.12
N MET D 263 -13.04 -34.48 -42.57
CA MET D 263 -13.36 -35.41 -43.64
C MET D 263 -12.61 -35.09 -44.93
N ASN D 264 -12.00 -33.92 -45.04
CA ASN D 264 -11.13 -33.69 -46.19
C ASN D 264 -9.97 -34.67 -46.28
N LEU D 265 -9.73 -35.46 -45.22
CA LEU D 265 -8.84 -36.60 -45.33
C LEU D 265 -9.18 -37.42 -46.57
N LEU D 266 -10.47 -37.68 -46.78
CA LEU D 266 -10.93 -38.45 -47.93
C LEU D 266 -10.51 -37.84 -49.25
N ASN D 267 -10.20 -36.55 -49.28
CA ASN D 267 -9.83 -35.89 -50.53
C ASN D 267 -8.34 -35.60 -50.64
N VAL D 268 -7.57 -35.80 -49.57
CA VAL D 268 -6.16 -35.43 -49.58
C VAL D 268 -5.26 -36.64 -49.76
N PHE D 269 -5.41 -37.63 -48.89
CA PHE D 269 -4.64 -38.85 -49.04
C PHE D 269 -5.19 -39.63 -50.23
N PRO D 270 -4.32 -40.20 -51.07
CA PRO D 270 -4.79 -40.86 -52.31
C PRO D 270 -5.30 -42.27 -52.06
N TRP D 271 -6.45 -42.37 -51.39
CA TRP D 271 -7.05 -43.68 -51.14
C TRP D 271 -7.39 -44.40 -52.43
N GLN D 272 -7.78 -43.65 -53.46
CA GLN D 272 -8.14 -44.26 -54.73
C GLN D 272 -6.97 -44.98 -55.37
N GLU D 273 -5.74 -44.62 -55.02
CA GLU D 273 -4.55 -45.20 -55.63
C GLU D 273 -4.01 -46.40 -54.87
N LEU D 274 -4.63 -46.78 -53.76
CA LEU D 274 -4.28 -48.02 -53.08
C LEU D 274 -4.87 -49.20 -53.83
N ALA D 275 -4.12 -50.30 -53.88
CA ALA D 275 -4.55 -51.48 -54.62
C ALA D 275 -5.86 -52.03 -54.03
N PRO D 276 -6.72 -52.63 -54.85
CA PRO D 276 -7.94 -53.24 -54.32
C PRO D 276 -7.59 -54.33 -53.31
N GLY D 277 -8.30 -54.31 -52.17
CA GLY D 277 -8.00 -55.21 -51.09
C GLY D 277 -7.03 -54.68 -50.07
N SER D 278 -6.56 -53.44 -50.22
CA SER D 278 -5.66 -52.86 -49.25
C SER D 278 -6.38 -52.66 -47.92
N THR D 279 -5.64 -52.84 -46.83
CA THR D 279 -6.19 -52.84 -45.48
C THR D 279 -5.85 -51.54 -44.77
N VAL D 280 -6.86 -50.95 -44.12
CA VAL D 280 -6.72 -49.75 -43.31
C VAL D 280 -7.07 -50.13 -41.87
N CYS D 281 -6.08 -50.15 -41.00
CA CYS D 281 -6.26 -50.48 -39.59
C CYS D 281 -6.50 -49.17 -38.85
N ASP D 282 -7.75 -48.92 -38.47
CA ASP D 282 -8.12 -47.72 -37.72
C ASP D 282 -7.81 -47.99 -36.25
N LEU D 283 -6.58 -47.69 -35.84
CA LEU D 283 -6.14 -48.03 -34.50
C LEU D 283 -6.66 -47.00 -33.51
N GLY D 284 -7.53 -47.44 -32.59
CA GLY D 284 -8.14 -46.52 -31.66
C GLY D 284 -9.18 -45.65 -32.30
N GLY D 285 -9.91 -46.18 -33.28
CA GLY D 285 -10.91 -45.42 -34.00
C GLY D 285 -12.27 -45.32 -33.35
N GLY D 286 -12.40 -45.78 -32.11
CA GLY D 286 -13.69 -45.67 -31.42
C GLY D 286 -14.77 -46.43 -32.16
N ASN D 287 -15.83 -45.73 -32.54
CA ASN D 287 -16.88 -46.33 -33.35
C ASN D 287 -16.43 -46.58 -34.78
N GLY D 288 -15.28 -46.04 -35.19
CA GLY D 288 -14.87 -46.12 -36.57
C GLY D 288 -15.51 -45.10 -37.47
N ASN D 289 -15.84 -43.91 -36.93
CA ASN D 289 -16.50 -42.88 -37.72
C ASN D 289 -15.68 -42.40 -38.90
N THR D 290 -14.35 -42.52 -38.84
CA THR D 290 -13.54 -42.16 -39.99
C THR D 290 -13.39 -43.31 -40.97
N SER D 291 -13.00 -44.47 -40.46
CA SER D 291 -12.87 -45.66 -41.30
C SER D 291 -14.19 -46.03 -41.96
N ILE D 292 -15.32 -45.76 -41.30
CA ILE D 292 -16.59 -46.08 -41.92
C ILE D 292 -16.79 -45.21 -43.16
N GLU D 293 -16.35 -43.95 -43.12
CA GLU D 293 -16.47 -43.10 -44.28
C GLU D 293 -15.47 -43.51 -45.36
N ILE D 294 -14.27 -43.93 -44.95
CA ILE D 294 -13.30 -44.41 -45.93
C ILE D 294 -13.87 -45.61 -46.68
N ALA D 295 -14.38 -46.59 -45.93
CA ALA D 295 -14.93 -47.79 -46.55
C ALA D 295 -16.19 -47.48 -47.36
N LYS D 296 -17.03 -46.54 -46.89
CA LYS D 296 -18.21 -46.15 -47.66
C LYS D 296 -17.80 -45.52 -48.98
N LYS D 297 -16.71 -44.75 -48.99
CA LYS D 297 -16.38 -43.96 -50.17
C LYS D 297 -15.46 -44.70 -51.14
N PHE D 298 -14.60 -45.59 -50.65
CA PHE D 298 -13.68 -46.35 -51.49
C PHE D 298 -13.99 -47.84 -51.30
N PRO D 299 -14.99 -48.37 -52.01
CA PRO D 299 -15.40 -49.76 -51.77
C PRO D 299 -14.36 -50.81 -52.14
N HIS D 300 -13.20 -50.42 -52.68
CA HIS D 300 -12.15 -51.37 -52.99
C HIS D 300 -11.22 -51.64 -51.81
N LEU D 301 -11.45 -50.98 -50.67
CA LEU D 301 -10.58 -51.08 -49.51
C LEU D 301 -11.27 -51.85 -48.39
N LYS D 302 -10.45 -52.43 -47.51
CA LYS D 302 -10.92 -53.11 -46.32
C LYS D 302 -10.43 -52.38 -45.08
N VAL D 303 -11.26 -52.34 -44.04
CA VAL D 303 -10.90 -51.65 -42.81
C VAL D 303 -10.90 -52.65 -41.68
N HIS D 304 -9.92 -52.50 -40.79
CA HIS D 304 -9.86 -53.27 -39.55
C HIS D 304 -9.93 -52.28 -38.41
N LEU D 305 -11.03 -52.32 -37.67
CA LEU D 305 -11.24 -51.44 -36.53
C LEU D 305 -10.72 -52.13 -35.27
N GLN D 306 -9.81 -51.47 -34.57
CA GLN D 306 -9.27 -51.96 -33.32
C GLN D 306 -9.43 -50.89 -32.25
N ASP D 307 -9.97 -51.27 -31.10
CA ASP D 307 -10.16 -50.37 -29.97
C ASP D 307 -10.48 -51.23 -28.75
N LEU D 308 -10.98 -50.60 -27.68
CA LEU D 308 -11.34 -51.33 -26.48
C LEU D 308 -12.58 -52.20 -26.71
N PRO D 309 -12.69 -53.34 -26.00
CA PRO D 309 -13.82 -54.26 -26.25
C PRO D 309 -15.20 -53.62 -26.22
N ASP D 310 -15.52 -52.85 -25.18
CA ASP D 310 -16.84 -52.21 -25.12
C ASP D 310 -17.04 -51.27 -26.30
N THR D 311 -16.04 -50.43 -26.58
CA THR D 311 -16.12 -49.58 -27.75
C THR D 311 -16.22 -50.42 -29.02
N ILE D 312 -15.58 -51.59 -29.06
CA ILE D 312 -15.66 -52.43 -30.26
C ILE D 312 -17.08 -52.97 -30.46
N GLU D 313 -17.75 -53.35 -29.37
CA GLU D 313 -19.15 -53.80 -29.50
C GLU D 313 -20.08 -52.67 -29.90
N GLU D 314 -19.91 -51.49 -29.28
CA GLU D 314 -20.67 -50.32 -29.72
C GLU D 314 -20.43 -50.04 -31.20
N ALA D 315 -19.19 -50.20 -31.66
CA ALA D 315 -18.86 -49.99 -33.06
C ALA D 315 -19.50 -51.04 -33.95
N LYS D 316 -19.59 -52.28 -33.47
CA LYS D 316 -20.29 -53.32 -34.21
C LYS D 316 -21.75 -52.95 -34.43
N VAL D 317 -22.41 -52.44 -33.39
CA VAL D 317 -23.80 -52.01 -33.54
C VAL D 317 -23.90 -50.85 -34.52
N PHE D 318 -22.99 -49.88 -34.39
CA PHE D 318 -22.99 -48.72 -35.27
C PHE D 318 -22.81 -49.13 -36.73
N TRP D 319 -21.86 -50.03 -36.99
CA TRP D 319 -21.64 -50.51 -38.35
C TRP D 319 -22.82 -51.33 -38.87
N LYS D 320 -23.45 -52.13 -38.00
CA LYS D 320 -24.63 -52.87 -38.46
C LYS D 320 -25.75 -51.95 -38.87
N GLU D 321 -25.93 -50.82 -38.17
CA GLU D 321 -26.91 -49.86 -38.66
C GLU D 321 -26.46 -49.20 -39.96
N GLU D 322 -25.26 -48.60 -39.95
CA GLU D 322 -24.91 -47.61 -40.96
C GLU D 322 -24.32 -48.22 -42.23
N TYR D 323 -23.46 -49.23 -42.12
CA TYR D 323 -22.81 -49.83 -43.28
C TYR D 323 -22.76 -51.35 -43.12
N PRO D 324 -23.92 -52.02 -43.22
CA PRO D 324 -23.91 -53.49 -43.14
C PRO D 324 -23.29 -54.16 -44.35
N ASP D 325 -23.29 -53.49 -45.50
CA ASP D 325 -22.72 -54.08 -46.71
C ASP D 325 -21.25 -54.42 -46.51
N ALA D 326 -20.50 -53.56 -45.81
CA ALA D 326 -19.10 -53.86 -45.54
C ALA D 326 -18.94 -55.09 -44.68
N ILE D 327 -19.88 -55.35 -43.78
CA ILE D 327 -19.83 -56.56 -42.97
C ILE D 327 -20.10 -57.79 -43.85
N LYS D 328 -21.14 -57.73 -44.67
CA LYS D 328 -21.45 -58.89 -45.51
C LYS D 328 -20.62 -58.93 -46.79
N ASP D 329 -19.85 -57.88 -47.09
CA ASP D 329 -18.83 -57.96 -48.13
C ASP D 329 -17.48 -58.39 -47.59
N SER D 330 -17.40 -58.72 -46.30
CA SER D 330 -16.15 -59.10 -45.65
C SER D 330 -15.09 -58.01 -45.80
N ARG D 331 -15.52 -56.74 -45.70
CA ARG D 331 -14.64 -55.60 -45.88
C ARG D 331 -14.31 -54.86 -44.59
N VAL D 332 -15.07 -55.08 -43.52
CA VAL D 332 -14.76 -54.52 -42.21
C VAL D 332 -14.53 -55.67 -41.24
N ALA D 333 -13.52 -55.54 -40.40
CA ALA D 333 -13.26 -56.49 -39.32
C ALA D 333 -13.09 -55.72 -38.03
N PHE D 334 -13.32 -56.39 -36.90
CA PHE D 334 -13.26 -55.79 -35.58
C PHE D 334 -12.41 -56.64 -34.66
N THR D 335 -11.40 -56.02 -34.04
CA THR D 335 -10.56 -56.73 -33.08
C THR D 335 -10.29 -55.85 -31.86
N PRO D 336 -10.73 -56.26 -30.67
CA PRO D 336 -10.40 -55.48 -29.46
C PRO D 336 -8.90 -55.41 -29.25
N ILE D 337 -8.45 -54.33 -28.59
CA ILE D 337 -7.03 -54.11 -28.38
C ILE D 337 -6.85 -53.14 -27.24
N ASP D 338 -5.74 -53.29 -26.52
CA ASP D 338 -5.16 -52.23 -25.68
C ASP D 338 -3.84 -51.88 -26.35
N PHE D 339 -3.83 -50.83 -27.15
CA PHE D 339 -2.69 -50.60 -28.02
C PHE D 339 -1.43 -50.15 -27.27
N PHE D 340 -1.50 -50.00 -25.95
CA PHE D 340 -0.30 -49.84 -25.14
C PHE D 340 0.30 -51.16 -24.70
N LYS D 341 -0.48 -52.23 -24.71
CA LYS D 341 -0.05 -53.56 -24.25
C LYS D 341 0.19 -54.56 -25.37
N GLN D 342 -0.51 -54.42 -26.49
CA GLN D 342 -0.39 -55.36 -27.59
C GLN D 342 -0.23 -54.65 -28.92
N ALA D 343 0.45 -55.31 -29.84
CA ALA D 343 0.60 -54.79 -31.19
C ALA D 343 -0.73 -54.90 -31.93
N PRO D 344 -0.94 -54.06 -32.95
CA PRO D 344 -2.15 -54.20 -33.78
C PRO D 344 -2.05 -55.38 -34.72
N VAL D 345 -3.10 -55.64 -35.50
CA VAL D 345 -3.11 -56.75 -36.45
C VAL D 345 -1.97 -56.58 -37.44
N PRO D 346 -1.24 -57.64 -37.81
CA PRO D 346 -0.03 -57.47 -38.60
C PRO D 346 -0.31 -57.24 -40.09
N ASP D 347 0.74 -56.76 -40.77
CA ASP D 347 0.81 -56.74 -42.24
C ASP D 347 -0.35 -55.95 -42.86
N GLN D 348 -0.81 -54.90 -42.19
CA GLN D 348 -1.80 -54.01 -42.78
C GLN D 348 -1.10 -53.00 -43.69
N ASP D 349 -1.81 -52.56 -44.71
CA ASP D 349 -1.21 -51.60 -45.63
C ASP D 349 -1.09 -50.23 -44.98
N ILE D 350 -2.11 -49.82 -44.22
CA ILE D 350 -2.12 -48.54 -43.53
C ILE D 350 -2.52 -48.76 -42.09
N TYR D 351 -1.80 -48.12 -41.17
CA TYR D 351 -2.21 -47.99 -39.77
C TYR D 351 -2.51 -46.52 -39.53
N TYR D 352 -3.77 -46.23 -39.21
CA TYR D 352 -4.28 -44.86 -39.10
C TYR D 352 -4.59 -44.56 -37.66
N ILE D 353 -3.94 -43.54 -37.10
CA ILE D 353 -4.23 -43.08 -35.74
C ILE D 353 -4.53 -41.58 -35.80
N SER D 354 -5.71 -41.19 -35.34
CA SER D 354 -6.15 -39.81 -35.42
C SER D 354 -6.45 -39.28 -34.03
N GLN D 355 -5.86 -38.13 -33.70
CA GLN D 355 -6.08 -37.46 -32.42
C GLN D 355 -5.88 -38.42 -31.24
N ILE D 356 -4.86 -39.25 -31.35
CA ILE D 356 -4.48 -40.16 -30.28
C ILE D 356 -3.15 -39.73 -29.65
N VAL D 357 -2.16 -39.42 -30.50
CA VAL D 357 -0.83 -39.07 -30.00
C VAL D 357 -0.90 -37.84 -29.10
N HIS D 358 -1.74 -36.83 -29.48
CA HIS D 358 -1.82 -35.60 -28.70
C HIS D 358 -2.51 -35.79 -27.36
N ASN D 359 -2.89 -37.03 -27.01
CA ASN D 359 -3.51 -37.32 -25.74
C ASN D 359 -2.59 -37.98 -24.74
N TRP D 360 -1.38 -38.36 -25.13
CA TRP D 360 -0.50 -39.15 -24.30
C TRP D 360 0.91 -38.57 -24.30
N GLY D 361 1.65 -38.84 -23.23
CA GLY D 361 3.01 -38.37 -23.11
C GLY D 361 3.96 -39.07 -24.07
N ASP D 362 5.23 -38.66 -24.00
CA ASP D 362 6.22 -39.15 -24.94
C ASP D 362 6.47 -40.64 -24.77
N GLU D 363 6.54 -41.11 -23.52
CA GLU D 363 6.87 -42.51 -23.27
C GLU D 363 5.77 -43.44 -23.81
N ASP D 364 4.51 -43.13 -23.49
CA ASP D 364 3.40 -43.93 -23.98
C ASP D 364 3.27 -43.84 -25.49
N CYS D 365 3.56 -42.67 -26.07
CA CYS D 365 3.54 -42.54 -27.53
C CYS D 365 4.59 -43.45 -28.16
N ILE D 366 5.81 -43.44 -27.61
CA ILE D 366 6.86 -44.30 -28.15
C ILE D 366 6.47 -45.77 -28.00
N THR D 367 5.82 -46.11 -26.89
CA THR D 367 5.36 -47.48 -26.69
C THR D 367 4.36 -47.88 -27.77
N LEU D 368 3.37 -47.03 -28.02
CA LEU D 368 2.37 -47.31 -29.06
C LEU D 368 3.02 -47.40 -30.44
N LEU D 369 3.95 -46.49 -30.73
CA LEU D 369 4.60 -46.49 -32.04
C LEU D 369 5.43 -47.75 -32.23
N LYS D 370 6.05 -48.24 -31.16
CA LYS D 370 6.80 -49.50 -31.24
C LYS D 370 5.86 -50.68 -31.41
N ASN D 371 4.72 -50.68 -30.72
CA ASN D 371 3.73 -51.73 -30.93
C ASN D 371 3.29 -51.76 -32.39
N ILE D 372 3.05 -50.58 -32.98
CA ILE D 372 2.64 -50.51 -34.38
C ILE D 372 3.77 -51.01 -35.28
N ARG D 373 5.00 -50.54 -35.03
CA ARG D 373 6.14 -50.93 -35.86
C ARG D 373 6.37 -52.43 -35.87
N SER D 374 6.17 -53.07 -34.71
CA SER D 374 6.40 -54.52 -34.64
C SER D 374 5.41 -55.29 -35.52
N ALA D 375 4.24 -54.72 -35.80
CA ALA D 375 3.22 -55.41 -36.57
C ALA D 375 3.36 -55.17 -38.07
N MET D 376 4.26 -54.30 -38.50
CA MET D 376 4.27 -53.83 -39.87
C MET D 376 5.11 -54.73 -40.78
N SER D 377 4.73 -54.76 -42.04
CA SER D 377 5.41 -55.48 -43.11
C SER D 377 6.03 -54.47 -44.07
N PRO D 378 6.78 -54.90 -45.08
CA PRO D 378 7.27 -53.93 -46.08
C PRO D 378 6.15 -53.17 -46.79
N LYS D 379 4.92 -53.67 -46.80
CA LYS D 379 3.81 -52.96 -47.44
C LYS D 379 3.18 -51.91 -46.54
N SER D 380 3.61 -51.80 -45.28
CA SER D 380 2.90 -51.00 -44.29
C SER D 380 3.40 -49.57 -44.22
N ARG D 381 2.49 -48.67 -43.88
CA ARG D 381 2.80 -47.30 -43.55
C ARG D 381 1.90 -46.87 -42.40
N LEU D 382 2.33 -45.82 -41.70
CA LEU D 382 1.60 -45.27 -40.57
C LEU D 382 1.19 -43.85 -40.94
N LEU D 383 -0.09 -43.55 -40.74
CA LEU D 383 -0.65 -42.21 -40.93
C LEU D 383 -1.06 -41.67 -39.56
N ILE D 384 -0.54 -40.50 -39.21
CA ILE D 384 -0.83 -39.84 -37.94
C ILE D 384 -1.58 -38.56 -38.25
N ASN D 385 -2.84 -38.49 -37.84
CA ASN D 385 -3.68 -37.32 -38.04
C ASN D 385 -3.66 -36.47 -36.76
N ASP D 386 -3.05 -35.29 -36.82
CA ASP D 386 -2.96 -34.41 -35.66
C ASP D 386 -2.44 -33.04 -36.10
N TYR D 387 -2.69 -32.04 -35.25
CA TYR D 387 -2.08 -30.72 -35.45
C TYR D 387 -0.56 -30.83 -35.37
N LEU D 388 0.12 -30.01 -36.15
CA LEU D 388 1.57 -29.86 -36.10
C LEU D 388 1.86 -28.48 -35.53
N ALA D 389 2.13 -28.41 -34.23
CA ALA D 389 2.35 -27.14 -33.53
C ALA D 389 3.81 -26.72 -33.73
N SER D 390 4.07 -26.12 -34.88
CA SER D 390 5.42 -25.69 -35.25
C SER D 390 5.91 -24.53 -34.38
N HIS D 391 7.23 -24.47 -34.18
CA HIS D 391 7.79 -23.29 -33.53
C HIS D 391 7.65 -22.09 -34.46
N LEU D 392 7.67 -20.89 -33.87
CA LEU D 392 7.23 -19.70 -34.58
C LEU D 392 8.37 -18.75 -34.92
N ASP D 393 9.62 -19.19 -34.83
CA ASP D 393 10.73 -18.35 -35.26
C ASP D 393 10.95 -18.49 -36.77
N LYS D 394 11.56 -17.45 -37.35
CA LYS D 394 11.77 -17.39 -38.79
C LYS D 394 12.60 -18.58 -39.28
N THR D 395 13.58 -19.02 -38.50
CA THR D 395 14.45 -20.10 -38.92
C THR D 395 13.70 -21.43 -38.98
N SER D 396 12.92 -21.74 -37.94
CA SER D 396 12.15 -22.99 -37.96
CA SER D 396 12.15 -22.98 -37.96
C SER D 396 11.17 -22.99 -39.12
N ILE D 397 10.49 -21.87 -39.36
CA ILE D 397 9.50 -21.83 -40.44
C ILE D 397 10.19 -21.94 -41.80
N ALA D 398 11.33 -21.26 -41.98
CA ALA D 398 12.01 -21.29 -43.26
C ALA D 398 12.54 -22.69 -43.57
N ASN D 399 13.05 -23.40 -42.55
CA ASN D 399 13.70 -24.68 -42.75
C ASN D 399 12.78 -25.86 -42.47
N GLN D 400 11.47 -25.66 -42.51
CA GLN D 400 10.54 -26.77 -42.30
C GLN D 400 10.54 -27.69 -43.52
N HIS D 401 9.92 -28.86 -43.36
CA HIS D 401 9.86 -29.80 -44.46
C HIS D 401 9.04 -29.22 -45.62
N PRO D 402 9.51 -29.36 -46.86
CA PRO D 402 8.82 -28.70 -47.99
C PRO D 402 7.41 -29.22 -48.24
N SER D 403 7.04 -30.40 -47.73
CA SER D 403 5.68 -30.87 -47.92
C SER D 403 4.69 -30.15 -47.01
N LEU D 404 5.16 -29.38 -46.04
CA LEU D 404 4.27 -28.59 -45.21
C LEU D 404 3.78 -27.37 -45.99
N PRO D 405 2.54 -26.94 -45.75
CA PRO D 405 2.10 -25.67 -46.33
C PRO D 405 2.94 -24.51 -45.82
N ARG D 406 3.19 -23.55 -46.69
CA ARG D 406 4.01 -22.41 -46.35
C ARG D 406 3.20 -21.14 -46.60
N ALA D 407 3.10 -20.30 -45.58
CA ALA D 407 2.36 -19.06 -45.70
C ALA D 407 3.09 -18.11 -46.63
N PRO D 408 2.38 -17.39 -47.49
CA PRO D 408 3.03 -16.48 -48.44
C PRO D 408 3.49 -15.18 -47.78
N TYR D 409 4.47 -14.57 -48.44
CA TYR D 409 4.95 -13.24 -48.05
C TYR D 409 3.78 -12.26 -48.03
N PRO D 410 3.70 -11.40 -47.01
CA PRO D 410 4.62 -11.27 -45.90
C PRO D 410 4.04 -11.84 -44.61
N LEU D 411 3.18 -12.86 -44.68
CA LEU D 411 2.56 -13.42 -43.48
C LEU D 411 3.61 -13.98 -42.53
N SER D 412 3.42 -13.72 -41.24
CA SER D 412 4.33 -14.19 -40.21
C SER D 412 3.68 -14.01 -38.84
N PRO D 413 3.90 -14.94 -37.90
CA PRO D 413 4.65 -16.19 -38.03
C PRO D 413 3.79 -17.26 -38.71
N GLY D 414 4.29 -17.92 -39.75
CA GLY D 414 3.44 -18.85 -40.49
C GLY D 414 2.21 -18.13 -40.99
N PHE D 415 1.06 -18.80 -40.89
CA PHE D 415 -0.19 -18.17 -41.27
C PHE D 415 -0.73 -17.21 -40.21
N GLY D 416 -0.01 -17.03 -39.10
CA GLY D 416 -0.51 -16.14 -38.07
C GLY D 416 -1.86 -16.61 -37.56
N ARG D 417 -2.78 -15.66 -37.34
CA ARG D 417 -4.11 -16.04 -36.87
C ARG D 417 -4.81 -17.03 -37.80
N GLY D 418 -4.39 -17.09 -39.06
CA GLY D 418 -4.95 -18.07 -39.99
C GLY D 418 -4.80 -19.51 -39.53
N MET D 419 -3.78 -19.80 -38.70
CA MET D 419 -3.61 -21.16 -38.18
C MET D 419 -3.90 -21.22 -36.69
N ALA D 420 -4.78 -20.33 -36.21
CA ALA D 420 -5.04 -20.20 -34.77
C ALA D 420 -5.40 -21.54 -34.11
N ARG D 421 -6.20 -22.37 -34.76
CA ARG D 421 -6.72 -23.56 -34.09
C ARG D 421 -5.63 -24.56 -33.75
N THR D 422 -4.48 -24.51 -34.43
CA THR D 422 -3.38 -25.37 -34.01
C THR D 422 -2.94 -25.01 -32.59
N TYR D 423 -2.91 -23.72 -32.28
CA TYR D 423 -2.34 -23.25 -31.02
C TYR D 423 -3.40 -23.13 -29.93
N THR D 424 -4.61 -22.64 -30.25
CA THR D 424 -5.73 -22.77 -29.31
C THR D 424 -6.03 -24.22 -29.00
N GLY D 425 -5.83 -25.11 -29.97
CA GLY D 425 -5.93 -26.53 -29.68
C GLY D 425 -4.94 -26.96 -28.63
N ASP D 426 -3.67 -26.59 -28.82
CA ASP D 426 -2.63 -27.02 -27.88
C ASP D 426 -2.95 -26.51 -26.47
N TYR D 427 -3.21 -25.20 -26.34
CA TYR D 427 -3.56 -24.66 -25.03
C TYR D 427 -4.80 -25.35 -24.46
N THR D 428 -5.79 -25.66 -25.31
CA THR D 428 -6.95 -26.39 -24.81
C THR D 428 -6.50 -27.73 -24.24
N MET D 429 -5.72 -28.48 -25.03
CA MET D 429 -5.20 -29.75 -24.54
C MET D 429 -4.51 -29.56 -23.19
N LEU D 430 -3.83 -28.42 -23.00
CA LEU D 430 -3.14 -28.23 -21.73
C LEU D 430 -4.13 -28.09 -20.59
N VAL D 431 -5.13 -27.21 -20.75
CA VAL D 431 -5.92 -26.84 -19.58
C VAL D 431 -6.98 -27.89 -19.27
N VAL D 432 -7.47 -28.61 -20.27
CA VAL D 432 -8.53 -29.58 -20.08
C VAL D 432 -7.98 -30.98 -19.85
N CYS D 433 -6.93 -31.38 -20.56
CA CYS D 433 -6.46 -32.75 -20.54
C CYS D 433 -5.04 -32.91 -20.01
N ASN D 434 -4.30 -31.82 -19.79
CA ASN D 434 -2.88 -31.91 -19.42
C ASN D 434 -2.07 -32.70 -20.45
N SER D 435 -2.33 -32.46 -21.75
CA SER D 435 -1.51 -33.03 -22.81
C SER D 435 -1.10 -31.91 -23.77
N ARG D 436 -0.43 -32.27 -24.86
CA ARG D 436 0.03 -31.22 -25.75
C ARG D 436 0.12 -31.69 -27.19
N GLU D 437 -0.14 -30.77 -28.10
CA GLU D 437 0.21 -30.99 -29.49
C GLU D 437 1.72 -30.93 -29.65
N ARG D 438 2.20 -31.46 -30.76
CA ARG D 438 3.63 -31.58 -31.00
C ARG D 438 3.97 -31.01 -32.38
N SER D 439 5.23 -30.60 -32.54
CA SER D 439 5.71 -30.14 -33.83
C SER D 439 6.05 -31.32 -34.72
N LEU D 440 6.25 -31.04 -36.01
CA LEU D 440 6.68 -32.11 -36.91
C LEU D 440 7.99 -32.73 -36.42
N GLU D 441 8.93 -31.90 -35.96
CA GLU D 441 10.19 -32.42 -35.43
CA GLU D 441 10.19 -32.41 -35.41
C GLU D 441 9.95 -33.38 -34.27
N ASP D 442 9.01 -33.05 -33.36
CA ASP D 442 8.71 -33.94 -32.24
C ASP D 442 8.20 -35.29 -32.73
N PHE D 443 7.26 -35.27 -33.69
CA PHE D 443 6.72 -36.52 -34.24
C PHE D 443 7.81 -37.35 -34.90
N ILE D 444 8.68 -36.70 -35.68
CA ILE D 444 9.76 -37.43 -36.34
C ILE D 444 10.70 -38.05 -35.30
N GLU D 445 10.95 -37.32 -34.21
CA GLU D 445 11.83 -37.84 -33.16
C GLU D 445 11.21 -39.06 -32.47
N LEU D 446 9.92 -39.00 -32.16
CA LEU D 446 9.25 -40.15 -31.55
C LEU D 446 9.25 -41.36 -32.49
N CYS D 447 8.83 -41.13 -33.74
CA CYS D 447 8.79 -42.23 -34.69
C CYS D 447 10.18 -42.81 -34.94
N SER D 448 11.21 -41.97 -34.94
CA SER D 448 12.57 -42.47 -35.11
C SER D 448 12.99 -43.29 -33.90
N ALA D 449 12.53 -42.93 -32.70
CA ALA D 449 12.70 -43.81 -31.56
C ALA D 449 11.97 -45.14 -31.73
N ALA D 450 10.93 -45.18 -32.57
CA ALA D 450 10.26 -46.45 -32.85
C ALA D 450 10.68 -47.06 -34.19
N ASP D 451 11.81 -46.64 -34.73
CA ASP D 451 12.34 -47.17 -36.00
C ASP D 451 11.39 -46.93 -37.16
N LEU D 452 10.84 -45.72 -37.23
CA LEU D 452 9.94 -45.29 -38.30
C LEU D 452 10.53 -44.07 -38.98
N LYS D 453 10.56 -44.08 -40.30
CA LYS D 453 11.16 -43.03 -41.12
C LYS D 453 10.08 -42.17 -41.76
N PHE D 454 10.30 -40.86 -41.73
CA PHE D 454 9.31 -39.90 -42.22
C PHE D 454 9.26 -39.91 -43.73
N VAL D 455 8.05 -39.76 -44.29
CA VAL D 455 7.82 -39.75 -45.72
C VAL D 455 7.43 -38.34 -46.16
N ARG D 456 6.26 -37.86 -45.72
CA ARG D 456 5.80 -36.53 -46.07
C ARG D 456 4.61 -36.15 -45.20
N VAL D 457 4.18 -34.89 -45.33
CA VAL D 457 2.97 -34.41 -44.69
C VAL D 457 1.87 -34.33 -45.75
N TRP D 458 0.66 -34.76 -45.37
CA TRP D 458 -0.55 -34.60 -46.17
C TRP D 458 -1.39 -33.54 -45.46
N ASP D 459 -1.35 -32.31 -45.97
CA ASP D 459 -2.00 -31.17 -45.31
C ASP D 459 -3.51 -31.25 -45.48
N LEU D 460 -4.25 -31.12 -44.38
CA LEU D 460 -5.71 -31.08 -44.43
C LEU D 460 -6.26 -29.67 -44.28
N ALA D 461 -5.40 -28.65 -44.30
CA ALA D 461 -5.80 -27.27 -44.04
C ALA D 461 -6.45 -27.13 -42.65
N GLU D 462 -6.11 -28.02 -41.73
CA GLU D 462 -6.57 -27.97 -40.34
C GLU D 462 -5.55 -28.74 -39.52
N THR D 463 -5.82 -30.02 -39.27
CA THR D 463 -4.78 -30.93 -38.84
C THR D 463 -3.94 -31.33 -40.05
N SER D 464 -2.91 -32.14 -39.80
CA SER D 464 -2.08 -32.70 -40.85
C SER D 464 -2.02 -34.21 -40.65
N VAL D 465 -1.85 -34.94 -41.75
CA VAL D 465 -1.62 -36.38 -41.70
C VAL D 465 -0.16 -36.60 -42.10
N THR D 466 0.65 -37.05 -41.14
CA THR D 466 2.05 -37.33 -41.38
C THR D 466 2.22 -38.81 -41.68
N GLU D 467 3.03 -39.12 -42.68
CA GLU D 467 3.21 -40.49 -43.13
C GLU D 467 4.60 -41.00 -42.75
N PHE D 468 4.66 -42.21 -42.20
CA PHE D 468 5.90 -42.86 -41.83
C PHE D 468 5.91 -44.28 -42.37
N VAL D 469 7.11 -44.80 -42.63
CA VAL D 469 7.27 -46.18 -43.07
C VAL D 469 8.31 -46.86 -42.19
N PRO D 470 8.30 -48.19 -42.13
CA PRO D 470 9.33 -48.89 -41.33
C PRO D 470 10.73 -48.55 -41.82
N ALA D 471 11.58 -48.13 -40.88
CA ALA D 471 12.93 -47.67 -41.23
C ALA D 471 13.81 -48.83 -41.67
N HIS D 472 14.06 -49.77 -40.77
CA HIS D 472 14.70 -51.03 -41.12
C HIS D 472 13.59 -51.95 -41.61
N HIS D 473 13.17 -51.72 -42.87
CA HIS D 473 11.96 -52.29 -43.46
C HIS D 473 11.78 -53.78 -43.15
N HIS D 474 10.73 -54.09 -42.40
CA HIS D 474 10.47 -55.46 -41.97
C HIS D 474 9.03 -55.60 -41.45
#